data_8XFP
#
_entry.id   8XFP
#
loop_
_entity.id
_entity.type
_entity.pdbx_description
1 polymer 'Leucine-rich repeat-containing G-protein coupled receptor 4'
2 polymer 'nanobody Nb52'
3 polymer 'E3 ubiquitin-protein ligase ZNRF3'
4 polymer R-spondin-2
#
loop_
_entity_poly.entity_id
_entity_poly.type
_entity_poly.pdbx_seq_one_letter_code
_entity_poly.pdbx_strand_id
1 'polypeptide(L)'
;MPGPLGLLCFLALGLLGSAGPSGAAPPLCAAPCSCDGDRRVDCSGKGLTAVPEGLSAFTQALDISMNNITQLPEDAFKNF
PFLEELQLAGNDLSFIHPKALSGLKELKVLTLQNNQLKTVPSEAIRGLSALQSLRLDANHITSVPEDSFEGLVQLRHLWL
DDNSLTEVPVHPLSNLPTLQALTLALNKISSIPDFAFTNLSSLVVLHLHNNKIRSLSQHCFDGLDNLETLDLNYNNLGEF
PQAIKALPSLKELGFHSNSISVIPDGAFDGNPLLRTIHLYDNPLSFVGNSAFHNLSDLHSLVIRGASMVQQFPNLTGTVH
LESLTLTGTKISSIPNNLCQEQKMLRTLDLSYNNIRDLPSFNGCHALEEISLQRNQIYQIKEGTFQGLISLRILDLSRNL
IHEIHSRAFATLGPITNLDVSFNELTSFPTEGLNGLNQLKLVGNFKLKEALAAKDFVNLRSLSVPYAYQCCAFWGCDSYA
NLNTEDNSLQDHSVAQEKGTADAANVTSTLENEEHSQIIIHCTPSTGAFKPCEYLLGSWMIRLTVWFIFLVALFFNLLVI
LTTFASCTSLPSSKLFIGLISVSNLFMGIYTGILTFLDAVSWGRFAEFGIWWETGSGCKVAGFLAVFSSESAIFLLMLAT
VERSLSAKDIMKNGKSNHLKQFRVAALLAFLGATVAGCFPLFHRGEYSASPLCLPFPTGETPSLGFTVTLVLLNSLAFLL
MAVIYTKLYCNLEKEDLSENSQSSMIKHVAWLIFTNCIFFCPVAFFSFAPLITAISISPEIMKSVTLIFFPLPACLNPVL
YVFFNPKFKEDWKLLKRRVTKKSGSVSVSISSQGGCLEQDFYYDCGMYSHLQGNLTVCDCCESFLLTKPVSCKHLIKSHS
CPALAVASCQRPEGYWSDCGTQSAHSDYADEEDSFVSDSSDQVQACGRACFYQSRGFPLVRYAYNLPRVKD
;
A
2 'polypeptide(L)'
;MKKIWLALAGLVLAFSASAQVQLVESGGGLVQTKTTTSVIDTTNDAQNLLTQAQTIVNTLKDYCPILIAKSSSSNGGTNN
ANTPSWQTAGGGKNSCATFGAEFSAASDMINNAQKIVQETQQLSANQPKNITQPHNLNLNSPSSLTALAQKMLKNAQSQA
EILKLANQVESDFNKLSSGHLKDYIGKCDASAISSANMTMQNQKNNWGNGCAGVEETQSLLKTSAADFNNQTPQINQAQN
LANTLIQELGNNPFRASGGGSGGGGSGKLSDTYEQLSRLLTNDNGTNSKTSAQAINQAVNNLNERAKTLAGGTTNSPAYQ
ATLLALRSVLGLWNSMGYAVICGGYTKSPGENNQKDFHYTDENGNGTTINCGGSTNSNGTHSYNGTNTLKADKNVSLSIE
QYEKIHEAYQILSKALKQAGLAPLNSKGEKLEAHVTTSKYGSLRLSCAASGYTYSPYCMGWFRQAPGKAREGVATVDLDG
STIYADSVKGRFTISQDNAKNTLYLQMNSLKPEDTAMYYCASRTRAGVTCGLNWAIFSYWGQGTQVTVSSHHHHHHEPEA
;
E
3 'polypeptide(L)'
;MRPRSGGRPGATGRRRRRLRRRPRGLRCSRLPPPPPLPLLLGLLLAAAGPGAARAKETAFVEVVLFESSPSGDYTTYTTG
LTGRFSRAGATLSAEGEIVQMHPLGLCNNNDEEDLYEYGWVGVVKLEQPELDPKPCLTVLGKAKRAVQRGATAVIFDVSE
NPEAIDQLNQGSEDPLKRPVVYVKGADAIKLMNIVNKQKVARARIQHRPPRQPTEYFDMGIFLAFFVVVSLVCLILLVKI
KLKQRRSQNSMNRLAVQALEKMETRKFNSKSKGRREGSCGALDTLSSSSTSDCAICLEKYIDGEELRVIPCTHRFHRKCV
DPWLLQHHTCPHCRHNIIEQKGNPSAVCVETSNLSRGRQQRVTLPVHYPGRVHRTNAIPAYPTRTSMDSHGNPVTLLTMD
RHGEQSLYSPQTPAYIRSYPPLHLDHSLAAHRCGLEHRAYSPAHPFRRPKLSGRSFSKAACFSQYETMYQHYYFQGLSYP
EQEGQSPPSLAPRGPARAFPPSGSGSLLFPTVVHVAPPSHLESGSTSSFSCYHGHRSVCSGYLADCPGSDSSSSSSSGQC
HCSSSDSVVDCTEVSNQGVYGSCSTFRSSLSSDYDPFIYRSRSPCRASEAGGSGSSGRGPALCFEGSPPPEELPAVHSHG
AGRGEPWPGPASPSGDQVSTCSLEMNYSSNSSLEHRGPNSSTSEVGLEASPGAAPDLRRTWKGGHELPSCACCCEPQPSP
AGPSAGAAGSSTLFLGPHLYEGSGPAGGEPQSGSSQGLYGLHPDHLPRTDGVKYEGLPCCFYEEKQVARGGGGGSGCYTE
DYSVSVQYTLTEEPPPGCYPGARDLSQRIPIIPEDVDCDLGLPSDCQGTHSLGSWGGTRGPDTPRPHRGLGATREEERAL
CCQARALLRPGCPPEEAGAVRANFPSALQDTQESSTTATEAAGPRSHSADSSSPGA
;
C,H
4 'polypeptide(L)'
;KGCLSCSKDNGCSRCQQKLFFFLRREGMRQYGECLHSCPSGYYGHRAPDMNRCARCRIENCDSCFSKDFCTKCKVGFYLH
RGRCFDECPAGFAPLDETMEC
;
G,J
#
# COMPACT_ATOMS: atom_id res chain seq x y z
N CYS A 33 -42.80 -7.63 -19.31
CA CYS A 33 -41.68 -7.28 -18.45
C CYS A 33 -41.69 -5.81 -18.08
N SER A 34 -40.51 -5.28 -17.74
CA SER A 34 -40.34 -3.86 -17.44
C SER A 34 -40.04 -3.13 -18.74
N CYS A 35 -41.11 -2.85 -19.48
CA CYS A 35 -40.97 -2.17 -20.77
C CYS A 35 -40.37 -0.79 -20.59
N ASP A 36 -39.49 -0.40 -21.51
CA ASP A 36 -38.80 0.87 -21.45
C ASP A 36 -39.13 1.71 -22.68
N GLY A 37 -39.09 3.03 -22.50
CA GLY A 37 -39.49 3.93 -23.57
C GLY A 37 -38.58 3.88 -24.78
N ASP A 38 -37.29 3.64 -24.56
CA ASP A 38 -36.29 3.61 -25.63
C ASP A 38 -36.31 2.30 -26.42
N ARG A 39 -37.37 1.51 -26.30
CA ARG A 39 -37.49 0.22 -26.99
C ARG A 39 -36.33 -0.71 -26.61
N ARG A 40 -36.09 -0.83 -25.31
CA ARG A 40 -35.04 -1.69 -24.77
C ARG A 40 -35.66 -2.49 -23.63
N VAL A 41 -36.26 -3.63 -23.97
CA VAL A 41 -36.98 -4.44 -22.99
C VAL A 41 -35.98 -5.20 -22.13
N ASP A 42 -36.16 -5.11 -20.81
CA ASP A 42 -35.27 -5.74 -19.85
C ASP A 42 -36.10 -6.70 -19.00
N CYS A 43 -35.97 -8.00 -19.27
CA CYS A 43 -36.66 -9.04 -18.50
C CYS A 43 -35.73 -9.76 -17.54
N SER A 44 -34.58 -9.16 -17.24
CA SER A 44 -33.58 -9.82 -16.41
C SER A 44 -34.13 -10.13 -15.02
N GLY A 45 -33.93 -11.37 -14.58
CA GLY A 45 -34.30 -11.78 -13.23
C GLY A 45 -35.77 -12.05 -13.02
N LYS A 46 -36.60 -12.00 -14.06
CA LYS A 46 -38.03 -12.21 -13.88
C LYS A 46 -38.37 -13.66 -13.54
N GLY A 47 -37.51 -14.60 -13.86
CA GLY A 47 -37.75 -16.00 -13.54
C GLY A 47 -38.66 -16.72 -14.51
N LEU A 48 -39.08 -16.09 -15.60
CA LEU A 48 -39.97 -16.73 -16.54
C LEU A 48 -39.26 -17.85 -17.28
N THR A 49 -40.04 -18.80 -17.81
CA THR A 49 -39.52 -20.01 -18.42
C THR A 49 -39.87 -20.09 -19.89
N ALA A 50 -40.04 -18.94 -20.54
CA ALA A 50 -40.36 -18.90 -21.97
C ALA A 50 -40.03 -17.50 -22.48
N VAL A 51 -40.27 -17.30 -23.78
CA VAL A 51 -40.09 -15.99 -24.39
C VAL A 51 -41.25 -15.10 -23.98
N PRO A 52 -40.99 -13.93 -23.38
CA PRO A 52 -42.10 -13.05 -22.98
C PRO A 52 -42.89 -12.55 -24.18
N GLU A 53 -44.18 -12.40 -23.98
CA GLU A 53 -45.09 -11.90 -25.01
C GLU A 53 -45.72 -10.59 -24.56
N GLY A 54 -46.61 -10.07 -25.39
CA GLY A 54 -47.21 -8.77 -25.12
C GLY A 54 -46.21 -7.63 -25.17
N LEU A 55 -45.29 -7.68 -26.12
CA LEU A 55 -44.28 -6.65 -26.29
C LEU A 55 -44.40 -6.01 -27.67
N SER A 56 -44.02 -4.74 -27.75
CA SER A 56 -44.09 -4.02 -29.01
C SER A 56 -43.14 -4.64 -30.03
N ALA A 57 -43.60 -4.75 -31.27
CA ALA A 57 -42.82 -5.36 -32.32
C ALA A 57 -41.64 -4.51 -32.77
N PHE A 58 -41.56 -3.26 -32.31
CA PHE A 58 -40.50 -2.35 -32.72
C PHE A 58 -39.35 -2.31 -31.72
N THR A 59 -39.32 -3.21 -30.75
CA THR A 59 -38.20 -3.26 -29.81
C THR A 59 -36.92 -3.65 -30.53
N GLN A 60 -35.79 -3.16 -30.00
CA GLN A 60 -34.50 -3.37 -30.64
C GLN A 60 -33.44 -3.92 -29.70
N ALA A 61 -33.77 -4.18 -28.43
CA ALA A 61 -32.79 -4.73 -27.49
C ALA A 61 -33.56 -5.48 -26.41
N LEU A 62 -33.54 -6.81 -26.49
CA LEU A 62 -34.27 -7.67 -25.57
C LEU A 62 -33.28 -8.35 -24.63
N ASP A 63 -33.53 -8.24 -23.32
CA ASP A 63 -32.68 -8.83 -22.31
C ASP A 63 -33.47 -9.88 -21.54
N ILE A 64 -33.02 -11.13 -21.62
CA ILE A 64 -33.66 -12.26 -20.96
C ILE A 64 -32.62 -12.99 -20.12
N SER A 65 -31.65 -12.24 -19.60
CA SER A 65 -30.42 -12.81 -19.06
C SER A 65 -30.60 -13.79 -17.92
N MET A 66 -31.04 -13.30 -16.75
CA MET A 66 -30.89 -14.07 -15.52
C MET A 66 -31.95 -15.12 -15.31
N ASN A 67 -33.08 -15.06 -16.01
CA ASN A 67 -34.17 -15.99 -15.76
C ASN A 67 -33.80 -17.39 -16.24
N ASN A 68 -34.71 -18.34 -16.02
CA ASN A 68 -34.49 -19.75 -16.35
C ASN A 68 -35.24 -20.09 -17.63
N ILE A 69 -34.52 -20.16 -18.74
CA ILE A 69 -35.03 -20.68 -20.00
C ILE A 69 -34.17 -21.86 -20.40
N THR A 70 -34.81 -23.00 -20.67
CA THR A 70 -34.08 -24.22 -20.97
C THR A 70 -34.14 -24.63 -22.43
N GLN A 71 -34.99 -24.00 -23.24
CA GLN A 71 -35.08 -24.35 -24.66
C GLN A 71 -35.86 -23.25 -25.38
N LEU A 72 -35.54 -23.07 -26.65
CA LEU A 72 -36.23 -22.10 -27.48
C LEU A 72 -37.13 -22.81 -28.47
N PRO A 73 -38.45 -22.74 -28.32
CA PRO A 73 -39.34 -23.41 -29.27
C PRO A 73 -39.25 -22.81 -30.66
N GLU A 74 -39.80 -23.53 -31.62
CA GLU A 74 -39.80 -23.06 -33.01
C GLU A 74 -40.58 -21.77 -33.13
N ASP A 75 -40.03 -20.83 -33.89
CA ASP A 75 -40.63 -19.51 -34.10
C ASP A 75 -40.88 -18.80 -32.76
N ALA A 76 -39.91 -18.92 -31.85
CA ALA A 76 -40.04 -18.27 -30.55
C ALA A 76 -40.05 -16.75 -30.69
N PHE A 77 -39.19 -16.22 -31.56
CA PHE A 77 -39.07 -14.78 -31.76
C PHE A 77 -39.82 -14.29 -32.99
N LYS A 78 -40.96 -14.90 -33.30
CA LYS A 78 -41.75 -14.46 -34.43
C LYS A 78 -42.39 -13.11 -34.21
N ASN A 79 -42.51 -12.67 -32.96
CA ASN A 79 -43.13 -11.40 -32.63
C ASN A 79 -42.14 -10.25 -32.55
N PHE A 80 -40.87 -10.49 -32.89
CA PHE A 80 -39.83 -9.47 -32.78
C PHE A 80 -39.05 -9.42 -34.10
N PRO A 81 -39.68 -8.94 -35.16
CA PRO A 81 -38.98 -8.86 -36.46
C PRO A 81 -37.90 -7.78 -36.50
N PHE A 82 -37.97 -6.79 -35.60
CA PHE A 82 -37.02 -5.68 -35.58
C PHE A 82 -36.02 -5.81 -34.45
N LEU A 83 -35.87 -6.99 -33.87
CA LEU A 83 -34.89 -7.20 -32.81
C LEU A 83 -33.49 -7.01 -33.33
N GLU A 84 -32.63 -6.39 -32.51
CA GLU A 84 -31.27 -6.08 -32.91
C GLU A 84 -30.21 -6.59 -31.94
N GLU A 85 -30.52 -6.75 -30.65
CA GLU A 85 -29.56 -7.26 -29.68
C GLU A 85 -30.28 -8.23 -28.76
N LEU A 86 -29.86 -9.50 -28.80
CA LEU A 86 -30.46 -10.56 -27.99
C LEU A 86 -29.45 -11.03 -26.96
N GLN A 87 -29.87 -11.08 -25.69
CA GLN A 87 -28.99 -11.43 -24.59
C GLN A 87 -29.66 -12.50 -23.73
N LEU A 88 -29.28 -13.76 -23.95
CA LEU A 88 -29.72 -14.87 -23.13
C LEU A 88 -28.70 -15.27 -22.07
N ALA A 89 -27.96 -14.28 -21.56
CA ALA A 89 -26.78 -14.50 -20.72
C ALA A 89 -27.20 -14.91 -19.32
N GLY A 90 -27.31 -16.21 -19.08
CA GLY A 90 -27.51 -16.68 -17.73
C GLY A 90 -28.52 -17.80 -17.58
N ASN A 91 -29.34 -18.03 -18.59
CA ASN A 91 -30.31 -19.11 -18.53
C ASN A 91 -29.59 -20.46 -18.50
N ASP A 92 -30.32 -21.49 -18.09
CA ASP A 92 -29.83 -22.86 -18.22
C ASP A 92 -30.22 -23.45 -19.57
N LEU A 93 -29.92 -22.69 -20.62
CA LEU A 93 -30.27 -23.10 -21.98
C LEU A 93 -29.50 -24.34 -22.37
N SER A 94 -30.21 -25.30 -22.97
CA SER A 94 -29.58 -26.56 -23.37
C SER A 94 -30.05 -27.06 -24.72
N PHE A 95 -30.84 -26.29 -25.46
CA PHE A 95 -31.31 -26.71 -26.77
C PHE A 95 -31.93 -25.52 -27.48
N ILE A 96 -31.65 -25.39 -28.77
CA ILE A 96 -32.21 -24.34 -29.62
C ILE A 96 -32.81 -25.01 -30.85
N HIS A 97 -34.08 -24.73 -31.12
CA HIS A 97 -34.71 -25.30 -32.30
C HIS A 97 -34.06 -24.73 -33.56
N PRO A 98 -33.94 -25.52 -34.62
CA PRO A 98 -33.31 -25.00 -35.85
C PRO A 98 -34.00 -23.77 -36.41
N LYS A 99 -35.32 -23.67 -36.29
CA LYS A 99 -36.06 -22.53 -36.79
C LYS A 99 -36.39 -21.52 -35.70
N ALA A 100 -35.82 -21.69 -34.50
CA ALA A 100 -36.11 -20.76 -33.41
C ALA A 100 -35.63 -19.36 -33.72
N LEU A 101 -34.42 -19.22 -34.27
CA LEU A 101 -33.84 -17.92 -34.56
C LEU A 101 -34.07 -17.47 -35.99
N SER A 102 -34.83 -18.23 -36.77
CA SER A 102 -35.11 -17.83 -38.14
C SER A 102 -36.00 -16.59 -38.16
N GLY A 103 -35.80 -15.76 -39.18
CA GLY A 103 -36.57 -14.54 -39.34
C GLY A 103 -35.99 -13.32 -38.67
N LEU A 104 -34.93 -13.48 -37.88
CA LEU A 104 -34.30 -12.35 -37.20
C LEU A 104 -33.14 -11.81 -38.01
N LYS A 105 -33.44 -11.38 -39.24
CA LYS A 105 -32.43 -10.86 -40.13
C LYS A 105 -31.86 -9.52 -39.69
N GLU A 106 -32.51 -8.83 -38.76
CA GLU A 106 -32.01 -7.56 -38.25
C GLU A 106 -31.15 -7.73 -37.00
N LEU A 107 -30.94 -8.97 -36.54
CA LEU A 107 -30.16 -9.20 -35.34
C LEU A 107 -28.70 -8.82 -35.58
N LYS A 108 -28.08 -8.23 -34.58
CA LYS A 108 -26.70 -7.76 -34.70
C LYS A 108 -25.78 -8.30 -33.61
N VAL A 109 -26.28 -8.43 -32.39
CA VAL A 109 -25.50 -8.93 -31.27
C VAL A 109 -26.27 -10.07 -30.62
N LEU A 110 -25.58 -11.19 -30.38
CA LEU A 110 -26.18 -12.35 -29.74
C LEU A 110 -25.29 -12.80 -28.59
N THR A 111 -25.89 -12.97 -27.41
CA THR A 111 -25.15 -13.37 -26.23
C THR A 111 -25.78 -14.61 -25.62
N LEU A 112 -25.00 -15.69 -25.53
CA LEU A 112 -25.44 -16.97 -24.99
C LEU A 112 -24.40 -17.52 -24.04
N GLN A 113 -23.73 -16.64 -23.30
CA GLN A 113 -22.49 -16.98 -22.61
C GLN A 113 -22.63 -18.07 -21.54
N ASN A 114 -23.40 -17.80 -20.48
CA ASN A 114 -23.38 -18.65 -19.30
C ASN A 114 -24.40 -19.78 -19.37
N ASN A 115 -24.84 -20.18 -20.56
CA ASN A 115 -25.78 -21.27 -20.70
C ASN A 115 -25.03 -22.60 -20.61
N GLN A 116 -25.73 -23.70 -20.88
CA GLN A 116 -25.15 -25.03 -20.84
C GLN A 116 -25.24 -25.72 -22.19
N LEU A 117 -25.08 -24.95 -23.26
CA LEU A 117 -24.98 -25.55 -24.58
C LEU A 117 -23.76 -26.47 -24.64
N LYS A 118 -23.97 -27.69 -25.14
CA LYS A 118 -22.89 -28.64 -25.25
C LYS A 118 -22.08 -28.49 -26.52
N THR A 119 -22.57 -27.71 -27.48
CA THR A 119 -21.89 -27.57 -28.76
C THR A 119 -22.34 -26.26 -29.40
N VAL A 120 -21.55 -25.81 -30.38
CA VAL A 120 -21.91 -24.60 -31.11
C VAL A 120 -23.21 -24.84 -31.87
N PRO A 121 -24.23 -24.00 -31.70
CA PRO A 121 -25.49 -24.22 -32.41
C PRO A 121 -25.36 -23.94 -33.90
N SER A 122 -24.77 -24.89 -34.64
CA SER A 122 -24.49 -24.66 -36.06
C SER A 122 -25.78 -24.43 -36.84
N GLU A 123 -26.76 -25.31 -36.66
CA GLU A 123 -28.01 -25.19 -37.43
C GLU A 123 -28.92 -24.09 -36.91
N ALA A 124 -28.75 -23.66 -35.67
CA ALA A 124 -29.64 -22.65 -35.11
C ALA A 124 -29.33 -21.26 -35.65
N ILE A 125 -28.05 -20.93 -35.83
CA ILE A 125 -27.65 -19.58 -36.18
C ILE A 125 -27.42 -19.44 -37.69
N ARG A 126 -27.97 -20.35 -38.49
CA ARG A 126 -27.85 -20.24 -39.94
C ARG A 126 -28.74 -19.12 -40.46
N GLY A 127 -28.20 -18.33 -41.39
CA GLY A 127 -28.96 -17.30 -42.06
C GLY A 127 -28.92 -15.94 -41.40
N LEU A 128 -28.33 -15.81 -40.21
CA LEU A 128 -28.23 -14.52 -39.53
C LEU A 128 -27.09 -13.71 -40.14
N SER A 129 -27.35 -13.24 -41.37
CA SER A 129 -26.32 -12.54 -42.13
C SER A 129 -25.89 -11.23 -41.49
N ALA A 130 -26.76 -10.61 -40.69
CA ALA A 130 -26.45 -9.32 -40.08
C ALA A 130 -25.81 -9.44 -38.71
N LEU A 131 -25.55 -10.66 -38.24
CA LEU A 131 -24.92 -10.84 -36.94
C LEU A 131 -23.51 -10.26 -36.95
N GLN A 132 -23.18 -9.52 -35.89
CA GLN A 132 -21.88 -8.89 -35.78
C GLN A 132 -21.11 -9.23 -34.51
N SER A 133 -21.74 -9.85 -33.52
CA SER A 133 -21.06 -10.22 -32.29
C SER A 133 -21.75 -11.44 -31.71
N LEU A 134 -20.95 -12.43 -31.31
CA LEU A 134 -21.47 -13.69 -30.80
C LEU A 134 -20.74 -14.03 -29.50
N ARG A 135 -21.51 -14.28 -28.44
CA ARG A 135 -20.94 -14.64 -27.15
C ARG A 135 -21.30 -16.09 -26.84
N LEU A 136 -20.29 -16.96 -26.82
CA LEU A 136 -20.48 -18.34 -26.41
C LEU A 136 -19.40 -18.77 -25.42
N ASP A 137 -18.87 -17.84 -24.63
CA ASP A 137 -17.59 -18.08 -23.97
C ASP A 137 -17.72 -19.05 -22.80
N ALA A 138 -18.81 -18.99 -22.05
CA ALA A 138 -18.92 -19.73 -20.80
C ALA A 138 -19.68 -21.04 -20.94
N ASN A 139 -20.07 -21.43 -22.14
CA ASN A 139 -20.78 -22.68 -22.32
C ASN A 139 -19.84 -23.87 -22.10
N HIS A 140 -20.43 -25.05 -21.97
CA HIS A 140 -19.66 -26.29 -21.90
C HIS A 140 -19.58 -26.95 -23.28
N ILE A 141 -19.04 -26.18 -24.23
CA ILE A 141 -18.91 -26.66 -25.60
C ILE A 141 -17.74 -27.64 -25.68
N THR A 142 -18.00 -28.82 -26.23
CA THR A 142 -17.00 -29.85 -26.35
C THR A 142 -16.66 -30.24 -27.77
N SER A 143 -17.46 -29.83 -28.76
CA SER A 143 -17.20 -30.19 -30.15
C SER A 143 -17.90 -29.18 -31.05
N VAL A 144 -17.17 -28.67 -32.03
CA VAL A 144 -17.69 -27.69 -32.98
C VAL A 144 -18.07 -28.43 -34.26
N PRO A 145 -19.33 -28.37 -34.69
CA PRO A 145 -19.72 -29.05 -35.93
C PRO A 145 -18.96 -28.49 -37.12
N GLU A 146 -18.72 -29.36 -38.11
CA GLU A 146 -17.88 -29.00 -39.25
C GLU A 146 -18.47 -27.85 -40.05
N ASP A 147 -19.77 -27.87 -40.29
CA ASP A 147 -20.42 -26.88 -41.12
C ASP A 147 -20.89 -25.66 -40.33
N SER A 148 -20.40 -25.49 -39.10
CA SER A 148 -20.82 -24.36 -38.29
C SER A 148 -20.25 -23.06 -38.86
N PHE A 149 -20.86 -21.95 -38.42
CA PHE A 149 -20.47 -20.61 -38.85
C PHE A 149 -20.54 -20.47 -40.37
N GLU A 150 -21.73 -20.73 -40.90
CA GLU A 150 -22.00 -20.62 -42.32
C GLU A 150 -23.03 -19.52 -42.55
N GLY A 151 -22.73 -18.60 -43.46
CA GLY A 151 -23.59 -17.47 -43.71
C GLY A 151 -23.36 -16.28 -42.81
N LEU A 152 -22.48 -16.40 -41.81
CA LEU A 152 -22.18 -15.29 -40.91
C LEU A 152 -21.12 -14.40 -41.56
N VAL A 153 -21.55 -13.67 -42.59
CA VAL A 153 -20.64 -12.84 -43.37
C VAL A 153 -20.31 -11.51 -42.71
N GLN A 154 -21.00 -11.16 -41.62
CA GLN A 154 -20.77 -9.89 -40.94
C GLN A 154 -20.25 -10.07 -39.52
N LEU A 155 -19.82 -11.27 -39.15
CA LEU A 155 -19.34 -11.49 -37.79
C LEU A 155 -18.00 -10.80 -37.57
N ARG A 156 -17.88 -10.14 -36.42
CA ARG A 156 -16.64 -9.43 -36.10
C ARG A 156 -16.12 -9.66 -34.69
N HIS A 157 -16.90 -10.26 -33.79
CA HIS A 157 -16.48 -10.48 -32.42
C HIS A 157 -16.98 -11.85 -31.97
N LEU A 158 -16.07 -12.75 -31.63
CA LEU A 158 -16.40 -14.11 -31.25
C LEU A 158 -15.79 -14.43 -29.88
N TRP A 159 -16.60 -14.99 -28.99
CA TRP A 159 -16.15 -15.39 -27.66
C TRP A 159 -16.32 -16.89 -27.51
N LEU A 160 -15.21 -17.59 -27.28
CA LEU A 160 -15.25 -19.03 -27.03
C LEU A 160 -14.27 -19.45 -25.94
N ASP A 161 -14.02 -18.57 -24.96
CA ASP A 161 -12.84 -18.75 -24.12
C ASP A 161 -13.00 -19.90 -23.13
N ASP A 162 -14.03 -19.85 -22.30
CA ASP A 162 -14.14 -20.77 -21.17
C ASP A 162 -14.89 -22.07 -21.52
N ASN A 163 -14.88 -22.47 -22.78
CA ASN A 163 -15.43 -23.77 -23.14
C ASN A 163 -14.38 -24.85 -22.86
N SER A 164 -14.66 -26.09 -23.26
CA SER A 164 -13.70 -27.18 -23.13
C SER A 164 -13.61 -27.89 -24.48
N LEU A 165 -12.76 -27.39 -25.36
CA LEU A 165 -12.46 -28.03 -26.63
C LEU A 165 -10.96 -28.29 -26.72
N THR A 166 -10.60 -29.34 -27.45
CA THR A 166 -9.22 -29.80 -27.50
C THR A 166 -8.46 -29.32 -28.72
N GLU A 167 -9.15 -28.94 -29.80
CA GLU A 167 -8.51 -28.53 -31.03
C GLU A 167 -9.13 -27.23 -31.54
N VAL A 168 -8.31 -26.41 -32.16
CA VAL A 168 -8.80 -25.16 -32.76
C VAL A 168 -9.73 -25.49 -33.92
N PRO A 169 -10.94 -24.95 -33.96
CA PRO A 169 -11.86 -25.26 -35.07
C PRO A 169 -11.41 -24.63 -36.37
N VAL A 170 -10.39 -25.22 -37.01
CA VAL A 170 -9.79 -24.61 -38.19
C VAL A 170 -10.82 -24.51 -39.32
N HIS A 171 -11.48 -25.62 -39.63
CA HIS A 171 -12.47 -25.60 -40.70
C HIS A 171 -13.66 -24.69 -40.40
N PRO A 172 -14.28 -24.75 -39.21
CA PRO A 172 -15.36 -23.78 -38.93
C PRO A 172 -14.90 -22.34 -38.99
N LEU A 173 -13.70 -22.04 -38.51
CA LEU A 173 -13.20 -20.66 -38.56
C LEU A 173 -12.80 -20.24 -39.96
N SER A 174 -12.60 -21.19 -40.88
CA SER A 174 -12.25 -20.84 -42.24
C SER A 174 -13.38 -20.14 -42.98
N ASN A 175 -14.59 -20.13 -42.43
CA ASN A 175 -15.73 -19.52 -43.08
C ASN A 175 -16.08 -18.14 -42.50
N LEU A 176 -15.13 -17.51 -41.80
CA LEU A 176 -15.35 -16.20 -41.19
C LEU A 176 -14.22 -15.27 -41.59
N PRO A 177 -14.25 -14.76 -42.83
CA PRO A 177 -13.18 -13.87 -43.29
C PRO A 177 -13.23 -12.47 -42.70
N THR A 178 -14.33 -12.08 -42.07
CA THR A 178 -14.50 -10.73 -41.55
C THR A 178 -14.27 -10.62 -40.06
N LEU A 179 -13.72 -11.66 -39.43
CA LEU A 179 -13.52 -11.65 -37.99
C LEU A 179 -12.46 -10.64 -37.59
N GLN A 180 -12.64 -10.02 -36.42
CA GLN A 180 -11.73 -9.00 -35.94
C GLN A 180 -11.35 -9.18 -34.48
N ALA A 181 -11.82 -10.23 -33.81
CA ALA A 181 -11.46 -10.47 -32.41
C ALA A 181 -11.85 -11.90 -32.06
N LEU A 182 -10.91 -12.64 -31.48
CA LEU A 182 -11.15 -14.04 -31.15
C LEU A 182 -10.56 -14.36 -29.79
N THR A 183 -11.31 -15.12 -28.99
CA THR A 183 -10.90 -15.51 -27.64
C THR A 183 -11.15 -17.00 -27.46
N LEU A 184 -10.08 -17.76 -27.22
CA LEU A 184 -10.17 -19.17 -26.88
C LEU A 184 -9.40 -19.43 -25.60
N ALA A 185 -9.54 -18.54 -24.63
CA ALA A 185 -8.65 -18.47 -23.47
C ALA A 185 -8.67 -19.73 -22.60
N LEU A 186 -9.78 -20.00 -21.94
CA LEU A 186 -9.81 -21.02 -20.89
C LEU A 186 -10.06 -22.42 -21.41
N ASN A 187 -9.84 -22.67 -22.69
CA ASN A 187 -10.10 -23.97 -23.27
C ASN A 187 -8.95 -24.92 -22.96
N LYS A 188 -8.95 -26.09 -23.60
CA LYS A 188 -7.95 -27.13 -23.37
C LYS A 188 -7.32 -27.55 -24.69
N ILE A 189 -6.88 -26.55 -25.47
CA ILE A 189 -6.25 -26.81 -26.75
C ILE A 189 -4.80 -27.21 -26.51
N SER A 190 -4.43 -28.43 -26.92
CA SER A 190 -3.09 -28.92 -26.66
C SER A 190 -2.06 -28.21 -27.54
N SER A 191 -2.37 -28.05 -28.83
CA SER A 191 -1.46 -27.42 -29.76
C SER A 191 -2.27 -26.86 -30.93
N ILE A 192 -1.59 -26.11 -31.79
CA ILE A 192 -2.22 -25.46 -32.93
C ILE A 192 -1.58 -26.00 -34.21
N PRO A 193 -2.35 -26.58 -35.12
CA PRO A 193 -1.77 -27.12 -36.35
C PRO A 193 -1.43 -26.02 -37.34
N ASP A 194 -0.77 -26.43 -38.43
CA ASP A 194 -0.39 -25.49 -39.47
C ASP A 194 -1.61 -24.91 -40.16
N PHE A 195 -1.51 -23.62 -40.53
CA PHE A 195 -2.55 -22.94 -41.30
C PHE A 195 -3.90 -22.98 -40.60
N ALA A 196 -3.89 -22.83 -39.28
CA ALA A 196 -5.13 -22.86 -38.52
C ALA A 196 -6.01 -21.66 -38.83
N PHE A 197 -5.41 -20.48 -38.99
CA PHE A 197 -6.17 -19.25 -39.20
C PHE A 197 -5.87 -18.68 -40.58
N THR A 198 -5.89 -19.54 -41.60
CA THR A 198 -5.48 -19.12 -42.94
C THR A 198 -6.37 -18.00 -43.48
N ASN A 199 -7.68 -18.15 -43.33
CA ASN A 199 -8.62 -17.22 -43.93
C ASN A 199 -8.97 -16.03 -43.05
N LEU A 200 -8.43 -15.98 -41.82
CA LEU A 200 -8.68 -14.85 -40.92
C LEU A 200 -7.76 -13.69 -41.26
N SER A 201 -7.93 -13.18 -42.49
CA SER A 201 -7.06 -12.13 -43.00
C SER A 201 -7.30 -10.79 -42.31
N SER A 202 -8.43 -10.61 -41.63
CA SER A 202 -8.77 -9.35 -41.01
C SER A 202 -8.77 -9.41 -39.49
N LEU A 203 -8.17 -10.45 -38.91
CA LEU A 203 -8.13 -10.58 -37.46
C LEU A 203 -7.25 -9.50 -36.85
N VAL A 204 -7.62 -9.06 -35.65
CA VAL A 204 -6.95 -7.97 -34.95
C VAL A 204 -6.44 -8.41 -33.58
N VAL A 205 -7.28 -9.10 -32.80
CA VAL A 205 -6.97 -9.47 -31.43
C VAL A 205 -7.19 -10.96 -31.27
N LEU A 206 -6.20 -11.65 -30.69
CA LEU A 206 -6.29 -13.08 -30.42
C LEU A 206 -5.91 -13.35 -28.97
N HIS A 207 -6.79 -14.02 -28.24
CA HIS A 207 -6.59 -14.32 -26.83
C HIS A 207 -6.61 -15.83 -26.63
N LEU A 208 -5.47 -16.40 -26.28
CA LEU A 208 -5.35 -17.82 -25.98
C LEU A 208 -4.61 -18.03 -24.66
N HIS A 209 -4.72 -17.08 -23.73
CA HIS A 209 -3.81 -17.03 -22.59
C HIS A 209 -3.92 -18.24 -21.67
N ASN A 210 -5.06 -18.44 -21.03
CA ASN A 210 -5.08 -19.53 -20.06
C ASN A 210 -5.20 -20.92 -20.69
N ASN A 211 -4.99 -21.05 -22.00
CA ASN A 211 -5.12 -22.35 -22.65
C ASN A 211 -3.97 -23.26 -22.23
N LYS A 212 -4.16 -24.56 -22.46
CA LYS A 212 -3.13 -25.56 -22.17
C LYS A 212 -2.35 -25.90 -23.45
N ILE A 213 -1.77 -24.88 -24.05
CA ILE A 213 -1.00 -25.05 -25.28
C ILE A 213 0.42 -25.47 -24.92
N ARG A 214 0.91 -26.52 -25.57
CA ARG A 214 2.24 -27.04 -25.31
C ARG A 214 3.21 -26.85 -26.47
N SER A 215 2.72 -26.60 -27.68
CA SER A 215 3.60 -26.40 -28.81
C SER A 215 2.89 -25.58 -29.87
N LEU A 216 3.66 -24.98 -30.77
CA LEU A 216 3.14 -24.18 -31.87
C LEU A 216 3.97 -24.47 -33.11
N SER A 217 3.31 -24.89 -34.18
CA SER A 217 4.01 -25.18 -35.42
C SER A 217 4.54 -23.90 -36.06
N GLN A 218 5.43 -24.08 -37.03
CA GLN A 218 6.08 -22.94 -37.67
C GLN A 218 5.09 -22.10 -38.46
N HIS A 219 4.10 -22.72 -39.08
CA HIS A 219 3.13 -22.03 -39.93
C HIS A 219 1.73 -22.00 -39.33
N CYS A 220 1.63 -22.12 -38.00
CA CYS A 220 0.33 -22.03 -37.35
C CYS A 220 -0.26 -20.63 -37.50
N PHE A 221 0.54 -19.61 -37.21
CA PHE A 221 0.10 -18.21 -37.34
C PHE A 221 0.43 -17.72 -38.76
N ASP A 222 -0.27 -18.32 -39.72
CA ASP A 222 -0.06 -18.02 -41.14
C ASP A 222 -1.22 -17.20 -41.67
N GLY A 223 -0.91 -16.09 -42.33
CA GLY A 223 -1.91 -15.23 -42.90
C GLY A 223 -2.54 -14.24 -41.95
N LEU A 224 -2.16 -14.25 -40.68
CA LEU A 224 -2.75 -13.36 -39.68
C LEU A 224 -2.10 -11.97 -39.75
N ASP A 225 -2.23 -11.35 -40.91
CA ASP A 225 -1.74 -10.00 -41.08
C ASP A 225 -2.64 -9.03 -40.30
N ASN A 226 -2.16 -7.79 -40.18
CA ASN A 226 -2.78 -6.73 -39.40
C ASN A 226 -3.33 -7.24 -38.07
N LEU A 227 -2.55 -8.09 -37.40
CA LEU A 227 -2.88 -8.57 -36.06
C LEU A 227 -2.14 -7.69 -35.05
N GLU A 228 -2.89 -7.10 -34.12
CA GLU A 228 -2.34 -6.08 -33.24
C GLU A 228 -2.28 -6.49 -31.77
N THR A 229 -2.68 -7.71 -31.42
CA THR A 229 -2.67 -8.14 -30.03
C THR A 229 -2.71 -9.65 -29.98
N LEU A 230 -1.71 -10.26 -29.35
CA LEU A 230 -1.65 -11.70 -29.18
C LEU A 230 -1.41 -12.03 -27.71
N ASP A 231 -2.21 -12.94 -27.16
CA ASP A 231 -2.07 -13.34 -25.76
C ASP A 231 -1.88 -14.84 -25.68
N LEU A 232 -0.73 -15.27 -25.13
CA LEU A 232 -0.40 -16.66 -24.88
C LEU A 232 0.19 -16.82 -23.50
N ASN A 233 -0.46 -16.21 -22.51
CA ASN A 233 0.11 -16.05 -21.18
C ASN A 233 0.40 -17.36 -20.46
N TYR A 234 -0.65 -18.12 -20.13
CA TYR A 234 -0.52 -19.25 -19.22
C TYR A 234 -0.44 -20.60 -19.96
N ASN A 235 -0.05 -20.59 -21.22
CA ASN A 235 0.16 -21.84 -21.93
C ASN A 235 1.40 -22.55 -21.37
N ASN A 236 1.49 -23.84 -21.66
CA ASN A 236 2.64 -24.64 -21.25
C ASN A 236 3.67 -24.72 -22.38
N LEU A 237 4.13 -23.55 -22.81
CA LEU A 237 5.14 -23.49 -23.87
C LEU A 237 6.47 -24.01 -23.35
N GLY A 238 7.15 -24.78 -24.19
CA GLY A 238 8.46 -25.29 -23.85
C GLY A 238 9.57 -24.38 -24.33
N GLU A 239 9.54 -24.03 -25.61
CA GLU A 239 10.50 -23.13 -26.22
C GLU A 239 9.76 -21.90 -26.73
N PHE A 240 10.51 -21.00 -27.38
CA PHE A 240 9.93 -19.79 -27.94
C PHE A 240 9.38 -20.09 -29.32
N PRO A 241 8.10 -19.84 -29.59
CA PRO A 241 7.54 -20.13 -30.91
C PRO A 241 8.17 -19.26 -31.99
N GLN A 242 8.26 -19.84 -33.19
CA GLN A 242 8.80 -19.13 -34.35
C GLN A 242 7.71 -18.64 -35.29
N ALA A 243 6.44 -18.83 -34.97
CA ALA A 243 5.37 -18.34 -35.81
C ALA A 243 5.26 -16.82 -35.79
N ILE A 244 5.82 -16.17 -34.77
CA ILE A 244 5.71 -14.73 -34.63
C ILE A 244 6.28 -14.02 -35.86
N LYS A 245 7.26 -14.64 -36.52
CA LYS A 245 7.85 -14.05 -37.72
C LYS A 245 6.83 -13.79 -38.82
N ALA A 246 5.60 -14.28 -38.69
CA ALA A 246 4.56 -14.06 -39.68
C ALA A 246 3.49 -13.08 -39.18
N LEU A 247 3.86 -12.19 -38.27
CA LEU A 247 2.94 -11.18 -37.73
C LEU A 247 3.57 -9.81 -37.89
N PRO A 248 3.55 -9.24 -39.10
CA PRO A 248 4.26 -7.98 -39.34
C PRO A 248 3.67 -6.79 -38.61
N SER A 249 2.42 -6.85 -38.16
CA SER A 249 1.76 -5.70 -37.56
C SER A 249 1.49 -5.90 -36.06
N LEU A 250 2.24 -6.79 -35.42
CA LEU A 250 2.02 -7.05 -34.00
C LEU A 250 2.38 -5.83 -33.16
N LYS A 251 1.57 -5.56 -32.14
CA LYS A 251 1.81 -4.44 -31.23
C LYS A 251 2.00 -4.90 -29.80
N GLU A 252 1.17 -5.81 -29.31
CA GLU A 252 1.24 -6.31 -27.95
C GLU A 252 1.35 -7.83 -27.97
N LEU A 253 2.36 -8.37 -27.29
CA LEU A 253 2.59 -9.81 -27.24
C LEU A 253 2.69 -10.23 -25.78
N GLY A 254 1.84 -11.17 -25.38
CA GLY A 254 1.89 -11.67 -24.01
C GLY A 254 2.13 -13.16 -23.92
N PHE A 255 3.29 -13.54 -23.41
CA PHE A 255 3.64 -14.94 -23.20
C PHE A 255 4.33 -15.11 -21.86
N HIS A 256 3.89 -14.34 -20.86
CA HIS A 256 4.69 -14.16 -19.66
C HIS A 256 4.71 -15.42 -18.79
N SER A 257 3.56 -16.06 -18.60
CA SER A 257 3.47 -17.11 -17.59
C SER A 257 3.71 -18.51 -18.15
N ASN A 258 4.42 -18.63 -19.27
CA ASN A 258 4.73 -19.93 -19.83
C ASN A 258 5.97 -20.51 -19.16
N SER A 259 6.34 -21.72 -19.56
CA SER A 259 7.60 -22.34 -19.12
C SER A 259 8.68 -22.14 -20.18
N ILE A 260 8.93 -20.88 -20.53
CA ILE A 260 9.91 -20.53 -21.55
C ILE A 260 11.22 -20.20 -20.86
N SER A 261 12.33 -20.62 -21.48
CA SER A 261 13.65 -20.42 -20.87
C SER A 261 14.60 -19.72 -21.84
N VAL A 262 14.42 -19.93 -23.14
CA VAL A 262 15.34 -19.46 -24.15
C VAL A 262 14.63 -18.47 -25.07
N ILE A 263 15.22 -17.30 -25.26
CA ILE A 263 14.70 -16.31 -26.19
C ILE A 263 15.85 -15.94 -27.13
N PRO A 264 16.06 -16.69 -28.21
CA PRO A 264 17.24 -16.48 -29.05
C PRO A 264 17.19 -15.14 -29.77
N ASP A 265 18.38 -14.72 -30.23
CA ASP A 265 18.48 -13.49 -31.00
C ASP A 265 17.66 -13.59 -32.28
N GLY A 266 17.02 -12.49 -32.65
CA GLY A 266 16.17 -12.47 -33.82
C GLY A 266 14.76 -12.94 -33.58
N ALA A 267 14.36 -13.14 -32.33
CA ALA A 267 13.01 -13.58 -32.02
C ALA A 267 11.96 -12.52 -32.34
N PHE A 268 12.36 -11.28 -32.59
CA PHE A 268 11.45 -10.19 -32.93
C PHE A 268 11.85 -9.53 -34.23
N ASP A 269 12.31 -10.32 -35.20
CA ASP A 269 12.68 -9.77 -36.49
C ASP A 269 11.47 -9.30 -37.28
N GLY A 270 10.39 -10.08 -37.24
CA GLY A 270 9.22 -9.79 -38.07
C GLY A 270 8.19 -8.93 -37.39
N ASN A 271 8.57 -8.21 -36.34
CA ASN A 271 7.65 -7.36 -35.58
C ASN A 271 8.26 -5.97 -35.41
N PRO A 272 8.38 -5.21 -36.49
CA PRO A 272 8.99 -3.88 -36.39
C PRO A 272 8.14 -2.88 -35.63
N LEU A 273 6.82 -3.10 -35.51
CA LEU A 273 5.93 -2.18 -34.84
C LEU A 273 5.54 -2.65 -33.44
N LEU A 274 6.30 -3.56 -32.87
CA LEU A 274 5.99 -4.08 -31.54
C LEU A 274 6.13 -2.98 -30.49
N ARG A 275 5.21 -2.98 -29.53
CA ARG A 275 5.19 -1.96 -28.48
C ARG A 275 5.22 -2.52 -27.06
N THR A 276 4.81 -3.76 -26.83
CA THR A 276 4.74 -4.29 -25.47
C THR A 276 5.00 -5.78 -25.48
N ILE A 277 5.90 -6.22 -24.60
CA ILE A 277 6.21 -7.63 -24.41
C ILE A 277 5.95 -7.98 -22.96
N HIS A 278 5.23 -9.08 -22.73
CA HIS A 278 4.98 -9.59 -21.39
C HIS A 278 5.75 -10.89 -21.22
N LEU A 279 6.83 -10.85 -20.44
CA LEU A 279 7.66 -12.02 -20.19
C LEU A 279 8.07 -12.11 -18.74
N TYR A 280 7.12 -11.92 -17.83
CA TYR A 280 7.37 -12.08 -16.40
C TYR A 280 6.84 -13.41 -15.91
N ASP A 281 7.54 -13.99 -14.93
CA ASP A 281 7.27 -15.24 -14.23
C ASP A 281 7.65 -16.47 -15.04
N ASN A 282 8.09 -16.33 -16.29
CA ASN A 282 8.62 -17.49 -16.99
C ASN A 282 10.09 -17.67 -16.64
N PRO A 283 10.50 -18.83 -16.15
CA PRO A 283 11.91 -18.99 -15.73
C PRO A 283 12.84 -19.04 -16.93
N LEU A 284 13.54 -17.94 -17.17
CA LEU A 284 14.47 -17.84 -18.28
C LEU A 284 15.87 -18.20 -17.83
N SER A 285 16.68 -18.66 -18.77
CA SER A 285 18.10 -18.88 -18.53
C SER A 285 18.98 -18.01 -19.42
N PHE A 286 18.74 -18.02 -20.73
CA PHE A 286 19.51 -17.24 -21.68
C PHE A 286 18.55 -16.48 -22.57
N VAL A 287 18.78 -15.17 -22.70
CA VAL A 287 17.89 -14.30 -23.48
C VAL A 287 18.59 -13.72 -24.70
N GLY A 288 19.88 -13.98 -24.89
CA GLY A 288 20.57 -13.48 -26.05
C GLY A 288 20.95 -12.03 -25.94
N ASN A 289 22.07 -11.65 -26.55
CA ASN A 289 22.56 -10.27 -26.49
C ASN A 289 21.89 -9.37 -27.52
N SER A 290 21.09 -9.91 -28.43
CA SER A 290 20.47 -9.13 -29.49
C SER A 290 18.99 -9.47 -29.64
N ALA A 291 18.34 -9.86 -28.54
CA ALA A 291 16.92 -10.21 -28.61
C ALA A 291 16.08 -9.01 -29.02
N PHE A 292 16.36 -7.84 -28.44
CA PHE A 292 15.58 -6.63 -28.67
C PHE A 292 16.44 -5.68 -29.50
N HIS A 293 16.36 -5.82 -30.82
CA HIS A 293 17.18 -5.03 -31.74
C HIS A 293 16.26 -4.23 -32.65
N ASN A 294 16.59 -2.94 -32.82
CA ASN A 294 15.86 -2.01 -33.68
C ASN A 294 14.35 -2.10 -33.47
N LEU A 295 13.94 -2.13 -32.20
CA LEU A 295 12.52 -2.01 -31.84
C LEU A 295 12.26 -0.54 -31.55
N SER A 296 11.63 0.15 -32.49
CA SER A 296 11.50 1.60 -32.39
C SER A 296 10.44 2.02 -31.37
N ASP A 297 9.34 1.28 -31.27
CA ASP A 297 8.20 1.70 -30.46
C ASP A 297 8.10 0.98 -29.12
N LEU A 298 9.11 0.19 -28.76
CA LEU A 298 9.10 -0.44 -27.45
C LEU A 298 9.24 0.61 -26.35
N HIS A 299 8.44 0.47 -25.29
CA HIS A 299 8.46 1.45 -24.20
C HIS A 299 8.70 0.81 -22.84
N SER A 300 9.02 -0.48 -22.79
CA SER A 300 9.22 -1.15 -21.51
C SER A 300 10.00 -2.42 -21.74
N LEU A 301 10.85 -2.77 -20.77
CA LEU A 301 11.65 -4.00 -20.86
C LEU A 301 12.01 -4.42 -19.43
N VAL A 302 11.30 -5.41 -18.91
CA VAL A 302 11.51 -5.90 -17.56
C VAL A 302 11.85 -7.39 -17.67
N ILE A 303 13.13 -7.73 -17.48
CA ILE A 303 13.61 -9.09 -17.61
C ILE A 303 14.04 -9.58 -16.23
N ARG A 304 13.54 -10.75 -15.85
CA ARG A 304 13.85 -11.35 -14.56
C ARG A 304 14.33 -12.78 -14.75
N GLY A 305 15.27 -13.19 -13.91
CA GLY A 305 15.74 -14.56 -13.90
C GLY A 305 16.76 -14.92 -14.96
N ALA A 306 17.19 -13.96 -15.80
CA ALA A 306 18.14 -14.26 -16.85
C ALA A 306 19.53 -14.50 -16.28
N SER A 307 19.69 -15.62 -15.57
CA SER A 307 20.92 -15.85 -14.82
C SER A 307 22.15 -15.93 -15.71
N MET A 308 22.03 -16.63 -16.84
CA MET A 308 23.19 -16.84 -17.71
C MET A 308 23.52 -15.62 -18.55
N VAL A 309 22.80 -14.52 -18.41
CA VAL A 309 23.11 -13.29 -19.11
C VAL A 309 24.21 -12.55 -18.36
N GLN A 310 25.28 -12.19 -19.06
CA GLN A 310 26.40 -11.49 -18.47
C GLN A 310 26.86 -10.30 -19.33
N GLN A 311 26.07 -9.91 -20.32
CA GLN A 311 26.40 -8.81 -21.20
C GLN A 311 25.19 -7.91 -21.37
N PHE A 312 25.43 -6.60 -21.42
CA PHE A 312 24.33 -5.65 -21.57
C PHE A 312 23.68 -5.83 -22.94
N PRO A 313 22.35 -5.87 -23.01
CA PRO A 313 21.69 -6.16 -24.30
C PRO A 313 21.97 -5.08 -25.33
N ASN A 314 21.99 -5.51 -26.60
CA ASN A 314 22.18 -4.59 -27.72
C ASN A 314 20.87 -3.84 -27.93
N LEU A 315 20.83 -2.60 -27.45
CA LEU A 315 19.62 -1.77 -27.51
C LEU A 315 19.66 -0.79 -28.67
N THR A 316 20.61 -0.92 -29.59
CA THR A 316 20.65 -0.05 -30.75
C THR A 316 19.37 -0.15 -31.54
N GLY A 317 18.81 1.01 -31.91
CA GLY A 317 17.54 1.05 -32.59
C GLY A 317 16.33 1.06 -31.68
N THR A 318 16.53 0.96 -30.37
CA THR A 318 15.45 1.05 -29.38
C THR A 318 15.75 2.27 -28.52
N VAL A 319 15.08 3.38 -28.79
CA VAL A 319 15.39 4.64 -28.14
C VAL A 319 14.12 5.27 -27.55
N HIS A 320 13.12 4.44 -27.26
CA HIS A 320 11.88 4.93 -26.67
C HIS A 320 11.54 4.23 -25.37
N LEU A 321 12.53 3.67 -24.69
CA LEU A 321 12.28 3.00 -23.41
C LEU A 321 11.84 4.01 -22.35
N GLU A 322 10.92 3.58 -21.49
CA GLU A 322 10.53 4.35 -20.33
C GLU A 322 11.15 3.80 -19.05
N SER A 323 11.01 2.50 -18.81
CA SER A 323 11.55 1.85 -17.62
C SER A 323 12.33 0.61 -18.06
N LEU A 324 13.63 0.59 -17.75
CA LEU A 324 14.48 -0.54 -18.06
C LEU A 324 14.80 -1.29 -16.77
N THR A 325 14.63 -2.61 -16.80
CA THR A 325 14.76 -3.44 -15.61
C THR A 325 15.47 -4.74 -15.98
N LEU A 326 16.71 -4.90 -15.54
CA LEU A 326 17.47 -6.13 -15.74
C LEU A 326 17.95 -6.55 -14.35
N THR A 327 17.12 -7.31 -13.65
CA THR A 327 17.37 -7.57 -12.24
C THR A 327 18.38 -8.70 -12.03
N GLY A 328 18.00 -9.92 -12.40
CA GLY A 328 18.84 -11.06 -12.10
C GLY A 328 19.70 -11.51 -13.27
N THR A 329 20.96 -11.11 -13.27
CA THR A 329 21.90 -11.46 -14.34
C THR A 329 23.28 -11.59 -13.71
N LYS A 330 24.31 -11.58 -14.55
CA LYS A 330 25.70 -11.51 -14.11
C LYS A 330 26.41 -10.32 -14.75
N ILE A 331 25.66 -9.27 -15.05
CA ILE A 331 26.21 -8.10 -15.75
C ILE A 331 27.26 -7.43 -14.86
N SER A 332 28.33 -6.94 -15.50
CA SER A 332 29.42 -6.31 -14.79
C SER A 332 29.82 -4.96 -15.37
N SER A 333 29.08 -4.44 -16.35
CA SER A 333 29.43 -3.17 -16.96
C SER A 333 28.19 -2.55 -17.57
N ILE A 334 28.26 -1.24 -17.82
CA ILE A 334 27.17 -0.49 -18.43
C ILE A 334 27.75 0.32 -19.59
N PRO A 335 27.15 0.27 -20.77
CA PRO A 335 27.68 1.05 -21.90
C PRO A 335 27.53 2.54 -21.66
N ASN A 336 28.64 3.27 -21.81
CA ASN A 336 28.66 4.70 -21.54
C ASN A 336 27.68 5.47 -22.43
N ASN A 337 27.31 4.91 -23.57
CA ASN A 337 26.35 5.55 -24.47
C ASN A 337 24.90 5.28 -24.06
N LEU A 338 24.67 4.84 -22.82
CA LEU A 338 23.31 4.53 -22.40
C LEU A 338 22.41 5.76 -22.42
N CYS A 339 22.91 6.90 -21.93
CA CYS A 339 22.10 8.11 -21.85
C CYS A 339 22.18 8.97 -23.10
N GLN A 340 23.05 8.64 -24.05
CA GLN A 340 23.06 9.37 -25.31
C GLN A 340 21.74 9.14 -26.07
N GLU A 341 21.22 7.92 -26.01
CA GLU A 341 19.90 7.59 -26.51
C GLU A 341 18.99 7.26 -25.32
N GLN A 342 17.76 6.82 -25.64
CA GLN A 342 16.74 6.55 -24.63
C GLN A 342 16.51 7.76 -23.74
N LYS A 343 16.32 8.92 -24.39
CA LYS A 343 16.08 10.16 -23.65
C LYS A 343 14.79 10.10 -22.84
N MET A 344 13.88 9.20 -23.18
CA MET A 344 12.62 9.04 -22.47
C MET A 344 12.75 8.15 -21.22
N LEU A 345 13.92 7.58 -20.98
CA LEU A 345 14.09 6.65 -19.88
C LEU A 345 13.77 7.31 -18.55
N ARG A 346 12.99 6.62 -17.72
CA ARG A 346 12.57 7.13 -16.42
C ARG A 346 13.08 6.29 -15.26
N THR A 347 12.88 4.97 -15.29
CA THR A 347 13.27 4.08 -14.21
C THR A 347 14.41 3.19 -14.68
N LEU A 348 15.44 3.07 -13.86
CA LEU A 348 16.61 2.24 -14.18
C LEU A 348 16.84 1.27 -13.04
N ASP A 349 16.47 0.00 -13.24
CA ASP A 349 16.64 -1.05 -12.25
C ASP A 349 17.70 -2.01 -12.76
N LEU A 350 18.85 -2.04 -12.07
CA LEU A 350 19.95 -2.95 -12.39
C LEU A 350 20.51 -3.53 -11.10
N SER A 351 19.63 -4.01 -10.23
CA SER A 351 20.02 -4.32 -8.86
C SER A 351 20.88 -5.58 -8.72
N TYR A 352 20.31 -6.74 -9.02
CA TYR A 352 20.98 -7.99 -8.64
C TYR A 352 22.15 -8.35 -9.54
N ASN A 353 22.61 -7.44 -10.38
CA ASN A 353 23.82 -7.65 -11.14
C ASN A 353 25.03 -7.52 -10.22
N ASN A 354 26.22 -7.68 -10.79
CA ASN A 354 27.48 -7.43 -10.09
C ASN A 354 28.20 -6.30 -10.81
N ILE A 355 27.84 -5.07 -10.47
CA ILE A 355 28.33 -3.88 -11.16
C ILE A 355 29.42 -3.24 -10.31
N ARG A 356 30.62 -3.11 -10.88
CA ARG A 356 31.74 -2.52 -10.16
C ARG A 356 31.87 -1.03 -10.41
N ASP A 357 32.04 -0.63 -11.67
CA ASP A 357 32.20 0.77 -12.03
C ASP A 357 30.87 1.37 -12.45
N LEU A 358 30.85 2.70 -12.50
CA LEU A 358 29.67 3.44 -12.92
C LEU A 358 30.09 4.52 -13.91
N PRO A 359 29.47 4.57 -15.09
CA PRO A 359 29.83 5.61 -16.06
C PRO A 359 29.29 6.97 -15.65
N SER A 360 29.45 7.96 -16.51
CA SER A 360 28.91 9.29 -16.26
C SER A 360 27.47 9.34 -16.75
N PHE A 361 26.55 9.70 -15.85
CA PHE A 361 25.14 9.80 -16.17
C PHE A 361 24.75 11.15 -16.77
N ASN A 362 25.72 11.87 -17.34
CA ASN A 362 25.41 13.12 -18.04
C ASN A 362 24.39 12.84 -19.14
N GLY A 363 23.35 13.66 -19.18
CA GLY A 363 22.18 13.36 -19.97
C GLY A 363 21.09 12.73 -19.13
N CYS A 364 20.20 12.01 -19.80
CA CYS A 364 19.07 11.36 -19.15
C CYS A 364 18.28 12.34 -18.29
N HIS A 365 17.97 13.50 -18.88
CA HIS A 365 17.32 14.57 -18.14
C HIS A 365 15.97 14.15 -17.56
N ALA A 366 15.33 13.14 -18.13
CA ALA A 366 14.06 12.64 -17.62
C ALA A 366 14.23 11.44 -16.70
N LEU A 367 15.45 11.01 -16.43
CA LEU A 367 15.67 9.89 -15.52
C LEU A 367 15.18 10.23 -14.13
N GLU A 368 14.37 9.36 -13.56
CA GLU A 368 13.68 9.63 -12.30
C GLU A 368 14.16 8.77 -11.15
N GLU A 369 14.14 7.45 -11.30
CA GLU A 369 14.49 6.54 -10.22
C GLU A 369 15.66 5.65 -10.65
N ILE A 370 16.64 5.50 -9.77
CA ILE A 370 17.82 4.69 -10.03
C ILE A 370 17.98 3.69 -8.89
N SER A 371 18.05 2.41 -9.22
CA SER A 371 18.34 1.37 -8.24
C SER A 371 19.65 0.71 -8.60
N LEU A 372 20.61 0.75 -7.67
CA LEU A 372 21.93 0.13 -7.82
C LEU A 372 22.28 -0.64 -6.56
N GLN A 373 21.34 -1.42 -6.06
CA GLN A 373 21.49 -2.16 -4.82
C GLN A 373 22.02 -3.56 -5.10
N ARG A 374 22.65 -4.14 -4.07
CA ARG A 374 23.13 -5.51 -4.06
C ARG A 374 24.21 -5.79 -5.11
N ASN A 375 24.74 -4.76 -5.74
CA ASN A 375 25.89 -4.91 -6.62
C ASN A 375 27.17 -4.88 -5.79
N GLN A 376 28.32 -4.74 -6.45
CA GLN A 376 29.61 -4.61 -5.78
C GLN A 376 30.28 -3.34 -6.30
N ILE A 377 29.94 -2.20 -5.68
CA ILE A 377 30.39 -0.89 -6.13
C ILE A 377 31.49 -0.41 -5.19
N TYR A 378 32.62 0.00 -5.76
CA TYR A 378 33.80 0.32 -4.96
C TYR A 378 33.86 1.78 -4.55
N GLN A 379 33.56 2.71 -5.46
CA GLN A 379 33.71 4.13 -5.17
C GLN A 379 32.78 4.93 -6.08
N ILE A 380 32.33 6.08 -5.58
CA ILE A 380 31.49 6.99 -6.36
C ILE A 380 32.36 8.13 -6.86
N LYS A 381 32.43 8.27 -8.19
CA LYS A 381 33.20 9.35 -8.79
C LYS A 381 32.46 10.68 -8.62
N GLU A 382 33.19 11.77 -8.85
CA GLU A 382 32.61 13.09 -8.70
C GLU A 382 31.55 13.36 -9.76
N GLY A 383 31.86 13.05 -11.02
CA GLY A 383 30.98 13.35 -12.13
C GLY A 383 29.99 12.27 -12.50
N THR A 384 29.85 11.22 -11.68
CA THR A 384 28.91 10.16 -11.99
C THR A 384 27.47 10.67 -12.02
N PHE A 385 27.10 11.50 -11.05
CA PHE A 385 25.75 12.05 -10.96
C PHE A 385 25.73 13.55 -11.23
N GLN A 386 26.68 14.05 -12.01
CA GLN A 386 26.71 15.46 -12.34
C GLN A 386 25.47 15.84 -13.14
N GLY A 387 24.88 16.98 -12.80
CA GLY A 387 23.62 17.35 -13.42
C GLY A 387 22.54 16.36 -13.04
N LEU A 388 21.89 15.81 -14.08
CA LEU A 388 20.86 14.78 -13.91
C LEU A 388 19.73 15.27 -13.00
N ILE A 389 19.04 16.31 -13.48
CA ILE A 389 17.95 16.92 -12.73
C ILE A 389 16.77 15.96 -12.68
N SER A 390 15.81 16.26 -11.81
CA SER A 390 14.58 15.48 -11.61
C SER A 390 14.85 14.08 -11.07
N LEU A 391 16.10 13.76 -10.75
CA LEU A 391 16.41 12.48 -10.11
C LEU A 391 15.90 12.52 -8.69
N ARG A 392 14.91 11.68 -8.38
CA ARG A 392 14.26 11.71 -7.07
C ARG A 392 14.78 10.62 -6.14
N ILE A 393 14.66 9.35 -6.54
CA ILE A 393 15.02 8.23 -5.69
C ILE A 393 16.28 7.59 -6.22
N LEU A 394 17.28 7.43 -5.35
CA LEU A 394 18.56 6.86 -5.72
C LEU A 394 18.97 5.88 -4.64
N ASP A 395 18.95 4.59 -4.95
CA ASP A 395 19.30 3.55 -3.98
C ASP A 395 20.71 3.06 -4.23
N LEU A 396 21.54 3.10 -3.18
CA LEU A 396 22.91 2.62 -3.24
C LEU A 396 23.17 1.60 -2.14
N SER A 397 22.13 0.92 -1.68
CA SER A 397 22.25 0.02 -0.54
C SER A 397 23.00 -1.25 -0.92
N ARG A 398 23.64 -1.85 0.08
CA ARG A 398 24.33 -3.14 -0.06
C ARG A 398 25.38 -3.09 -1.17
N ASN A 399 26.30 -2.15 -1.04
CA ASN A 399 27.42 -2.02 -1.95
C ASN A 399 28.63 -1.58 -1.16
N LEU A 400 29.76 -2.27 -1.34
CA LEU A 400 30.96 -1.96 -0.57
C LEU A 400 31.60 -0.66 -1.03
N ILE A 401 30.90 0.45 -0.84
CA ILE A 401 31.37 1.77 -1.26
C ILE A 401 32.16 2.36 -0.09
N HIS A 402 33.48 2.35 -0.22
CA HIS A 402 34.35 2.90 0.80
C HIS A 402 34.74 4.35 0.54
N GLU A 403 34.34 4.93 -0.59
CA GLU A 403 34.74 6.28 -0.93
C GLU A 403 33.64 6.96 -1.72
N ILE A 404 33.11 8.06 -1.17
CA ILE A 404 32.16 8.93 -1.84
C ILE A 404 32.80 10.30 -1.98
N HIS A 405 32.77 10.85 -3.19
CA HIS A 405 33.42 12.12 -3.46
C HIS A 405 32.76 13.24 -2.65
N SER A 406 33.55 14.28 -2.38
CA SER A 406 33.08 15.37 -1.53
C SER A 406 31.92 16.13 -2.16
N ARG A 407 31.99 16.35 -3.48
CA ARG A 407 30.98 17.17 -4.15
C ARG A 407 30.23 16.39 -5.21
N ALA A 408 29.79 15.18 -4.88
CA ALA A 408 29.08 14.33 -5.82
C ALA A 408 27.56 14.57 -5.79
N PHE A 409 27.10 15.58 -5.06
CA PHE A 409 25.67 15.90 -5.02
C PHE A 409 25.40 17.39 -5.09
N ALA A 410 26.42 18.22 -5.35
CA ALA A 410 26.21 19.67 -5.40
C ALA A 410 25.29 20.08 -6.54
N THR A 411 25.36 19.38 -7.66
CA THR A 411 24.62 19.73 -8.87
C THR A 411 23.46 18.77 -9.13
N LEU A 412 22.78 18.35 -8.07
CA LEU A 412 21.65 17.43 -8.18
C LEU A 412 20.36 18.17 -7.87
N GLY A 413 19.31 17.84 -8.63
CA GLY A 413 18.04 18.49 -8.47
C GLY A 413 17.30 18.04 -7.22
N PRO A 414 15.98 18.13 -7.25
CA PRO A 414 15.20 17.72 -6.07
C PRO A 414 15.23 16.22 -5.87
N ILE A 415 15.98 15.76 -4.89
CA ILE A 415 16.12 14.34 -4.58
C ILE A 415 15.44 14.10 -3.24
N THR A 416 14.41 13.26 -3.24
CA THR A 416 13.62 13.05 -2.04
C THR A 416 14.28 12.05 -1.09
N ASN A 417 14.44 10.81 -1.55
CA ASN A 417 14.98 9.74 -0.72
C ASN A 417 16.43 9.47 -1.08
N LEU A 418 17.19 8.97 -0.11
CA LEU A 418 18.58 8.59 -0.34
C LEU A 418 18.98 7.54 0.68
N ASP A 419 19.26 6.33 0.22
CA ASP A 419 19.60 5.22 1.10
C ASP A 419 20.99 4.72 0.74
N VAL A 420 21.88 4.69 1.72
CA VAL A 420 23.23 4.16 1.54
C VAL A 420 23.45 3.07 2.58
N SER A 421 22.38 2.33 2.91
CA SER A 421 22.45 1.32 3.95
C SER A 421 23.42 0.20 3.57
N PHE A 422 24.16 -0.28 4.58
CA PHE A 422 25.10 -1.38 4.41
C PHE A 422 26.10 -1.09 3.29
N ASN A 423 26.87 -0.02 3.47
CA ASN A 423 27.80 0.41 2.42
C ASN A 423 29.24 0.55 2.87
N GLU A 424 29.54 0.37 4.16
CA GLU A 424 30.91 0.47 4.66
C GLU A 424 31.52 1.83 4.31
N LEU A 425 30.92 2.87 4.86
CA LEU A 425 31.32 4.25 4.58
C LEU A 425 32.27 4.77 5.65
N THR A 426 33.24 5.57 5.22
CA THR A 426 34.17 6.23 6.13
C THR A 426 33.92 7.73 6.26
N SER A 427 33.23 8.34 5.29
CA SER A 427 32.91 9.75 5.35
C SER A 427 31.64 9.99 4.53
N PHE A 428 31.03 11.16 4.72
CA PHE A 428 29.77 11.47 4.07
C PHE A 428 29.75 12.94 3.63
N PRO A 429 29.41 13.22 2.38
CA PRO A 429 29.37 14.61 1.92
C PRO A 429 28.16 15.35 2.47
N THR A 430 28.23 16.68 2.39
CA THR A 430 27.20 17.55 2.95
C THR A 430 26.55 18.46 1.92
N GLU A 431 27.33 18.97 0.96
CA GLU A 431 26.81 19.96 0.03
C GLU A 431 25.73 19.37 -0.87
N GLY A 432 24.67 20.14 -1.08
CA GLY A 432 23.60 19.76 -1.98
C GLY A 432 22.58 18.80 -1.42
N LEU A 433 22.67 18.48 -0.13
CA LEU A 433 21.76 17.53 0.49
C LEU A 433 20.66 18.18 1.30
N ASN A 434 20.58 19.51 1.30
CA ASN A 434 19.55 20.20 2.08
C ASN A 434 18.15 19.82 1.63
N GLY A 435 17.97 19.52 0.33
CA GLY A 435 16.66 19.17 -0.17
C GLY A 435 16.21 17.77 0.20
N LEU A 436 17.09 16.96 0.78
CA LEU A 436 16.73 15.59 1.11
C LEU A 436 15.62 15.55 2.14
N ASN A 437 14.75 14.56 2.01
CA ASN A 437 13.69 14.30 2.99
C ASN A 437 13.99 13.08 3.86
N GLN A 438 14.32 11.96 3.23
CA GLN A 438 14.67 10.75 3.96
C GLN A 438 16.08 10.32 3.60
N LEU A 439 16.91 10.13 4.61
CA LEU A 439 18.29 9.65 4.43
C LEU A 439 18.50 8.46 5.34
N LYS A 440 19.05 7.38 4.79
CA LYS A 440 19.26 6.16 5.56
C LYS A 440 20.70 5.70 5.44
N LEU A 441 21.33 5.45 6.59
CA LEU A 441 22.73 5.01 6.65
C LEU A 441 22.86 3.91 7.69
N VAL A 442 21.94 2.94 7.65
CA VAL A 442 21.80 1.97 8.75
C VAL A 442 23.06 1.13 8.89
N GLY A 443 23.58 0.63 7.77
CA GLY A 443 24.65 -0.35 7.85
C GLY A 443 26.07 0.17 7.88
N ASN A 444 26.26 1.49 7.94
CA ASN A 444 27.60 2.07 7.87
C ASN A 444 28.19 2.20 9.27
N PHE A 445 28.53 1.03 9.84
CA PHE A 445 29.07 1.01 11.20
C PHE A 445 30.41 1.73 11.28
N LYS A 446 31.26 1.58 10.26
CA LYS A 446 32.55 2.25 10.25
C LYS A 446 32.43 3.76 10.12
N LEU A 447 31.26 4.29 9.77
CA LEU A 447 31.07 5.72 9.67
C LEU A 447 30.98 6.35 11.06
N LYS A 448 32.12 6.73 11.63
CA LYS A 448 32.18 7.27 12.97
C LYS A 448 32.21 8.79 13.01
N GLU A 449 32.15 9.46 11.86
CA GLU A 449 32.15 10.92 11.85
C GLU A 449 30.79 11.44 12.31
N ALA A 450 30.81 12.67 12.83
CA ALA A 450 29.61 13.29 13.39
C ALA A 450 28.92 14.11 12.30
N LEU A 451 27.66 13.77 12.03
CA LEU A 451 26.89 14.52 11.05
C LEU A 451 26.52 15.89 11.60
N ALA A 452 26.26 16.82 10.67
CA ALA A 452 25.90 18.19 11.03
C ALA A 452 24.47 18.46 10.57
N ALA A 453 23.63 18.92 11.50
CA ALA A 453 22.24 19.23 11.18
C ALA A 453 22.08 20.59 10.51
N LYS A 454 23.16 21.36 10.38
CA LYS A 454 23.09 22.64 9.70
C LYS A 454 22.77 22.49 8.22
N ASP A 455 23.10 21.35 7.62
CA ASP A 455 22.90 21.12 6.19
C ASP A 455 21.54 20.52 5.88
N PHE A 456 21.19 19.41 6.52
CA PHE A 456 19.94 18.69 6.23
C PHE A 456 18.78 19.42 6.89
N VAL A 457 18.50 20.62 6.38
CA VAL A 457 17.45 21.46 6.97
C VAL A 457 16.09 20.81 6.81
N ASN A 458 15.79 20.30 5.62
CA ASN A 458 14.49 19.70 5.34
C ASN A 458 14.42 18.22 5.68
N LEU A 459 15.49 17.64 6.22
CA LEU A 459 15.51 16.22 6.51
C LEU A 459 14.40 15.86 7.50
N ARG A 460 13.70 14.76 7.21
CA ARG A 460 12.57 14.34 8.01
C ARG A 460 12.79 12.97 8.65
N SER A 461 13.22 11.98 7.88
CA SER A 461 13.44 10.63 8.39
C SER A 461 14.89 10.26 8.19
N LEU A 462 15.65 10.22 9.29
CA LEU A 462 17.08 9.94 9.25
C LEU A 462 17.34 8.60 9.92
N SER A 463 18.23 7.81 9.32
CA SER A 463 18.62 6.50 9.85
C SER A 463 20.14 6.48 9.93
N VAL A 464 20.68 6.97 11.02
CA VAL A 464 22.13 6.99 11.24
C VAL A 464 22.57 5.59 11.66
N PRO A 465 23.84 5.23 11.44
CA PRO A 465 24.31 3.91 11.91
C PRO A 465 24.31 3.80 13.43
N TYR A 466 24.95 4.74 14.11
CA TYR A 466 25.03 4.74 15.56
C TYR A 466 24.08 5.78 16.14
N ALA A 467 23.43 5.43 17.25
CA ALA A 467 22.39 6.27 17.83
C ALA A 467 22.92 7.61 18.33
N TYR A 468 24.23 7.74 18.54
CA TYR A 468 24.77 9.00 19.02
C TYR A 468 24.79 10.07 17.92
N GLN A 469 24.89 9.65 16.66
CA GLN A 469 25.03 10.60 15.56
C GLN A 469 23.78 11.45 15.37
N CYS A 470 22.61 10.94 15.76
CA CYS A 470 21.36 11.66 15.60
C CYS A 470 21.04 12.56 16.80
N CYS A 471 22.05 12.93 17.58
CA CYS A 471 21.82 13.79 18.73
C CYS A 471 21.57 15.23 18.30
N ALA A 472 22.31 15.72 17.32
CA ALA A 472 22.19 17.11 16.89
C ALA A 472 20.84 17.42 16.28
N PHE A 473 20.09 16.39 15.87
CA PHE A 473 18.79 16.58 15.25
C PHE A 473 17.65 16.58 16.26
N TRP A 474 17.94 16.44 17.54
CA TRP A 474 16.94 16.40 18.61
C TRP A 474 15.90 15.30 18.32
N GLY A 475 16.39 14.08 18.31
CA GLY A 475 15.57 12.92 18.02
C GLY A 475 14.35 12.80 18.90
N CYS A 476 13.17 12.95 18.30
CA CYS A 476 11.89 12.88 19.01
C CYS A 476 11.83 13.85 20.18
N SER A 516 14.09 20.56 15.77
CA SER A 516 14.42 21.98 15.70
C SER A 516 13.43 22.73 14.80
N GLN A 517 13.84 22.97 13.56
CA GLN A 517 12.95 23.65 12.61
C GLN A 517 11.77 22.77 12.25
N ILE A 518 11.99 21.47 12.12
CA ILE A 518 10.93 20.50 11.88
C ILE A 518 11.15 19.31 12.81
N ILE A 519 10.26 18.32 12.70
CA ILE A 519 10.36 17.10 13.49
C ILE A 519 11.14 16.06 12.69
N ILE A 520 12.12 15.44 13.33
CA ILE A 520 13.00 14.47 12.69
C ILE A 520 12.83 13.13 13.39
N HIS A 521 12.59 12.09 12.61
CA HIS A 521 12.43 10.74 13.12
C HIS A 521 13.71 9.95 12.85
N CYS A 522 14.35 9.48 13.93
CA CYS A 522 15.59 8.72 13.84
C CYS A 522 15.28 7.25 14.04
N THR A 523 15.82 6.39 13.16
CA THR A 523 15.48 4.98 13.22
C THR A 523 16.10 4.29 14.42
N PRO A 524 17.43 4.36 14.65
CA PRO A 524 17.95 3.85 15.93
C PRO A 524 17.62 4.81 17.05
N SER A 525 16.66 4.43 17.91
CA SER A 525 16.15 5.35 18.91
C SER A 525 17.25 5.80 19.85
N THR A 526 17.33 7.12 20.07
CA THR A 526 18.32 7.66 20.99
C THR A 526 18.04 7.22 22.42
N GLY A 527 16.81 7.42 22.88
CA GLY A 527 16.38 6.98 24.20
C GLY A 527 17.17 7.64 25.32
N ALA A 528 17.14 6.98 26.47
CA ALA A 528 17.91 7.40 27.63
C ALA A 528 19.20 6.63 27.81
N PHE A 529 19.28 5.41 27.26
CA PHE A 529 20.49 4.61 27.34
C PHE A 529 21.62 5.17 26.49
N LYS A 530 21.35 6.19 25.67
CA LYS A 530 22.38 6.91 24.92
C LYS A 530 22.28 8.37 25.31
N PRO A 531 22.85 8.74 26.46
CA PRO A 531 22.66 10.09 26.99
C PRO A 531 23.14 11.16 26.03
N CYS A 532 22.22 12.05 25.64
CA CYS A 532 22.57 13.13 24.74
C CYS A 532 23.53 14.12 25.40
N GLU A 533 23.30 14.44 26.66
CA GLU A 533 24.10 15.48 27.30
C GLU A 533 24.72 15.04 28.62
N TYR A 534 24.03 14.24 29.43
CA TYR A 534 24.50 13.88 30.76
C TYR A 534 24.38 12.37 30.94
N LEU A 535 25.52 11.71 31.09
CA LEU A 535 25.52 10.27 31.34
C LEU A 535 24.81 9.93 32.63
N LEU A 536 25.15 10.64 33.72
CA LEU A 536 24.54 10.36 35.02
C LEU A 536 23.07 10.77 35.02
N GLY A 537 22.76 11.95 34.50
CA GLY A 537 21.40 12.43 34.49
C GLY A 537 21.21 13.71 35.29
N SER A 538 20.20 13.71 36.16
CA SER A 538 19.93 14.89 36.97
C SER A 538 20.99 15.07 38.04
N TRP A 539 20.98 16.25 38.68
CA TRP A 539 21.92 16.53 39.75
C TRP A 539 21.77 15.56 40.91
N MET A 540 20.56 15.05 41.14
CA MET A 540 20.30 14.07 42.19
C MET A 540 21.16 12.84 41.98
N ILE A 541 20.99 12.18 40.83
CA ILE A 541 21.78 10.99 40.51
C ILE A 541 23.26 11.34 40.45
N ARG A 542 23.59 12.51 39.90
CA ARG A 542 24.99 12.91 39.79
C ARG A 542 25.66 12.91 41.16
N LEU A 543 25.06 13.60 42.13
CA LEU A 543 25.66 13.68 43.46
C LEU A 543 25.59 12.36 44.19
N THR A 544 24.51 11.59 43.99
CA THR A 544 24.42 10.28 44.61
C THR A 544 25.59 9.40 44.20
N VAL A 545 25.83 9.29 42.89
CA VAL A 545 26.92 8.48 42.38
C VAL A 545 28.27 9.05 42.82
N TRP A 546 28.40 10.38 42.78
CA TRP A 546 29.63 11.04 43.20
C TRP A 546 30.02 10.64 44.62
N PHE A 547 29.10 10.81 45.56
CA PHE A 547 29.42 10.54 46.95
C PHE A 547 29.51 9.05 47.25
N ILE A 548 28.74 8.22 46.53
CA ILE A 548 28.87 6.77 46.68
C ILE A 548 30.28 6.33 46.29
N PHE A 549 30.77 6.83 45.15
CA PHE A 549 32.12 6.50 44.73
C PHE A 549 33.16 7.02 45.73
N LEU A 550 33.00 8.25 46.19
CA LEU A 550 33.97 8.80 47.13
C LEU A 550 34.04 7.95 48.40
N VAL A 551 32.88 7.63 48.98
CA VAL A 551 32.85 6.84 50.20
C VAL A 551 33.46 5.47 49.96
N ALA A 552 33.04 4.80 48.89
CA ALA A 552 33.55 3.45 48.61
C ALA A 552 35.07 3.46 48.48
N LEU A 553 35.59 4.33 47.62
CA LEU A 553 37.03 4.36 47.38
C LEU A 553 37.80 4.66 48.66
N PHE A 554 37.43 5.75 49.35
CA PHE A 554 38.21 6.16 50.52
C PHE A 554 38.15 5.12 51.62
N PHE A 555 36.96 4.61 51.93
CA PHE A 555 36.84 3.68 53.04
C PHE A 555 37.46 2.32 52.72
N ASN A 556 37.31 1.84 51.48
CA ASN A 556 37.96 0.58 51.13
C ASN A 556 39.48 0.73 51.17
N LEU A 557 40.02 1.85 50.71
CA LEU A 557 41.46 2.05 50.79
C LEU A 557 41.93 2.09 52.24
N LEU A 558 41.19 2.79 53.11
CA LEU A 558 41.58 2.85 54.52
C LEU A 558 41.52 1.48 55.17
N VAL A 559 40.47 0.70 54.87
CA VAL A 559 40.35 -0.65 55.43
C VAL A 559 41.49 -1.53 54.96
N ILE A 560 41.83 -1.45 53.66
CA ILE A 560 42.94 -2.24 53.15
C ILE A 560 44.24 -1.86 53.84
N LEU A 561 44.48 -0.56 54.00
CA LEU A 561 45.70 -0.10 54.65
C LEU A 561 45.78 -0.62 56.09
N THR A 562 44.69 -0.50 56.84
CA THR A 562 44.69 -0.95 58.23
C THR A 562 44.87 -2.47 58.30
N THR A 563 44.22 -3.22 57.41
CA THR A 563 44.32 -4.67 57.45
C THR A 563 45.73 -5.14 57.10
N PHE A 564 46.35 -4.52 56.11
CA PHE A 564 47.65 -4.96 55.62
C PHE A 564 48.83 -4.27 56.30
N ALA A 565 48.57 -3.35 57.23
CA ALA A 565 49.67 -2.80 58.02
C ALA A 565 50.25 -3.84 58.97
N SER A 566 49.42 -4.77 59.47
CA SER A 566 49.90 -5.76 60.42
C SER A 566 50.57 -6.94 59.72
N CYS A 567 49.80 -7.66 58.89
CA CYS A 567 50.28 -8.87 58.22
C CYS A 567 50.81 -9.91 59.20
N THR A 568 50.20 -9.99 60.38
CA THR A 568 50.60 -10.95 61.40
C THR A 568 49.53 -11.99 61.66
N SER A 569 48.31 -11.57 61.98
CA SER A 569 47.20 -12.48 62.23
C SER A 569 46.36 -12.61 60.97
N LEU A 570 46.11 -13.85 60.55
CA LEU A 570 45.35 -14.15 59.33
C LEU A 570 44.25 -15.14 59.64
N PRO A 571 43.21 -14.73 60.35
CA PRO A 571 42.01 -15.58 60.46
C PRO A 571 41.27 -15.61 59.13
N SER A 572 40.54 -16.71 58.92
CA SER A 572 39.84 -16.90 57.66
C SER A 572 38.77 -15.83 57.46
N SER A 573 38.06 -15.47 58.54
CA SER A 573 37.01 -14.46 58.42
C SER A 573 37.59 -13.11 58.01
N LYS A 574 38.71 -12.71 58.62
CA LYS A 574 39.33 -11.44 58.22
C LYS A 574 39.92 -11.52 56.82
N LEU A 575 40.40 -12.70 56.42
CA LEU A 575 40.84 -12.89 55.05
C LEU A 575 39.69 -12.64 54.07
N PHE A 576 38.51 -13.20 54.36
CA PHE A 576 37.35 -12.98 53.52
C PHE A 576 36.95 -11.52 53.52
N ILE A 577 37.00 -10.86 54.68
CA ILE A 577 36.65 -9.45 54.75
C ILE A 577 37.58 -8.63 53.86
N GLY A 578 38.89 -8.87 53.97
CA GLY A 578 39.84 -8.13 53.16
C GLY A 578 39.65 -8.39 51.67
N LEU A 579 39.41 -9.64 51.30
CA LEU A 579 39.22 -9.96 49.88
C LEU A 579 37.94 -9.32 49.34
N ILE A 580 36.86 -9.31 50.12
CA ILE A 580 35.63 -8.66 49.69
C ILE A 580 35.85 -7.15 49.53
N SER A 581 36.58 -6.55 50.47
CA SER A 581 36.91 -5.13 50.34
C SER A 581 37.71 -4.86 49.07
N VAL A 582 38.68 -5.73 48.76
CA VAL A 582 39.46 -5.58 47.54
C VAL A 582 38.55 -5.69 46.31
N SER A 583 37.65 -6.65 46.32
CA SER A 583 36.75 -6.84 45.18
C SER A 583 35.87 -5.61 44.96
N ASN A 584 35.30 -5.07 46.03
CA ASN A 584 34.44 -3.89 45.90
C ASN A 584 35.24 -2.63 45.61
N LEU A 585 36.55 -2.62 45.89
CA LEU A 585 37.36 -1.47 45.52
C LEU A 585 37.39 -1.27 44.01
N PHE A 586 37.38 -2.36 43.24
CA PHE A 586 37.34 -2.25 41.78
C PHE A 586 36.02 -1.66 41.31
N MET A 587 34.91 -2.05 41.93
CA MET A 587 33.63 -1.45 41.60
C MET A 587 33.63 0.04 41.91
N GLY A 588 34.21 0.42 43.05
CA GLY A 588 34.40 1.83 43.33
C GLY A 588 35.22 2.53 42.27
N ILE A 589 36.27 1.87 41.78
CA ILE A 589 37.13 2.46 40.76
C ILE A 589 36.35 2.69 39.47
N TYR A 590 35.55 1.70 39.07
CA TYR A 590 34.75 1.84 37.84
C TYR A 590 33.68 2.93 37.98
N THR A 591 33.05 3.02 39.15
CA THR A 591 32.11 4.11 39.39
C THR A 591 32.81 5.46 39.32
N GLY A 592 34.02 5.54 39.85
CA GLY A 592 34.80 6.76 39.73
C GLY A 592 35.15 7.10 38.30
N ILE A 593 35.47 6.08 37.49
CA ILE A 593 35.72 6.30 36.08
C ILE A 593 34.49 6.92 35.42
N LEU A 594 33.31 6.37 35.74
CA LEU A 594 32.07 6.92 35.19
C LEU A 594 31.87 8.37 35.62
N THR A 595 32.11 8.66 36.90
CA THR A 595 31.90 10.02 37.40
C THR A 595 32.86 11.00 36.72
N PHE A 596 34.13 10.61 36.58
CA PHE A 596 35.08 11.51 35.94
C PHE A 596 34.76 11.71 34.47
N LEU A 597 34.29 10.66 33.79
CA LEU A 597 33.87 10.82 32.39
C LEU A 597 32.70 11.77 32.28
N ASP A 598 31.72 11.65 33.18
CA ASP A 598 30.60 12.58 33.18
C ASP A 598 31.07 14.01 33.47
N ALA A 599 32.01 14.16 34.40
CA ALA A 599 32.49 15.49 34.75
C ALA A 599 33.22 16.15 33.59
N VAL A 600 34.07 15.40 32.89
CA VAL A 600 34.80 15.97 31.76
C VAL A 600 33.85 16.24 30.60
N SER A 601 32.86 15.37 30.39
CA SER A 601 31.87 15.55 29.32
C SER A 601 30.56 15.99 29.95
N TRP A 602 30.43 17.30 30.18
CA TRP A 602 29.24 17.89 30.78
C TRP A 602 28.43 18.56 29.68
N GLY A 603 27.27 17.97 29.34
CA GLY A 603 26.41 18.50 28.31
C GLY A 603 26.80 18.14 26.90
N ARG A 604 27.97 17.54 26.70
CA ARG A 604 28.49 17.20 25.38
C ARG A 604 28.78 15.71 25.26
N PHE A 605 28.09 14.89 26.07
CA PHE A 605 28.44 13.48 26.16
C PHE A 605 28.12 12.72 24.87
N ALA A 606 27.14 13.18 24.09
CA ALA A 606 26.83 12.50 22.84
C ALA A 606 28.01 12.55 21.88
N GLU A 607 28.83 13.61 21.96
CA GLU A 607 30.04 13.66 21.15
C GLU A 607 31.00 12.55 21.54
N PHE A 608 31.16 12.31 22.85
CA PHE A 608 32.08 11.29 23.34
C PHE A 608 31.48 9.89 23.33
N GLY A 609 30.19 9.75 23.00
CA GLY A 609 29.56 8.45 23.11
C GLY A 609 30.14 7.41 22.18
N ILE A 610 30.33 7.77 20.91
CA ILE A 610 30.88 6.83 19.94
C ILE A 610 32.32 6.48 20.30
N TRP A 611 33.11 7.49 20.70
CA TRP A 611 34.47 7.23 21.13
C TRP A 611 34.50 6.26 22.29
N TRP A 612 33.64 6.47 23.30
CA TRP A 612 33.64 5.62 24.47
C TRP A 612 33.20 4.20 24.13
N GLU A 613 32.17 4.06 23.29
CA GLU A 613 31.68 2.74 22.94
C GLU A 613 32.70 1.95 22.12
N THR A 614 33.24 2.57 21.06
CA THR A 614 34.15 1.86 20.18
C THR A 614 35.55 1.70 20.78
N GLY A 615 35.91 2.51 21.77
CA GLY A 615 37.23 2.43 22.36
C GLY A 615 37.34 1.33 23.39
N SER A 616 38.58 1.12 23.85
CA SER A 616 38.85 0.11 24.86
C SER A 616 38.37 0.50 26.24
N GLY A 617 37.97 1.76 26.44
CA GLY A 617 37.46 2.18 27.74
C GLY A 617 36.19 1.42 28.12
N CYS A 618 35.31 1.19 27.15
CA CYS A 618 34.10 0.43 27.41
C CYS A 618 34.43 -0.98 27.85
N LYS A 619 35.39 -1.63 27.17
CA LYS A 619 35.82 -2.96 27.56
C LYS A 619 36.41 -2.96 28.97
N VAL A 620 37.24 -1.96 29.28
CA VAL A 620 37.87 -1.89 30.59
C VAL A 620 36.82 -1.74 31.68
N ALA A 621 35.85 -0.84 31.47
CA ALA A 621 34.82 -0.64 32.47
C ALA A 621 33.96 -1.88 32.65
N GLY A 622 33.56 -2.51 31.54
CA GLY A 622 32.75 -3.72 31.64
C GLY A 622 33.48 -4.83 32.38
N PHE A 623 34.75 -5.02 32.05
CA PHE A 623 35.58 -5.98 32.78
C PHE A 623 35.58 -5.63 34.26
N LEU A 624 36.14 -4.47 34.63
CA LEU A 624 36.18 -4.03 36.02
C LEU A 624 34.90 -4.36 36.76
N ALA A 625 33.75 -3.95 36.21
CA ALA A 625 32.49 -4.14 36.91
C ALA A 625 32.15 -5.62 37.07
N VAL A 626 32.22 -6.39 35.97
CA VAL A 626 31.81 -7.79 36.05
C VAL A 626 32.75 -8.58 36.95
N PHE A 627 34.05 -8.35 36.81
CA PHE A 627 35.03 -9.03 37.66
C PHE A 627 34.82 -8.69 39.12
N SER A 628 34.59 -7.41 39.44
CA SER A 628 34.36 -7.03 40.83
C SER A 628 33.12 -7.72 41.39
N SER A 629 32.02 -7.70 40.64
CA SER A 629 30.78 -8.30 41.11
C SER A 629 30.95 -9.80 41.34
N GLU A 630 31.51 -10.50 40.35
CA GLU A 630 31.63 -11.96 40.48
C GLU A 630 32.63 -12.34 41.56
N SER A 631 33.71 -11.56 41.71
CA SER A 631 34.65 -11.81 42.79
C SER A 631 33.98 -11.66 44.14
N ALA A 632 33.18 -10.60 44.31
CA ALA A 632 32.49 -10.40 45.58
C ALA A 632 31.52 -11.56 45.85
N ILE A 633 30.79 -12.00 44.83
CA ILE A 633 29.83 -13.08 45.03
C ILE A 633 30.55 -14.36 45.43
N PHE A 634 31.63 -14.70 44.72
CA PHE A 634 32.36 -15.92 45.03
C PHE A 634 32.99 -15.86 46.41
N LEU A 635 33.52 -14.70 46.78
CA LEU A 635 34.11 -14.55 48.11
C LEU A 635 33.06 -14.70 49.20
N LEU A 636 31.86 -14.15 48.98
CA LEU A 636 30.79 -14.33 49.94
C LEU A 636 30.40 -15.81 50.08
N MET A 637 30.32 -16.52 48.95
CA MET A 637 29.99 -17.93 48.98
C MET A 637 31.04 -18.72 49.75
N LEU A 638 32.32 -18.43 49.49
CA LEU A 638 33.38 -19.16 50.19
C LEU A 638 33.44 -18.79 51.67
N ALA A 639 33.12 -17.54 52.01
CA ALA A 639 33.04 -17.16 53.43
C ALA A 639 31.93 -17.91 54.14
N THR A 640 30.78 -18.06 53.48
CA THR A 640 29.70 -18.86 54.07
C THR A 640 30.12 -20.31 54.22
N VAL A 641 30.83 -20.85 53.23
CA VAL A 641 31.33 -22.23 53.33
C VAL A 641 32.27 -22.37 54.52
N GLU A 642 33.18 -21.41 54.70
CA GLU A 642 34.11 -21.45 55.82
C GLU A 642 33.37 -21.35 57.15
N ARG A 643 32.35 -20.50 57.23
CA ARG A 643 31.56 -20.40 58.46
C ARG A 643 30.85 -21.72 58.75
N SER A 644 30.33 -22.38 57.71
CA SER A 644 29.72 -23.69 57.90
C SER A 644 30.73 -24.71 58.41
N LEU A 645 31.93 -24.70 57.84
CA LEU A 645 32.97 -25.64 58.29
C LEU A 645 33.36 -25.36 59.73
N SER A 646 33.48 -24.08 60.10
CA SER A 646 33.82 -23.72 61.48
C SER A 646 32.73 -24.17 62.45
N ALA A 647 31.46 -23.99 62.06
CA ALA A 647 30.36 -24.45 62.91
C ALA A 647 30.37 -25.96 63.04
N LYS A 648 30.65 -26.69 61.96
CA LYS A 648 30.74 -28.13 62.03
C LYS A 648 31.87 -28.58 62.96
N ASP A 649 33.03 -27.93 62.86
CA ASP A 649 34.14 -28.22 63.75
C ASP A 649 35.06 -27.02 63.88
N ASN A 657 44.14 -25.17 59.88
CA ASN A 657 44.05 -26.54 59.37
C ASN A 657 43.60 -26.56 57.91
N HIS A 658 42.73 -25.62 57.55
CA HIS A 658 42.21 -25.51 56.19
C HIS A 658 42.52 -24.17 55.55
N LEU A 659 43.48 -23.42 56.12
CA LEU A 659 43.83 -22.12 55.55
C LEU A 659 44.40 -22.27 54.15
N LYS A 660 45.19 -23.33 53.93
CA LYS A 660 45.78 -23.56 52.60
C LYS A 660 44.69 -23.80 51.56
N GLN A 661 43.74 -24.68 51.86
CA GLN A 661 42.68 -24.97 50.90
C GLN A 661 41.76 -23.78 50.73
N PHE A 662 41.57 -22.97 51.77
CA PHE A 662 40.75 -21.77 51.63
C PHE A 662 41.43 -20.74 50.75
N ARG A 663 42.74 -20.58 50.88
CA ARG A 663 43.48 -19.68 49.99
C ARG A 663 43.45 -20.19 48.56
N VAL A 664 43.56 -21.51 48.37
CA VAL A 664 43.46 -22.08 47.02
C VAL A 664 42.08 -21.81 46.43
N ALA A 665 41.03 -21.98 47.23
CA ALA A 665 39.68 -21.70 46.76
C ALA A 665 39.51 -20.22 46.42
N ALA A 666 40.10 -19.34 47.23
CA ALA A 666 40.03 -17.91 46.93
C ALA A 666 40.73 -17.58 45.61
N LEU A 667 41.89 -18.18 45.37
CA LEU A 667 42.59 -17.96 44.11
C LEU A 667 41.77 -18.49 42.94
N LEU A 668 41.15 -19.66 43.10
CA LEU A 668 40.30 -20.20 42.05
C LEU A 668 39.11 -19.31 41.77
N ALA A 669 38.51 -18.75 42.83
CA ALA A 669 37.39 -17.83 42.66
C ALA A 669 37.83 -16.56 41.93
N PHE A 670 39.01 -16.05 42.26
CA PHE A 670 39.55 -14.88 41.56
C PHE A 670 39.75 -15.19 40.08
N LEU A 671 40.31 -16.36 39.78
CA LEU A 671 40.50 -16.75 38.38
C LEU A 671 39.17 -16.89 37.65
N GLY A 672 38.17 -17.49 38.30
CA GLY A 672 36.87 -17.62 37.68
C GLY A 672 36.22 -16.28 37.41
N ALA A 673 36.33 -15.36 38.36
CA ALA A 673 35.81 -14.01 38.15
C ALA A 673 36.52 -13.32 37.01
N THR A 674 37.84 -13.48 36.91
CA THR A 674 38.58 -12.90 35.80
C THR A 674 38.11 -13.46 34.47
N VAL A 675 37.90 -14.78 34.41
CA VAL A 675 37.44 -15.40 33.17
C VAL A 675 36.04 -14.91 32.80
N ALA A 676 35.16 -14.80 33.80
CA ALA A 676 33.82 -14.30 33.53
C ALA A 676 33.85 -12.87 33.02
N GLY A 677 34.69 -12.02 33.61
CA GLY A 677 34.82 -10.66 33.13
C GLY A 677 35.42 -10.56 31.75
N CYS A 678 36.35 -11.47 31.42
CA CYS A 678 36.99 -11.46 30.11
C CYS A 678 36.15 -12.13 29.03
N PHE A 679 35.12 -12.88 29.39
CA PHE A 679 34.25 -13.52 28.40
C PHE A 679 33.69 -12.55 27.36
N PRO A 680 33.15 -11.39 27.72
CA PRO A 680 32.70 -10.45 26.67
C PRO A 680 33.82 -10.00 25.74
N LEU A 681 35.05 -9.94 26.23
CA LEU A 681 36.18 -9.59 25.36
C LEU A 681 36.36 -10.64 24.27
N PHE A 682 36.24 -11.92 24.62
CA PHE A 682 36.21 -12.96 23.60
C PHE A 682 34.99 -12.81 22.71
N HIS A 683 33.85 -12.45 23.28
CA HIS A 683 32.66 -12.20 22.50
C HIS A 683 32.81 -10.90 21.71
N ARG A 684 31.79 -10.57 20.93
CA ARG A 684 31.82 -9.43 20.03
C ARG A 684 30.66 -8.48 20.34
N GLY A 685 30.99 -7.28 20.84
CA GLY A 685 30.01 -6.22 20.97
C GLY A 685 29.08 -6.31 22.15
N GLU A 686 29.36 -7.17 23.13
CA GLU A 686 28.49 -7.26 24.31
C GLU A 686 28.47 -5.96 25.09
N TYR A 687 29.64 -5.33 25.27
CA TYR A 687 29.71 -4.11 26.07
C TYR A 687 29.19 -2.89 25.33
N SER A 688 29.05 -2.97 24.01
CA SER A 688 28.65 -1.82 23.21
C SER A 688 27.16 -1.48 23.33
N ALA A 689 26.45 -2.11 24.26
CA ALA A 689 25.01 -1.84 24.40
C ALA A 689 24.76 -0.41 24.85
N SER A 690 25.57 0.10 25.78
CA SER A 690 25.35 1.42 26.36
C SER A 690 26.68 1.94 26.88
N PRO A 691 26.80 3.24 27.14
CA PRO A 691 28.04 3.76 27.75
C PRO A 691 28.29 3.22 29.14
N LEU A 692 27.25 2.68 29.81
CA LEU A 692 27.47 1.99 31.07
C LEU A 692 28.42 0.81 30.88
N CYS A 693 28.35 0.15 29.72
CA CYS A 693 29.20 -0.96 29.34
C CYS A 693 29.04 -2.17 30.25
N LEU A 694 28.01 -2.19 31.09
CA LEU A 694 27.67 -3.38 31.86
C LEU A 694 26.75 -4.24 31.01
N PRO A 695 27.14 -5.46 30.65
CA PRO A 695 26.44 -6.18 29.57
C PRO A 695 24.98 -6.51 29.86
N PHE A 696 24.72 -7.24 30.93
CA PHE A 696 23.38 -7.79 31.13
C PHE A 696 22.32 -6.77 31.55
N PRO A 697 22.62 -5.75 32.36
CA PRO A 697 21.53 -4.81 32.73
C PRO A 697 20.98 -4.03 31.55
N THR A 698 21.84 -3.42 30.74
CA THR A 698 21.39 -2.64 29.60
C THR A 698 21.20 -3.46 28.34
N GLY A 699 21.63 -4.72 28.33
CA GLY A 699 21.42 -5.57 27.16
C GLY A 699 20.80 -6.90 27.52
N GLU A 700 19.68 -7.23 26.90
CA GLU A 700 18.95 -8.46 27.20
C GLU A 700 18.88 -9.43 26.03
N THR A 701 18.75 -8.92 24.81
CA THR A 701 18.68 -9.78 23.64
C THR A 701 20.08 -10.25 23.21
N PRO A 702 21.07 -9.37 23.09
CA PRO A 702 22.42 -9.86 22.77
C PRO A 702 22.99 -10.66 23.93
N SER A 703 23.59 -11.81 23.60
CA SER A 703 24.15 -12.73 24.58
C SER A 703 23.12 -13.08 25.65
N LEU A 704 21.89 -13.35 25.21
CA LEU A 704 20.82 -13.70 26.14
C LEU A 704 21.15 -14.98 26.91
N GLY A 705 21.76 -15.94 26.22
CA GLY A 705 22.19 -17.15 26.91
C GLY A 705 23.23 -16.87 27.99
N PHE A 706 24.19 -16.00 27.68
CA PHE A 706 25.18 -15.61 28.68
C PHE A 706 24.55 -14.90 29.87
N THR A 707 23.60 -14.00 29.61
CA THR A 707 22.90 -13.33 30.70
C THR A 707 22.14 -14.32 31.57
N VAL A 708 21.46 -15.27 30.94
CA VAL A 708 20.71 -16.27 31.69
C VAL A 708 21.65 -17.12 32.53
N THR A 709 22.78 -17.54 31.95
CA THR A 709 23.72 -18.38 32.67
C THR A 709 24.31 -17.64 33.87
N LEU A 710 24.68 -16.38 33.68
CA LEU A 710 25.25 -15.63 34.80
C LEU A 710 24.21 -15.37 35.88
N VAL A 711 22.97 -15.06 35.50
CA VAL A 711 21.92 -14.86 36.48
C VAL A 711 21.67 -16.14 37.28
N LEU A 712 21.62 -17.28 36.58
CA LEU A 712 21.40 -18.55 37.25
C LEU A 712 22.56 -18.89 38.18
N LEU A 713 23.79 -18.63 37.76
CA LEU A 713 24.94 -18.91 38.61
C LEU A 713 24.91 -18.04 39.88
N ASN A 714 24.59 -16.75 39.72
CA ASN A 714 24.48 -15.88 40.89
C ASN A 714 23.36 -16.34 41.81
N SER A 715 22.22 -16.73 41.25
CA SER A 715 21.11 -17.21 42.06
C SER A 715 21.50 -18.49 42.80
N LEU A 716 22.22 -19.40 42.14
CA LEU A 716 22.67 -20.62 42.80
C LEU A 716 23.61 -20.30 43.95
N ALA A 717 24.55 -19.38 43.73
CA ALA A 717 25.49 -19.02 44.80
C ALA A 717 24.76 -18.42 45.99
N PHE A 718 23.84 -17.49 45.72
CA PHE A 718 23.08 -16.87 46.81
C PHE A 718 22.20 -17.88 47.53
N LEU A 719 21.54 -18.78 46.80
CA LEU A 719 20.70 -19.78 47.44
C LEU A 719 21.53 -20.73 48.29
N LEU A 720 22.70 -21.12 47.79
CA LEU A 720 23.56 -22.02 48.55
C LEU A 720 24.04 -21.36 49.84
N MET A 721 24.50 -20.10 49.74
CA MET A 721 24.96 -19.43 50.95
C MET A 721 23.82 -19.20 51.92
N ALA A 722 22.61 -18.90 51.41
CA ALA A 722 21.47 -18.68 52.28
C ALA A 722 21.07 -19.96 53.01
N VAL A 723 21.02 -21.10 52.29
CA VAL A 723 20.63 -22.34 52.97
C VAL A 723 21.71 -22.79 53.94
N ILE A 724 22.99 -22.55 53.63
CA ILE A 724 24.05 -22.88 54.57
C ILE A 724 23.91 -22.03 55.82
N TYR A 725 23.64 -20.73 55.67
CA TYR A 725 23.45 -19.87 56.83
C TYR A 725 22.23 -20.29 57.64
N THR A 726 21.15 -20.68 56.97
CA THR A 726 19.95 -21.15 57.66
C THR A 726 20.24 -22.40 58.48
N LYS A 727 20.95 -23.36 57.89
CA LYS A 727 21.30 -24.58 58.61
C LYS A 727 22.22 -24.27 59.78
N LEU A 728 23.14 -23.31 59.60
CA LEU A 728 24.03 -22.92 60.69
C LEU A 728 23.25 -22.36 61.86
N TYR A 729 22.34 -21.41 61.58
CA TYR A 729 21.54 -20.84 62.66
C TYR A 729 20.57 -21.86 63.26
N CYS A 730 20.17 -22.88 62.50
CA CYS A 730 19.32 -23.92 63.06
C CYS A 730 20.09 -24.82 64.00
N ASN A 731 21.30 -25.23 63.63
CA ASN A 731 22.06 -26.18 64.43
C ASN A 731 22.96 -25.49 65.47
N LEU A 732 23.00 -24.17 65.50
CA LEU A 732 23.83 -23.44 66.45
C LEU A 732 23.01 -22.36 67.13
N GLU A 733 23.33 -22.10 68.40
CA GLU A 733 22.66 -21.06 69.18
C GLU A 733 22.93 -19.68 68.59
N GLN A 742 34.06 -14.26 68.03
CA GLN A 742 33.66 -14.76 66.73
C GLN A 742 32.26 -14.26 66.37
N SER A 743 31.60 -13.63 67.35
CA SER A 743 30.27 -13.09 67.11
C SER A 743 30.30 -11.98 66.06
N SER A 744 31.34 -11.14 66.09
CA SER A 744 31.47 -10.08 65.11
C SER A 744 31.57 -10.64 63.69
N MET A 745 32.29 -11.75 63.52
CA MET A 745 32.38 -12.37 62.21
C MET A 745 31.02 -12.85 61.72
N ILE A 746 30.24 -13.47 62.61
CA ILE A 746 28.92 -13.96 62.23
C ILE A 746 28.01 -12.79 61.85
N LYS A 747 28.03 -11.72 62.65
CA LYS A 747 27.17 -10.58 62.35
C LYS A 747 27.58 -9.92 61.05
N HIS A 748 28.89 -9.83 60.79
CA HIS A 748 29.34 -9.23 59.54
C HIS A 748 28.96 -10.09 58.35
N VAL A 749 29.05 -11.41 58.48
CA VAL A 749 28.63 -12.30 57.38
C VAL A 749 27.15 -12.13 57.11
N ALA A 750 26.33 -12.08 58.16
CA ALA A 750 24.90 -11.91 57.97
C ALA A 750 24.58 -10.58 57.31
N TRP A 751 25.20 -9.50 57.78
CA TRP A 751 24.98 -8.19 57.16
C TRP A 751 25.40 -8.19 55.70
N LEU A 752 26.55 -8.79 55.40
CA LEU A 752 27.05 -8.82 54.03
C LEU A 752 26.09 -9.58 53.13
N ILE A 753 25.67 -10.78 53.53
CA ILE A 753 24.80 -11.57 52.66
C ILE A 753 23.46 -10.86 52.46
N PHE A 754 22.89 -10.32 53.53
CA PHE A 754 21.60 -9.64 53.40
C PHE A 754 21.70 -8.44 52.47
N THR A 755 22.70 -7.57 52.69
CA THR A 755 22.83 -6.38 51.86
C THR A 755 23.16 -6.73 50.42
N ASN A 756 24.01 -7.74 50.19
CA ASN A 756 24.33 -8.14 48.83
C ASN A 756 23.12 -8.68 48.09
N CYS A 757 22.31 -9.52 48.75
CA CYS A 757 21.09 -10.00 48.12
C CYS A 757 20.15 -8.85 47.81
N ILE A 758 19.98 -7.94 48.77
CA ILE A 758 19.05 -6.82 48.59
C ILE A 758 19.48 -5.94 47.43
N PHE A 759 20.78 -5.66 47.32
CA PHE A 759 21.27 -4.78 46.26
C PHE A 759 21.49 -5.51 44.95
N PHE A 760 21.45 -6.84 44.93
CA PHE A 760 21.68 -7.60 43.71
C PHE A 760 20.40 -8.03 43.02
N CYS A 761 19.32 -8.28 43.76
CA CYS A 761 18.07 -8.67 43.10
C CYS A 761 17.55 -7.63 42.12
N PRO A 762 17.49 -6.32 42.44
CA PRO A 762 16.93 -5.38 41.47
C PRO A 762 17.75 -5.25 40.20
N VAL A 763 19.07 -5.44 40.28
CA VAL A 763 19.90 -5.35 39.09
C VAL A 763 19.52 -6.45 38.10
N ALA A 764 19.37 -7.68 38.59
CA ALA A 764 18.94 -8.76 37.72
C ALA A 764 17.52 -8.55 37.21
N PHE A 765 16.64 -8.04 38.08
CA PHE A 765 15.26 -7.80 37.66
C PHE A 765 15.21 -6.77 36.53
N PHE A 766 15.99 -5.70 36.64
CA PHE A 766 16.01 -4.70 35.57
C PHE A 766 16.75 -5.19 34.34
N SER A 767 17.71 -6.09 34.51
CA SER A 767 18.35 -6.71 33.36
C SER A 767 17.34 -7.52 32.56
N PHE A 768 16.49 -8.27 33.24
CA PHE A 768 15.46 -9.05 32.56
C PHE A 768 14.20 -8.26 32.26
N ALA A 769 14.12 -7.01 32.71
CA ALA A 769 12.93 -6.19 32.47
C ALA A 769 12.66 -5.94 30.98
N PRO A 770 13.62 -5.47 30.17
CA PRO A 770 13.28 -5.14 28.77
C PRO A 770 12.76 -6.31 27.96
N LEU A 771 13.26 -7.53 28.21
CA LEU A 771 12.78 -8.68 27.45
C LEU A 771 11.39 -9.11 27.85
N ILE A 772 10.87 -8.64 28.98
CA ILE A 772 9.50 -8.94 29.40
C ILE A 772 8.57 -7.98 28.67
N THR A 773 7.76 -8.52 27.75
CA THR A 773 6.88 -7.68 26.95
C THR A 773 5.75 -7.08 27.79
N ALA A 774 5.28 -7.82 28.79
CA ALA A 774 4.12 -7.39 29.55
C ALA A 774 4.37 -6.08 30.30
N ILE A 775 5.53 -5.94 30.92
CA ILE A 775 5.82 -4.78 31.75
C ILE A 775 6.60 -3.76 30.92
N SER A 776 6.36 -2.48 31.20
CA SER A 776 7.04 -1.38 30.54
C SER A 776 7.64 -0.45 31.59
N ILE A 777 8.94 -0.23 31.51
CA ILE A 777 9.66 0.63 32.44
C ILE A 777 10.43 1.68 31.64
N SER A 778 10.39 2.92 32.13
CA SER A 778 11.05 4.00 31.41
C SER A 778 12.56 3.81 31.44
N PRO A 779 13.25 4.09 30.33
CA PRO A 779 14.71 3.91 30.30
C PRO A 779 15.44 4.80 31.29
N GLU A 780 14.93 6.00 31.57
CA GLU A 780 15.56 6.84 32.59
C GLU A 780 15.53 6.16 33.96
N ILE A 781 14.37 5.59 34.31
CA ILE A 781 14.26 4.87 35.58
C ILE A 781 15.19 3.67 35.58
N MET A 782 15.25 2.93 34.47
CA MET A 782 16.13 1.76 34.42
C MET A 782 17.59 2.16 34.63
N LYS A 783 18.04 3.22 33.95
CA LYS A 783 19.42 3.66 34.08
C LYS A 783 19.70 4.14 35.50
N SER A 784 18.79 4.92 36.08
CA SER A 784 19.00 5.42 37.44
C SER A 784 19.06 4.26 38.43
N VAL A 785 18.17 3.28 38.27
CA VAL A 785 18.16 2.13 39.17
C VAL A 785 19.46 1.35 39.06
N THR A 786 19.93 1.12 37.83
CA THR A 786 21.19 0.41 37.66
C THR A 786 22.34 1.16 38.31
N LEU A 787 22.41 2.48 38.09
CA LEU A 787 23.52 3.26 38.63
C LEU A 787 23.49 3.30 40.15
N ILE A 788 22.30 3.35 40.75
CA ILE A 788 22.21 3.44 42.21
C ILE A 788 22.25 2.08 42.89
N PHE A 789 22.08 0.98 42.15
CA PHE A 789 22.06 -0.34 42.77
C PHE A 789 23.34 -1.13 42.56
N PHE A 790 23.98 -1.03 41.39
CA PHE A 790 25.15 -1.86 41.13
C PHE A 790 26.31 -1.58 42.08
N PRO A 791 26.77 -0.35 42.28
CA PRO A 791 27.92 -0.12 43.17
C PRO A 791 27.58 0.14 44.63
N LEU A 792 26.34 -0.12 45.06
CA LEU A 792 25.94 0.18 46.43
C LEU A 792 26.74 -0.62 47.48
N PRO A 793 26.95 -1.93 47.34
CA PRO A 793 27.75 -2.63 48.35
C PRO A 793 29.15 -2.08 48.51
N ALA A 794 29.74 -1.52 47.44
CA ALA A 794 31.09 -0.98 47.53
C ALA A 794 31.16 0.17 48.53
N CYS A 795 30.16 1.05 48.53
CA CYS A 795 30.12 2.14 49.49
C CYS A 795 29.45 1.75 50.80
N LEU A 796 28.81 0.59 50.87
CA LEU A 796 28.14 0.20 52.11
C LEU A 796 29.03 -0.65 53.01
N ASN A 797 29.63 -1.71 52.46
CA ASN A 797 30.31 -2.71 53.30
C ASN A 797 31.46 -2.17 54.13
N PRO A 798 32.38 -1.35 53.59
CA PRO A 798 33.48 -0.85 54.44
C PRO A 798 32.99 -0.06 55.64
N VAL A 799 31.92 0.72 55.50
CA VAL A 799 31.38 1.46 56.64
C VAL A 799 30.91 0.50 57.72
N LEU A 800 30.22 -0.57 57.31
CA LEU A 800 29.77 -1.58 58.26
C LEU A 800 30.96 -2.22 58.98
N TYR A 801 31.97 -2.65 58.21
CA TYR A 801 33.12 -3.28 58.83
C TYR A 801 33.86 -2.35 59.76
N VAL A 802 33.86 -1.04 59.46
CA VAL A 802 34.59 -0.09 60.30
C VAL A 802 33.82 0.17 61.59
N PHE A 803 32.56 0.56 61.48
CA PHE A 803 31.81 1.08 62.62
C PHE A 803 30.89 0.05 63.27
N PHE A 804 30.99 -1.22 62.90
CA PHE A 804 30.19 -2.28 63.52
C PHE A 804 31.07 -3.37 64.11
N ASN A 805 32.29 -3.05 64.51
CA ASN A 805 33.19 -4.07 65.05
C ASN A 805 34.28 -3.45 65.91
N PRO A 806 34.43 -3.89 67.16
CA PRO A 806 35.57 -3.43 67.98
C PRO A 806 36.92 -3.87 67.42
N LYS A 807 36.94 -4.83 66.49
CA LYS A 807 38.18 -5.18 65.83
C LYS A 807 38.79 -3.99 65.12
N PHE A 808 37.96 -3.09 64.59
CA PHE A 808 38.48 -1.87 63.98
C PHE A 808 39.25 -1.03 64.99
N LYS A 809 38.68 -0.84 66.18
CA LYS A 809 39.35 -0.07 67.21
C LYS A 809 40.65 -0.75 67.64
N GLU A 810 40.61 -2.07 67.82
CA GLU A 810 41.80 -2.80 68.23
C GLU A 810 42.91 -2.69 67.18
N ASP A 811 42.55 -2.86 65.91
CA ASP A 811 43.54 -2.76 64.84
C ASP A 811 44.04 -1.33 64.67
N TRP A 812 43.19 -0.34 64.92
CA TRP A 812 43.64 1.04 64.85
C TRP A 812 44.62 1.36 65.97
N LYS A 813 44.38 0.83 67.16
CA LYS A 813 45.36 0.96 68.24
C LYS A 813 46.66 0.26 67.88
N LEU A 814 46.57 -0.92 67.26
CA LEU A 814 47.77 -1.62 66.81
C LEU A 814 48.55 -0.80 65.80
N LEU A 815 47.84 -0.20 64.84
CA LEU A 815 48.50 0.65 63.84
C LEU A 815 49.12 1.88 64.47
N LYS A 816 48.44 2.48 65.45
CA LYS A 816 49.01 3.62 66.16
C LYS A 816 50.28 3.24 66.89
N ARG A 817 50.30 2.07 67.53
CA ARG A 817 51.51 1.58 68.17
C ARG A 817 52.61 1.34 67.15
N ARG A 818 52.26 0.78 65.99
CA ARG A 818 53.25 0.53 64.95
C ARG A 818 53.87 1.83 64.44
N VAL A 819 53.04 2.86 64.22
CA VAL A 819 53.54 4.12 63.68
C VAL A 819 54.15 5.02 64.74
N THR A 820 53.93 4.73 66.02
CA THR A 820 54.51 5.53 67.09
C THR A 820 55.52 4.72 67.90
N VAL B 21 -41.99 -31.38 -45.49
CA VAL B 21 -40.71 -31.78 -44.92
C VAL B 21 -40.92 -32.16 -43.45
N GLN B 22 -42.17 -32.12 -43.01
CA GLN B 22 -42.50 -32.46 -41.63
C GLN B 22 -42.20 -33.94 -41.37
N LEU B 23 -41.64 -34.21 -40.20
CA LEU B 23 -41.27 -35.55 -39.78
C LEU B 23 -42.20 -35.97 -38.64
N VAL B 24 -42.94 -37.06 -38.85
CA VAL B 24 -43.95 -37.48 -37.88
C VAL B 24 -43.39 -38.63 -37.06
N GLU B 25 -43.83 -38.72 -35.80
CA GLU B 25 -43.29 -39.70 -34.86
C GLU B 25 -44.44 -40.36 -34.10
N SER B 26 -44.20 -41.59 -33.68
CA SER B 26 -45.18 -42.34 -32.88
C SER B 26 -44.48 -43.34 -31.98
N SER B 442 -41.24 -53.40 -23.73
CA SER B 442 -40.56 -53.35 -25.02
C SER B 442 -41.45 -52.71 -26.08
N LEU B 443 -40.96 -51.65 -26.71
CA LEU B 443 -41.70 -50.91 -27.71
C LEU B 443 -40.84 -50.65 -28.93
N ARG B 444 -41.50 -50.36 -30.05
CA ARG B 444 -40.84 -50.04 -31.31
C ARG B 444 -41.36 -48.69 -31.78
N LEU B 445 -40.60 -47.63 -31.50
CA LEU B 445 -40.98 -46.30 -31.93
C LEU B 445 -40.83 -46.17 -33.44
N SER B 446 -41.87 -45.68 -34.10
CA SER B 446 -41.91 -45.57 -35.55
C SER B 446 -41.97 -44.11 -35.96
N CYS B 447 -41.05 -43.70 -36.83
CA CYS B 447 -40.97 -42.34 -37.30
C CYS B 447 -41.01 -42.34 -38.82
N ALA B 448 -41.78 -41.43 -39.41
CA ALA B 448 -42.01 -41.40 -40.84
C ALA B 448 -41.63 -40.05 -41.42
N ALA B 449 -40.95 -40.09 -42.57
CA ALA B 449 -40.52 -38.89 -43.29
C ALA B 449 -41.56 -38.58 -44.37
N SER B 450 -42.67 -37.98 -43.92
CA SER B 450 -43.81 -37.75 -44.79
C SER B 450 -43.55 -36.70 -45.86
N GLY B 451 -42.83 -35.63 -45.54
CA GLY B 451 -42.63 -34.55 -46.48
C GLY B 451 -41.24 -34.51 -47.08
N TYR B 452 -40.38 -35.43 -46.66
CA TYR B 452 -39.00 -35.45 -47.11
C TYR B 452 -38.94 -35.78 -48.61
N THR B 453 -38.04 -35.09 -49.31
CA THR B 453 -37.92 -35.28 -50.74
C THR B 453 -37.10 -36.53 -51.08
N TYR B 454 -35.83 -36.55 -50.67
CA TYR B 454 -34.94 -37.66 -50.99
C TYR B 454 -33.69 -37.56 -50.14
N SER B 455 -32.87 -38.59 -50.22
CA SER B 455 -31.56 -38.68 -49.56
C SER B 455 -31.65 -38.39 -48.07
N PRO B 456 -32.21 -39.29 -47.27
CA PRO B 456 -32.19 -39.10 -45.81
C PRO B 456 -30.78 -39.28 -45.27
N TYR B 457 -30.14 -38.19 -44.89
CA TYR B 457 -28.75 -38.19 -44.47
C TYR B 457 -28.67 -38.06 -42.96
N CYS B 458 -28.07 -39.05 -42.31
CA CYS B 458 -27.76 -39.01 -40.89
C CYS B 458 -29.02 -38.75 -40.06
N MET B 459 -29.94 -39.71 -40.10
CA MET B 459 -31.08 -39.67 -39.20
C MET B 459 -30.66 -40.10 -37.81
N GLY B 460 -31.52 -39.83 -36.82
CA GLY B 460 -31.17 -40.21 -35.46
C GLY B 460 -32.35 -40.11 -34.53
N TRP B 461 -32.15 -40.62 -33.32
CA TRP B 461 -33.14 -40.59 -32.26
C TRP B 461 -32.57 -39.94 -31.02
N PHE B 462 -33.36 -39.11 -30.36
CA PHE B 462 -32.94 -38.41 -29.16
C PHE B 462 -33.99 -38.58 -28.08
N ARG B 463 -33.53 -38.53 -26.84
CA ARG B 463 -34.41 -38.58 -25.67
C ARG B 463 -34.18 -37.34 -24.83
N GLN B 464 -35.27 -36.80 -24.27
CA GLN B 464 -35.22 -35.62 -23.44
C GLN B 464 -35.80 -35.94 -22.07
N ALA B 465 -35.04 -35.64 -21.03
CA ALA B 465 -35.51 -35.68 -19.67
C ALA B 465 -36.24 -34.37 -19.34
N PRO B 466 -37.12 -34.38 -18.35
CA PRO B 466 -37.82 -33.13 -17.98
C PRO B 466 -36.83 -32.08 -17.50
N GLY B 467 -36.83 -30.94 -18.19
CA GLY B 467 -35.94 -29.84 -17.84
C GLY B 467 -34.47 -30.17 -18.04
N LYS B 468 -34.15 -30.94 -19.07
CA LYS B 468 -32.76 -31.30 -19.36
C LYS B 468 -32.53 -31.20 -20.87
N ALA B 469 -31.27 -31.41 -21.26
CA ALA B 469 -30.91 -31.39 -22.66
C ALA B 469 -31.36 -32.67 -23.35
N ARG B 470 -31.32 -32.65 -24.68
CA ARG B 470 -31.65 -33.81 -25.48
C ARG B 470 -30.39 -34.61 -25.75
N GLU B 471 -30.42 -35.90 -25.42
CA GLU B 471 -29.27 -36.78 -25.61
C GLU B 471 -29.58 -37.81 -26.70
N GLY B 472 -28.61 -38.01 -27.59
CA GLY B 472 -28.80 -38.97 -28.66
C GLY B 472 -28.68 -40.40 -28.16
N VAL B 473 -29.53 -41.26 -28.68
CA VAL B 473 -29.50 -42.67 -28.34
C VAL B 473 -29.07 -43.55 -29.50
N ALA B 474 -29.40 -43.17 -30.73
CA ALA B 474 -29.00 -43.95 -31.90
C ALA B 474 -28.94 -43.03 -33.11
N THR B 475 -27.88 -43.16 -33.89
CA THR B 475 -27.69 -42.40 -35.12
C THR B 475 -27.44 -43.38 -36.27
N VAL B 476 -28.19 -43.22 -37.35
CA VAL B 476 -28.07 -44.07 -38.52
C VAL B 476 -27.65 -43.22 -39.70
N ASP B 477 -26.57 -43.60 -40.36
CA ASP B 477 -26.09 -42.89 -41.54
C ASP B 477 -26.82 -43.39 -42.78
N LEU B 478 -26.63 -42.67 -43.89
CA LEU B 478 -27.22 -43.10 -45.15
C LEU B 478 -26.60 -44.38 -45.68
N ASP B 479 -25.40 -44.74 -45.22
CA ASP B 479 -24.74 -45.97 -45.60
C ASP B 479 -25.16 -47.15 -44.73
N GLY B 480 -26.01 -46.93 -43.74
CA GLY B 480 -26.41 -47.98 -42.83
C GLY B 480 -25.56 -48.11 -41.58
N SER B 481 -24.47 -47.33 -41.48
CA SER B 481 -23.65 -47.36 -40.28
C SER B 481 -24.46 -46.85 -39.09
N THR B 482 -24.24 -47.47 -37.92
CA THR B 482 -24.99 -47.14 -36.72
C THR B 482 -24.04 -46.74 -35.60
N ILE B 483 -24.42 -45.70 -34.87
CA ILE B 483 -23.71 -45.25 -33.68
C ILE B 483 -24.69 -45.27 -32.52
N TYR B 484 -24.35 -45.98 -31.46
CA TYR B 484 -25.24 -46.14 -30.32
C TYR B 484 -24.63 -45.51 -29.07
N ALA B 485 -25.51 -45.05 -28.17
CA ALA B 485 -25.06 -44.49 -26.91
C ALA B 485 -24.53 -45.59 -26.00
N ASP B 486 -23.67 -45.18 -25.06
CA ASP B 486 -23.06 -46.15 -24.15
C ASP B 486 -24.11 -46.84 -23.29
N SER B 487 -25.10 -46.09 -22.80
CA SER B 487 -26.16 -46.65 -22.00
C SER B 487 -27.29 -47.25 -22.83
N VAL B 488 -27.10 -47.35 -24.15
CA VAL B 488 -28.14 -47.80 -25.06
C VAL B 488 -27.76 -49.08 -25.79
N LYS B 489 -26.50 -49.21 -26.19
CA LYS B 489 -26.08 -50.29 -27.08
C LYS B 489 -26.45 -51.65 -26.51
N GLY B 490 -26.94 -52.51 -27.37
CA GLY B 490 -27.42 -53.84 -26.98
C GLY B 490 -28.90 -53.87 -26.65
N ARG B 491 -29.36 -52.92 -25.84
CA ARG B 491 -30.77 -52.88 -25.44
C ARG B 491 -31.65 -52.41 -26.59
N PHE B 492 -31.19 -51.44 -27.38
CA PHE B 492 -31.98 -50.85 -28.44
C PHE B 492 -31.41 -51.23 -29.80
N THR B 493 -32.28 -51.18 -30.81
CA THR B 493 -31.89 -51.46 -32.18
C THR B 493 -32.53 -50.42 -33.10
N ILE B 494 -31.89 -50.15 -34.23
CA ILE B 494 -32.40 -49.17 -35.18
C ILE B 494 -32.50 -49.82 -36.55
N SER B 495 -33.43 -49.32 -37.37
CA SER B 495 -33.63 -49.88 -38.70
C SER B 495 -34.30 -48.83 -39.58
N GLN B 496 -33.66 -48.47 -40.69
CA GLN B 496 -34.19 -47.49 -41.63
C GLN B 496 -34.57 -48.19 -42.93
N ASP B 497 -35.75 -47.86 -43.45
CA ASP B 497 -36.22 -48.39 -44.73
C ASP B 497 -36.57 -47.22 -45.63
N ASN B 498 -35.76 -47.02 -46.68
CA ASN B 498 -35.97 -45.91 -47.60
C ASN B 498 -37.13 -46.17 -48.56
N ALA B 499 -37.55 -47.43 -48.72
CA ALA B 499 -38.69 -47.71 -49.58
C ALA B 499 -39.95 -47.04 -49.06
N LYS B 500 -40.18 -47.13 -47.75
CA LYS B 500 -41.25 -46.38 -47.09
C LYS B 500 -40.73 -45.19 -46.32
N ASN B 501 -39.41 -44.96 -46.31
CA ASN B 501 -38.78 -43.84 -45.63
C ASN B 501 -39.18 -43.79 -44.15
N THR B 502 -39.14 -44.95 -43.50
CA THR B 502 -39.50 -45.07 -42.10
C THR B 502 -38.31 -45.52 -41.27
N LEU B 503 -38.14 -44.89 -40.11
CA LEU B 503 -37.10 -45.24 -39.16
C LEU B 503 -37.75 -45.85 -37.93
N TYR B 504 -37.34 -47.07 -37.59
CA TYR B 504 -37.88 -47.80 -36.45
C TYR B 504 -36.79 -47.97 -35.42
N LEU B 505 -37.10 -47.57 -34.18
CA LEU B 505 -36.19 -47.76 -33.05
C LEU B 505 -36.86 -48.75 -32.11
N GLN B 506 -36.37 -49.99 -32.13
CA GLN B 506 -36.89 -51.03 -31.27
C GLN B 506 -36.21 -50.97 -29.90
N MET B 507 -37.02 -51.08 -28.85
CA MET B 507 -36.55 -51.01 -27.48
C MET B 507 -36.94 -52.29 -26.75
N ASN B 508 -36.01 -52.81 -25.93
CA ASN B 508 -36.25 -54.02 -25.17
C ASN B 508 -35.55 -53.90 -23.82
N SER B 509 -36.06 -54.64 -22.84
CA SER B 509 -35.55 -54.63 -21.47
C SER B 509 -35.52 -53.21 -20.91
N LEU B 510 -36.72 -52.64 -20.79
CA LEU B 510 -36.88 -51.24 -20.42
C LEU B 510 -36.64 -51.08 -18.92
N LYS B 511 -35.52 -50.47 -18.55
CA LYS B 511 -35.28 -50.08 -17.17
C LYS B 511 -35.98 -48.76 -16.89
N PRO B 512 -36.29 -48.48 -15.61
CA PRO B 512 -37.03 -47.25 -15.28
C PRO B 512 -36.27 -45.97 -15.62
N GLU B 513 -35.04 -46.10 -16.09
CA GLU B 513 -34.27 -44.95 -16.56
C GLU B 513 -34.62 -44.54 -17.98
N ASP B 514 -35.46 -45.31 -18.67
CA ASP B 514 -35.82 -45.04 -20.05
C ASP B 514 -37.02 -44.13 -20.20
N THR B 515 -37.61 -43.67 -19.10
CA THR B 515 -38.78 -42.80 -19.16
C THR B 515 -38.35 -41.40 -19.58
N ALA B 516 -38.77 -40.97 -20.76
CA ALA B 516 -38.36 -39.68 -21.30
C ALA B 516 -39.23 -39.39 -22.52
N MET B 517 -39.03 -38.20 -23.10
CA MET B 517 -39.72 -37.82 -24.32
C MET B 517 -38.79 -38.10 -25.50
N TYR B 518 -39.23 -38.97 -26.41
CA TYR B 518 -38.40 -39.41 -27.51
C TYR B 518 -38.77 -38.68 -28.79
N TYR B 519 -37.76 -38.15 -29.47
CA TYR B 519 -37.92 -37.48 -30.76
C TYR B 519 -37.06 -38.18 -31.81
N CYS B 520 -37.48 -38.09 -33.06
CA CYS B 520 -36.67 -38.49 -34.20
C CYS B 520 -36.25 -37.24 -34.95
N ALA B 521 -34.98 -37.19 -35.34
CA ALA B 521 -34.41 -36.01 -35.99
C ALA B 521 -33.72 -36.42 -37.28
N SER B 522 -33.69 -35.49 -38.22
CA SER B 522 -33.13 -35.76 -39.54
C SER B 522 -32.48 -34.51 -40.11
N ARG B 523 -31.64 -34.72 -41.12
CA ARG B 523 -30.85 -33.65 -41.73
C ARG B 523 -30.75 -33.95 -43.23
N THR B 524 -31.43 -33.14 -44.04
CA THR B 524 -31.44 -33.39 -45.48
C THR B 524 -30.09 -33.04 -46.10
N ARG B 525 -29.70 -31.77 -46.02
CA ARG B 525 -28.44 -31.34 -46.59
C ARG B 525 -27.27 -31.97 -45.84
N ALA B 526 -26.28 -32.45 -46.58
CA ALA B 526 -25.13 -33.11 -46.01
C ALA B 526 -23.94 -32.14 -45.96
N GLY B 527 -22.80 -32.65 -45.52
CA GLY B 527 -21.59 -31.84 -45.44
C GLY B 527 -20.97 -31.82 -44.05
N VAL B 528 -21.46 -32.68 -43.16
CA VAL B 528 -20.99 -32.74 -41.78
C VAL B 528 -20.83 -34.19 -41.37
N THR B 529 -20.06 -34.41 -40.30
CA THR B 529 -19.82 -35.75 -39.78
C THR B 529 -20.96 -36.17 -38.88
N CYS B 530 -21.39 -37.43 -39.04
CA CYS B 530 -22.48 -37.96 -38.24
C CYS B 530 -22.07 -38.08 -36.77
N GLY B 531 -23.06 -38.26 -35.91
CA GLY B 531 -22.79 -38.40 -34.49
C GLY B 531 -24.06 -38.30 -33.68
N LEU B 532 -23.89 -38.14 -32.37
CA LEU B 532 -24.99 -38.00 -31.44
C LEU B 532 -25.27 -36.55 -31.08
N ASN B 533 -24.57 -35.61 -31.71
CA ASN B 533 -24.80 -34.20 -31.45
C ASN B 533 -26.20 -33.79 -31.93
N TRP B 534 -26.81 -32.86 -31.20
CA TRP B 534 -28.13 -32.37 -31.55
C TRP B 534 -28.10 -31.10 -32.38
N ALA B 535 -26.92 -30.59 -32.72
CA ALA B 535 -26.78 -29.32 -33.40
C ALA B 535 -26.66 -29.46 -34.92
N ILE B 536 -26.79 -30.68 -35.45
CA ILE B 536 -26.67 -30.91 -36.87
C ILE B 536 -28.02 -31.18 -37.53
N PHE B 537 -28.94 -31.83 -36.85
CA PHE B 537 -30.22 -32.18 -37.45
C PHE B 537 -31.05 -30.94 -37.70
N SER B 538 -31.57 -30.81 -38.91
CA SER B 538 -32.36 -29.65 -39.30
C SER B 538 -33.86 -29.85 -39.16
N TYR B 539 -34.31 -31.06 -38.81
CA TYR B 539 -35.73 -31.30 -38.64
C TYR B 539 -35.95 -32.23 -37.45
N TRP B 540 -36.92 -31.88 -36.61
CA TRP B 540 -37.24 -32.62 -35.40
C TRP B 540 -38.71 -33.01 -35.37
N GLY B 541 -38.99 -34.16 -34.77
CA GLY B 541 -40.35 -34.62 -34.60
C GLY B 541 -40.97 -34.12 -33.30
N GLN B 542 -42.24 -34.47 -33.12
CA GLN B 542 -42.97 -34.04 -31.93
C GLN B 542 -42.58 -34.85 -30.70
N GLY B 543 -42.24 -36.12 -30.86
CA GLY B 543 -41.79 -36.93 -29.75
C GLY B 543 -42.91 -37.45 -28.87
N THR B 544 -42.78 -38.68 -28.40
CA THR B 544 -43.76 -39.30 -27.51
C THR B 544 -43.13 -39.60 -26.17
N GLN B 545 -43.93 -39.49 -25.12
CA GLN B 545 -43.47 -39.81 -23.77
C GLN B 545 -43.52 -41.31 -23.54
N VAL B 546 -42.42 -41.88 -23.06
CA VAL B 546 -42.31 -43.31 -22.82
C VAL B 546 -41.90 -43.55 -21.37
N THR B 547 -42.66 -44.39 -20.68
CA THR B 547 -42.35 -44.82 -19.33
C THR B 547 -42.43 -46.33 -19.26
N VAL B 548 -41.75 -46.90 -18.27
CA VAL B 548 -41.75 -48.35 -18.10
C VAL B 548 -43.15 -48.81 -17.72
N SER B 549 -43.66 -49.79 -18.44
CA SER B 549 -45.00 -50.32 -18.20
C SER B 549 -45.08 -51.81 -18.50
N LYS C 56 2.46 29.60 23.01
CA LYS C 56 3.49 30.17 22.13
C LYS C 56 4.36 29.08 21.54
N GLU C 57 3.77 27.90 21.33
CA GLU C 57 4.52 26.78 20.77
C GLU C 57 4.99 27.10 19.36
N THR C 58 6.18 26.60 19.02
CA THR C 58 6.76 26.80 17.70
C THR C 58 6.10 25.84 16.74
N ALA C 59 5.08 26.30 16.02
CA ALA C 59 4.39 25.46 15.06
C ALA C 59 5.29 25.16 13.87
N PHE C 60 5.34 23.89 13.48
CA PHE C 60 6.13 23.46 12.33
C PHE C 60 5.18 23.28 11.15
N VAL C 61 5.37 24.09 10.11
CA VAL C 61 4.51 24.08 8.94
C VAL C 61 5.27 23.44 7.79
N GLU C 62 4.77 22.31 7.32
CA GLU C 62 5.34 21.62 6.18
C GLU C 62 4.33 21.60 5.04
N VAL C 63 4.75 22.05 3.88
CA VAL C 63 3.92 22.00 2.68
C VAL C 63 4.29 20.74 1.91
N VAL C 64 3.28 20.09 1.35
CA VAL C 64 3.43 18.83 0.62
C VAL C 64 2.98 19.04 -0.80
N LEU C 65 3.85 18.72 -1.76
CA LEU C 65 3.59 18.86 -3.18
C LEU C 65 3.61 17.48 -3.81
N PHE C 66 2.54 17.12 -4.50
CA PHE C 66 2.42 15.81 -5.11
C PHE C 66 2.41 15.95 -6.63
N GLU C 67 3.17 15.07 -7.29
CA GLU C 67 3.28 15.12 -8.75
C GLU C 67 2.01 14.63 -9.43
N SER C 68 1.32 13.68 -8.82
CA SER C 68 0.15 13.01 -9.42
C SER C 68 0.55 12.32 -10.72
N SER C 69 1.49 11.38 -10.59
CA SER C 69 1.98 10.62 -11.73
C SER C 69 0.86 9.76 -12.32
N PRO C 70 0.97 9.40 -13.59
CA PRO C 70 0.00 8.45 -14.18
C PRO C 70 -0.08 7.16 -13.38
N SER C 71 -1.12 6.39 -13.68
CA SER C 71 -1.51 5.21 -12.89
C SER C 71 -1.89 5.72 -11.49
N GLY C 72 -1.63 4.98 -10.43
CA GLY C 72 -2.03 5.40 -9.10
C GLY C 72 -0.93 6.09 -8.31
N ASP C 73 0.31 6.01 -8.79
CA ASP C 73 1.43 6.60 -8.09
C ASP C 73 1.29 8.12 -8.04
N TYR C 74 1.74 8.71 -6.93
CA TYR C 74 1.57 10.13 -6.69
C TYR C 74 2.88 10.90 -6.59
N THR C 75 3.84 10.38 -5.81
CA THR C 75 5.12 11.04 -5.54
C THR C 75 4.91 12.28 -4.67
N THR C 76 5.73 12.44 -3.63
CA THR C 76 5.53 13.48 -2.63
C THR C 76 6.84 14.18 -2.33
N TYR C 77 6.81 15.51 -2.25
CA TYR C 77 7.93 16.31 -1.79
C TYR C 77 7.46 17.22 -0.67
N THR C 78 8.34 17.50 0.29
CA THR C 78 7.99 18.24 1.49
C THR C 78 8.96 19.39 1.70
N THR C 79 8.41 20.57 2.00
CA THR C 79 9.19 21.73 2.37
C THR C 79 8.75 22.20 3.74
N GLY C 80 9.66 22.84 4.48
CA GLY C 80 9.40 23.18 5.86
C GLY C 80 9.59 24.66 6.15
N LEU C 81 8.95 25.09 7.24
CA LEU C 81 9.11 26.42 7.80
C LEU C 81 8.51 26.39 9.21
N THR C 82 8.64 27.49 9.93
CA THR C 82 8.22 27.54 11.32
C THR C 82 7.44 28.82 11.59
N GLY C 83 6.23 28.68 12.14
CA GLY C 83 5.46 29.79 12.63
C GLY C 83 5.15 29.61 14.10
N ARG C 84 4.17 30.33 14.64
CA ARG C 84 3.85 30.22 16.05
C ARG C 84 2.33 30.16 16.25
N PHE C 85 1.91 29.28 17.15
CA PHE C 85 0.51 29.25 17.54
C PHE C 85 0.13 30.54 18.26
N SER C 86 -1.13 30.95 18.10
CA SER C 86 -1.65 32.13 18.75
C SER C 86 -2.69 31.74 19.78
N ARG C 87 -2.64 32.38 20.94
CA ARG C 87 -3.56 32.05 22.03
C ARG C 87 -5.02 32.29 21.64
N ALA C 88 -5.28 33.10 20.61
CA ALA C 88 -6.65 33.27 20.14
C ALA C 88 -7.23 31.98 19.58
N GLY C 89 -6.40 31.00 19.26
CA GLY C 89 -6.87 29.73 18.75
C GLY C 89 -6.24 28.57 19.49
N ALA C 90 -6.79 27.38 19.25
CA ALA C 90 -6.28 26.18 19.88
C ALA C 90 -4.90 25.82 19.34
N THR C 91 -4.30 24.79 19.93
CA THR C 91 -2.95 24.34 19.55
C THR C 91 -3.01 22.83 19.34
N LEU C 92 -3.21 22.41 18.09
CA LEU C 92 -3.16 21.01 17.74
C LEU C 92 -2.78 20.86 16.28
N SER C 93 -2.19 19.72 15.95
CA SER C 93 -1.75 19.47 14.59
C SER C 93 -2.94 19.31 13.64
N ALA C 94 -2.80 19.83 12.42
CA ALA C 94 -3.87 19.72 11.44
C ALA C 94 -3.28 19.95 10.05
N GLU C 95 -3.87 19.30 9.05
CA GLU C 95 -3.41 19.43 7.68
C GLU C 95 -4.62 19.54 6.76
N GLY C 96 -4.40 20.11 5.59
CA GLY C 96 -5.48 20.22 4.62
C GLY C 96 -5.04 20.95 3.38
N GLU C 97 -5.98 21.03 2.44
CA GLU C 97 -5.74 21.71 1.17
C GLU C 97 -5.54 23.20 1.40
N ILE C 98 -4.36 23.70 1.06
CA ILE C 98 -4.01 25.09 1.36
C ILE C 98 -4.64 26.00 0.32
N VAL C 99 -5.36 27.02 0.80
CA VAL C 99 -6.06 27.98 -0.05
C VAL C 99 -5.74 29.38 0.44
N GLN C 100 -5.44 30.27 -0.49
CA GLN C 100 -5.19 31.67 -0.12
C GLN C 100 -6.52 32.38 0.13
N MET C 101 -6.45 33.48 0.87
CA MET C 101 -7.62 34.31 1.13
C MET C 101 -7.17 35.76 1.18
N HIS C 102 -7.66 36.57 0.24
CA HIS C 102 -7.40 37.99 0.29
C HIS C 102 -8.08 38.61 1.52
N PRO C 103 -7.40 39.51 2.24
CA PRO C 103 -8.00 40.05 3.47
C PRO C 103 -9.35 40.71 3.26
N LEU C 104 -9.52 41.44 2.15
CA LEU C 104 -10.81 42.06 1.89
C LEU C 104 -11.89 41.03 1.60
N GLY C 105 -11.51 39.85 1.09
CA GLY C 105 -12.47 38.80 0.87
C GLY C 105 -13.05 38.23 2.15
N LEU C 106 -12.36 38.39 3.27
CA LEU C 106 -12.85 37.91 4.56
C LEU C 106 -13.61 39.04 5.24
N CYS C 107 -14.86 39.23 4.80
CA CYS C 107 -15.74 40.23 5.37
C CYS C 107 -17.17 39.71 5.35
N ASN C 108 -17.89 39.92 6.46
CA ASN C 108 -19.29 39.52 6.53
C ASN C 108 -20.18 40.46 5.73
N ASN C 109 -19.69 41.64 5.37
CA ASN C 109 -20.50 42.62 4.66
C ASN C 109 -20.94 42.13 3.29
N ASN C 110 -20.20 41.21 2.68
CA ASN C 110 -20.58 40.67 1.38
C ASN C 110 -21.87 39.88 1.53
N ASP C 111 -22.83 40.16 0.64
CA ASP C 111 -24.14 39.51 0.72
C ASP C 111 -24.02 38.01 0.50
N GLU C 112 -23.24 37.60 -0.50
CA GLU C 112 -23.05 36.18 -0.80
C GLU C 112 -21.71 36.01 -1.50
N GLU C 113 -21.00 34.94 -1.16
CA GLU C 113 -19.68 34.66 -1.68
C GLU C 113 -19.61 33.21 -2.15
N ASP C 114 -18.55 32.90 -2.88
CA ASP C 114 -18.33 31.52 -3.31
C ASP C 114 -18.00 30.64 -2.11
N LEU C 115 -18.31 29.36 -2.23
CA LEU C 115 -18.05 28.38 -1.18
C LEU C 115 -16.99 27.40 -1.64
N TYR C 116 -16.40 26.71 -0.67
CA TYR C 116 -15.36 25.73 -0.91
C TYR C 116 -15.69 24.45 -0.18
N GLU C 117 -15.05 23.35 -0.60
CA GLU C 117 -15.18 22.11 0.13
C GLU C 117 -14.58 22.25 1.53
N TYR C 118 -15.16 21.53 2.48
CA TYR C 118 -14.72 21.67 3.86
C TYR C 118 -13.29 21.17 4.03
N GLY C 119 -12.54 21.87 4.88
CA GLY C 119 -11.19 21.45 5.20
C GLY C 119 -10.10 22.07 4.36
N TRP C 120 -10.06 23.40 4.29
CA TRP C 120 -8.99 24.12 3.62
C TRP C 120 -8.24 24.97 4.63
N VAL C 121 -6.92 24.97 4.51
CA VAL C 121 -6.05 25.74 5.38
C VAL C 121 -5.86 27.12 4.77
N GLY C 122 -6.35 28.14 5.45
CA GLY C 122 -6.33 29.48 4.89
C GLY C 122 -5.05 30.23 5.11
N VAL C 123 -4.45 30.70 4.03
CA VAL C 123 -3.25 31.53 4.08
C VAL C 123 -3.67 32.97 3.80
N VAL C 124 -3.49 33.84 4.80
CA VAL C 124 -3.87 35.24 4.71
C VAL C 124 -2.66 36.08 5.04
N LYS C 125 -2.32 37.02 4.15
CA LYS C 125 -1.26 37.98 4.40
C LYS C 125 -1.90 39.30 4.78
N LEU C 126 -1.79 39.68 6.05
CA LEU C 126 -2.40 40.91 6.53
C LEU C 126 -1.80 42.12 5.81
N GLU C 127 -2.65 43.09 5.50
CA GLU C 127 -2.24 44.27 4.76
C GLU C 127 -1.42 45.19 5.65
N GLN C 128 -1.05 46.34 5.11
CA GLN C 128 -0.37 47.35 5.90
C GLN C 128 -1.32 47.87 6.98
N PRO C 129 -0.80 48.17 8.18
CA PRO C 129 -1.70 48.61 9.27
C PRO C 129 -2.47 49.88 8.96
N GLU C 130 -1.89 50.79 8.18
CA GLU C 130 -2.55 52.04 7.82
C GLU C 130 -3.29 51.97 6.50
N LEU C 131 -3.23 50.83 5.79
CA LEU C 131 -3.89 50.73 4.50
C LEU C 131 -5.40 50.85 4.63
N ASP C 132 -5.98 50.20 5.63
CA ASP C 132 -7.42 50.25 5.87
C ASP C 132 -7.69 50.82 7.26
N PRO C 133 -7.94 52.13 7.38
CA PRO C 133 -8.25 52.69 8.70
C PRO C 133 -9.55 52.18 9.28
N LYS C 134 -10.47 51.68 8.47
CA LYS C 134 -11.77 51.18 8.93
C LYS C 134 -11.97 49.77 8.39
N PRO C 135 -11.32 48.78 8.98
CA PRO C 135 -11.49 47.40 8.51
C PRO C 135 -12.90 46.90 8.75
N CYS C 136 -13.34 45.99 7.87
CA CYS C 136 -14.64 45.37 8.03
C CYS C 136 -14.71 44.55 9.32
N LEU C 137 -13.62 43.84 9.63
CA LEU C 137 -13.51 43.08 10.86
C LEU C 137 -12.08 43.17 11.37
N THR C 138 -11.88 42.78 12.63
CA THR C 138 -10.54 42.71 13.20
C THR C 138 -9.83 41.46 12.68
N VAL C 139 -8.60 41.26 13.14
CA VAL C 139 -7.84 40.09 12.73
C VAL C 139 -8.52 38.82 13.22
N LEU C 140 -8.91 38.79 14.50
CA LEU C 140 -9.63 37.63 15.02
C LEU C 140 -10.99 37.48 14.36
N GLY C 141 -11.63 38.59 13.99
CA GLY C 141 -12.88 38.50 13.25
C GLY C 141 -12.70 37.84 11.90
N LYS C 142 -11.63 38.20 11.18
CA LYS C 142 -11.34 37.55 9.90
C LYS C 142 -11.01 36.07 10.12
N ALA C 143 -10.29 35.76 11.19
CA ALA C 143 -9.96 34.37 11.48
C ALA C 143 -11.22 33.54 11.71
N LYS C 144 -12.13 34.05 12.55
CA LYS C 144 -13.34 33.30 12.82
C LYS C 144 -14.24 33.24 11.59
N ARG C 145 -14.24 34.29 10.76
CA ARG C 145 -15.00 34.23 9.52
C ARG C 145 -14.45 33.15 8.59
N ALA C 146 -13.12 33.06 8.49
CA ALA C 146 -12.52 32.01 7.67
C ALA C 146 -12.86 30.63 8.20
N VAL C 147 -12.80 30.46 9.52
CA VAL C 147 -13.18 29.17 10.12
C VAL C 147 -14.64 28.85 9.82
N GLN C 148 -15.49 29.88 9.81
CA GLN C 148 -16.88 29.69 9.40
C GLN C 148 -16.96 29.23 7.95
N ARG C 149 -16.10 29.78 7.09
CA ARG C 149 -16.24 29.56 5.65
C ARG C 149 -15.62 28.23 5.23
N GLY C 150 -15.52 27.28 6.15
CA GLY C 150 -15.07 25.95 5.82
C GLY C 150 -13.61 25.67 6.08
N ALA C 151 -12.90 26.58 6.75
CA ALA C 151 -11.49 26.36 7.02
C ALA C 151 -11.31 25.31 8.11
N THR C 152 -10.15 24.67 8.11
CA THR C 152 -9.73 23.79 9.18
C THR C 152 -8.64 24.39 10.04
N ALA C 153 -8.05 25.50 9.60
CA ALA C 153 -7.02 26.24 10.33
C ALA C 153 -6.84 27.55 9.58
N VAL C 154 -5.97 28.41 10.11
CA VAL C 154 -5.60 29.65 9.43
C VAL C 154 -4.09 29.84 9.62
N ILE C 155 -3.42 30.31 8.57
CA ILE C 155 -2.00 30.63 8.62
C ILE C 155 -1.88 32.10 8.21
N PHE C 156 -1.92 32.99 9.19
CA PHE C 156 -1.77 34.40 8.92
C PHE C 156 -0.31 34.75 8.67
N ASP C 157 -0.09 35.73 7.80
CA ASP C 157 1.22 36.32 7.58
C ASP C 157 1.19 37.75 8.10
N VAL C 158 2.08 38.05 9.04
CA VAL C 158 2.06 39.32 9.74
C VAL C 158 3.39 40.05 9.55
N SER C 159 4.02 39.82 8.39
CA SER C 159 5.29 40.49 8.11
C SER C 159 5.11 42.01 8.06
N GLU C 160 4.04 42.46 7.42
CA GLU C 160 3.76 43.89 7.33
C GLU C 160 2.84 44.41 8.42
N ASN C 161 2.30 43.52 9.26
CA ASN C 161 1.33 43.89 10.29
C ASN C 161 1.78 43.31 11.63
N PRO C 162 2.80 43.90 12.25
CA PRO C 162 3.28 43.36 13.54
C PRO C 162 2.23 43.39 14.64
N GLU C 163 1.33 44.37 14.63
CA GLU C 163 0.36 44.51 15.72
C GLU C 163 -0.69 43.41 15.72
N ALA C 164 -0.81 42.66 14.62
CA ALA C 164 -1.75 41.55 14.60
C ALA C 164 -1.34 40.46 15.57
N ILE C 165 -0.04 40.26 15.79
CA ILE C 165 0.42 39.31 16.79
C ILE C 165 -0.07 39.72 18.17
N ASP C 166 0.08 41.01 18.49
CA ASP C 166 -0.40 41.51 19.77
C ASP C 166 -1.91 41.36 19.89
N GLN C 167 -2.64 41.66 18.82
CA GLN C 167 -4.10 41.50 18.84
C GLN C 167 -4.49 40.06 19.13
N LEU C 168 -3.86 39.11 18.42
CA LEU C 168 -4.19 37.70 18.62
C LEU C 168 -3.82 37.24 20.02
N ASN C 169 -2.64 37.62 20.51
CA ASN C 169 -2.23 37.19 21.85
C ASN C 169 -3.13 37.78 22.93
N GLN C 170 -3.49 39.05 22.80
CA GLN C 170 -4.44 39.65 23.74
C GLN C 170 -5.81 39.01 23.63
N GLY C 171 -6.14 38.47 22.45
CA GLY C 171 -7.42 37.84 22.23
C GLY C 171 -7.57 36.48 22.90
N SER C 172 -6.73 36.21 23.89
CA SER C 172 -6.82 34.94 24.61
C SER C 172 -8.14 34.76 25.32
N GLU C 173 -8.87 35.84 25.58
CA GLU C 173 -10.19 35.75 26.18
C GLU C 173 -11.23 35.18 25.23
N ASP C 174 -10.90 35.04 23.94
CA ASP C 174 -11.81 34.52 22.93
C ASP C 174 -11.12 33.40 22.16
N PRO C 175 -10.91 32.25 22.79
CA PRO C 175 -10.20 31.15 22.13
C PRO C 175 -10.99 30.61 20.94
N LEU C 176 -10.25 30.09 19.97
CA LEU C 176 -10.83 29.49 18.78
C LEU C 176 -10.51 28.00 18.74
N LYS C 177 -11.51 27.19 18.39
CA LYS C 177 -11.36 25.74 18.44
C LYS C 177 -10.38 25.24 17.39
N ARG C 178 -10.32 25.89 16.23
CA ARG C 178 -9.33 25.35 15.31
C ARG C 178 -8.04 26.14 15.37
N PRO C 179 -6.89 25.48 15.22
CA PRO C 179 -5.61 26.15 15.41
C PRO C 179 -5.42 27.31 14.44
N VAL C 180 -4.85 28.40 14.93
CA VAL C 180 -4.54 29.58 14.14
C VAL C 180 -3.06 29.90 14.35
N VAL C 181 -2.28 29.82 13.28
CA VAL C 181 -0.84 30.06 13.34
C VAL C 181 -0.56 31.39 12.68
N TYR C 182 0.44 32.11 13.21
CA TYR C 182 0.94 33.33 12.59
C TYR C 182 2.41 33.14 12.25
N VAL C 183 2.79 33.60 11.06
CA VAL C 183 4.14 33.43 10.54
C VAL C 183 4.66 34.79 10.09
N LYS C 184 5.91 35.09 10.43
CA LYS C 184 6.54 36.34 10.04
C LYS C 184 7.94 36.06 9.53
N GLY C 185 8.43 36.95 8.66
CA GLY C 185 9.80 36.86 8.20
C GLY C 185 10.01 35.99 6.98
N ALA C 186 11.21 35.40 6.90
CA ALA C 186 11.57 34.61 5.73
C ALA C 186 10.67 33.40 5.57
N ASP C 187 10.16 32.85 6.67
CA ASP C 187 9.24 31.71 6.57
C ASP C 187 7.97 32.12 5.84
N ALA C 188 7.38 33.24 6.23
CA ALA C 188 6.20 33.74 5.54
C ALA C 188 6.52 34.10 4.09
N ILE C 189 7.71 34.67 3.86
CA ILE C 189 8.11 35.04 2.51
C ILE C 189 8.16 33.82 1.61
N LYS C 190 8.79 32.75 2.09
CA LYS C 190 8.90 31.55 1.27
C LYS C 190 7.57 30.83 1.13
N LEU C 191 6.71 30.90 2.15
CA LEU C 191 5.36 30.35 2.01
C LEU C 191 4.58 31.08 0.92
N MET C 192 4.68 32.41 0.90
CA MET C 192 4.02 33.17 -0.16
C MET C 192 4.62 32.84 -1.51
N ASN C 193 5.93 32.66 -1.58
CA ASN C 193 6.56 32.28 -2.85
C ASN C 193 6.03 30.94 -3.33
N ILE C 194 5.89 29.97 -2.41
CA ILE C 194 5.40 28.65 -2.80
C ILE C 194 3.95 28.74 -3.27
N VAL C 195 3.10 29.46 -2.53
CA VAL C 195 1.70 29.52 -2.92
C VAL C 195 1.53 30.27 -4.23
N ASN C 196 2.41 31.23 -4.53
CA ASN C 196 2.34 31.91 -5.81
C ASN C 196 2.83 31.01 -6.95
N LYS C 197 3.94 30.31 -6.75
CA LYS C 197 4.55 29.57 -7.84
C LYS C 197 3.90 28.22 -8.09
N GLN C 198 3.11 27.69 -7.16
CA GLN C 198 2.57 26.36 -7.30
C GLN C 198 1.07 26.41 -7.59
N LYS C 199 0.53 25.26 -7.98
CA LYS C 199 -0.88 25.13 -8.34
C LYS C 199 -1.70 24.51 -7.22
N VAL C 200 -1.33 23.30 -6.78
CA VAL C 200 -2.04 22.57 -5.74
C VAL C 200 -1.02 22.01 -4.76
N ALA C 201 -1.28 22.22 -3.47
CA ALA C 201 -0.40 21.74 -2.41
C ALA C 201 -1.24 21.25 -1.23
N ARG C 202 -0.57 20.85 -0.16
CA ARG C 202 -1.24 20.38 1.04
C ARG C 202 -0.46 20.90 2.24
N ALA C 203 -1.05 21.85 2.97
CA ALA C 203 -0.38 22.38 4.15
C ALA C 203 -0.55 21.41 5.32
N ARG C 204 0.44 21.42 6.21
CA ARG C 204 0.44 20.57 7.39
C ARG C 204 1.09 21.32 8.53
N ILE C 205 0.49 21.24 9.72
CA ILE C 205 0.95 21.99 10.88
C ILE C 205 1.05 21.02 12.06
N GLN C 206 2.21 21.00 12.70
CA GLN C 206 2.46 20.14 13.85
C GLN C 206 3.03 20.96 15.00
N HIS C 207 2.99 20.37 16.19
CA HIS C 207 3.53 21.02 17.38
C HIS C 207 4.36 20.05 18.21
N GLN C 212 4.77 13.87 32.36
CA GLN C 212 6.05 13.22 32.60
C GLN C 212 6.58 13.58 33.99
N PRO C 213 6.05 12.92 35.03
CA PRO C 213 6.49 13.16 36.41
C PRO C 213 7.72 12.35 36.82
N THR C 214 8.73 12.34 35.94
CA THR C 214 9.96 11.61 36.23
C THR C 214 10.86 12.34 37.20
N GLU C 215 10.68 13.67 37.36
CA GLU C 215 11.51 14.42 38.29
C GLU C 215 11.31 13.97 39.73
N TYR C 216 10.09 13.51 40.06
CA TYR C 216 9.86 12.96 41.40
C TYR C 216 10.69 11.71 41.63
N PHE C 217 10.74 10.83 40.63
CA PHE C 217 11.54 9.61 40.74
C PHE C 217 13.04 9.88 40.71
N ASP C 218 13.45 11.08 40.34
CA ASP C 218 14.86 11.46 40.38
C ASP C 218 15.22 12.10 41.71
N MET C 219 14.38 13.02 42.19
CA MET C 219 14.62 13.63 43.50
C MET C 219 14.48 12.62 44.62
N GLY C 220 13.55 11.67 44.49
CA GLY C 220 13.37 10.66 45.52
C GLY C 220 14.55 9.75 45.72
N ILE C 221 15.49 9.74 44.77
CA ILE C 221 16.72 8.97 44.94
C ILE C 221 17.53 9.49 46.11
N PHE C 222 17.34 10.75 46.49
CA PHE C 222 18.02 11.30 47.67
C PHE C 222 17.65 10.55 48.94
N LEU C 223 16.51 9.85 48.97
CA LEU C 223 16.14 9.08 50.16
C LEU C 223 17.14 7.97 50.45
N ALA C 224 17.55 7.24 49.41
CA ALA C 224 18.43 6.09 49.59
C ALA C 224 19.80 6.49 50.12
N PHE C 225 20.20 7.76 49.95
CA PHE C 225 21.48 8.23 50.46
C PHE C 225 21.34 9.09 51.71
N PHE C 226 20.16 9.66 51.97
CA PHE C 226 19.91 10.37 53.21
C PHE C 226 19.44 9.45 54.32
N VAL C 227 19.13 8.19 54.02
CA VAL C 227 18.94 7.20 55.08
C VAL C 227 20.22 7.07 55.90
N VAL C 228 21.38 7.26 55.27
CA VAL C 228 22.66 7.19 55.96
C VAL C 228 22.82 8.29 57.00
N VAL C 229 21.97 9.32 56.97
CA VAL C 229 21.97 10.30 58.05
C VAL C 229 21.56 9.63 59.35
N SER C 230 20.64 8.66 59.29
CA SER C 230 20.33 7.85 60.45
C SER C 230 21.55 7.06 60.91
N LEU C 231 22.37 6.61 59.96
CA LEU C 231 23.63 5.95 60.33
C LEU C 231 24.57 6.90 61.04
N VAL C 232 24.63 8.15 60.59
CA VAL C 232 25.45 9.16 61.27
C VAL C 232 24.93 9.40 62.68
N CYS C 233 23.61 9.44 62.83
CA CYS C 233 23.02 9.60 64.16
C CYS C 233 23.37 8.42 65.06
N LEU C 234 23.33 7.20 64.52
CA LEU C 234 23.74 6.03 65.30
C LEU C 234 25.21 6.07 65.65
N ILE C 235 26.04 6.62 64.76
CA ILE C 235 27.47 6.79 65.07
C ILE C 235 27.64 7.76 66.22
N LEU C 236 26.93 8.89 66.18
CA LEU C 236 26.99 9.85 67.28
C LEU C 236 26.37 9.30 68.56
N LEU C 237 25.50 8.30 68.46
CA LEU C 237 24.91 7.70 69.64
C LEU C 237 25.97 7.08 70.54
N VAL C 238 26.94 6.37 69.96
CA VAL C 238 28.02 5.79 70.76
C VAL C 238 29.12 6.79 71.05
N LYS C 239 29.08 7.97 70.43
CA LYS C 239 30.04 9.03 70.68
C LYS C 239 29.40 10.08 71.58
N ILE C 240 30.11 11.19 71.79
CA ILE C 240 29.64 12.30 72.62
C ILE C 240 29.29 11.82 74.03
N LYS D 1 -2.17 51.25 -12.44
CA LYS D 1 -3.00 50.06 -12.49
C LYS D 1 -4.34 50.32 -11.80
N GLY D 2 -4.64 51.61 -11.60
CA GLY D 2 -5.89 52.01 -10.98
C GLY D 2 -6.04 51.58 -9.53
N CYS D 3 -4.95 51.55 -8.78
CA CYS D 3 -4.97 51.16 -7.37
C CYS D 3 -3.99 52.04 -6.61
N LEU D 4 -3.77 51.71 -5.34
CA LEU D 4 -2.89 52.49 -4.48
C LEU D 4 -1.70 51.68 -3.99
N SER D 5 -1.92 50.46 -3.52
CA SER D 5 -0.83 49.65 -2.95
C SER D 5 -0.20 48.74 -4.00
N CYS D 6 -0.99 47.83 -4.57
CA CYS D 6 -0.55 46.86 -5.56
C CYS D 6 0.66 46.07 -5.05
N SER D 7 0.42 45.30 -4.00
CA SER D 7 1.44 44.41 -3.47
C SER D 7 1.79 43.33 -4.48
N LYS D 8 3.02 42.82 -4.39
CA LYS D 8 3.50 41.83 -5.35
C LYS D 8 2.69 40.54 -5.29
N ASP D 9 2.53 39.98 -4.09
CA ASP D 9 1.90 38.67 -3.96
C ASP D 9 0.40 38.79 -3.73
N ASN D 10 -0.02 39.58 -2.73
CA ASN D 10 -1.44 39.68 -2.42
C ASN D 10 -2.22 40.37 -3.53
N GLY D 11 -1.59 41.27 -4.26
CA GLY D 11 -2.23 41.97 -5.36
C GLY D 11 -2.63 43.39 -4.99
N CYS D 12 -3.29 44.03 -5.95
CA CYS D 12 -3.74 45.41 -5.77
C CYS D 12 -4.99 45.42 -4.90
N SER D 13 -4.88 46.04 -3.72
CA SER D 13 -5.95 46.03 -2.73
C SER D 13 -6.82 47.28 -2.80
N ARG D 14 -6.23 48.46 -2.62
CA ARG D 14 -6.99 49.70 -2.52
C ARG D 14 -7.25 50.26 -3.90
N CYS D 15 -8.31 49.77 -4.54
CA CYS D 15 -8.68 50.25 -5.86
C CYS D 15 -9.31 51.63 -5.78
N GLN D 16 -9.27 52.35 -6.90
CA GLN D 16 -9.85 53.68 -6.98
C GLN D 16 -11.37 53.60 -6.83
N GLN D 17 -11.95 54.68 -6.30
CA GLN D 17 -13.38 54.73 -6.09
C GLN D 17 -14.17 54.66 -7.38
N LYS D 18 -13.54 55.00 -8.52
CA LYS D 18 -14.20 54.92 -9.81
C LYS D 18 -14.05 53.56 -10.47
N LEU D 19 -13.38 52.62 -9.82
CA LEU D 19 -13.15 51.29 -10.37
C LEU D 19 -13.69 50.23 -9.42
N PHE D 20 -14.43 49.28 -9.96
CA PHE D 20 -14.90 48.15 -9.17
C PHE D 20 -13.73 47.28 -8.72
N PHE D 21 -13.85 46.73 -7.53
CA PHE D 21 -12.87 45.82 -6.96
C PHE D 21 -13.31 44.38 -7.21
N PHE D 22 -12.36 43.55 -7.66
CA PHE D 22 -12.68 42.17 -8.01
C PHE D 22 -11.61 41.26 -7.40
N LEU D 23 -12.05 40.06 -7.03
CA LEU D 23 -11.18 39.05 -6.44
C LEU D 23 -11.05 37.90 -7.44
N ARG D 24 -9.85 37.73 -7.99
CA ARG D 24 -9.60 36.70 -8.99
C ARG D 24 -8.87 35.53 -8.34
N ARG D 25 -9.38 34.33 -8.56
CA ARG D 25 -8.85 33.12 -7.95
C ARG D 25 -8.55 32.09 -9.02
N GLU D 26 -7.32 31.59 -9.02
CA GLU D 26 -6.93 30.44 -9.85
C GLU D 26 -6.02 29.55 -9.04
N GLY D 27 -6.45 28.31 -8.80
CA GLY D 27 -5.66 27.42 -7.97
C GLY D 27 -5.58 27.92 -6.54
N MET D 28 -4.43 27.71 -5.92
CA MET D 28 -4.23 28.14 -4.53
C MET D 28 -4.29 29.65 -4.41
N ARG D 29 -3.66 30.37 -5.33
CA ARG D 29 -3.51 31.80 -5.18
C ARG D 29 -4.80 32.54 -5.53
N GLN D 30 -4.98 33.70 -4.89
CA GLN D 30 -6.12 34.57 -5.14
C GLN D 30 -5.69 36.00 -4.85
N TYR D 31 -5.98 36.91 -5.77
CA TYR D 31 -5.51 38.29 -5.64
C TYR D 31 -6.64 39.25 -5.97
N GLY D 32 -6.35 40.54 -5.79
CA GLY D 32 -7.31 41.60 -6.02
C GLY D 32 -6.93 42.42 -7.25
N GLU D 33 -7.96 42.94 -7.93
CA GLU D 33 -7.75 43.71 -9.15
C GLU D 33 -8.83 44.78 -9.24
N CYS D 34 -8.56 45.77 -10.08
CA CYS D 34 -9.48 46.89 -10.31
C CYS D 34 -9.97 46.84 -11.76
N LEU D 35 -11.29 46.80 -11.94
CA LEU D 35 -11.90 46.72 -13.25
C LEU D 35 -12.95 47.80 -13.40
N HIS D 36 -12.98 48.43 -14.58
CA HIS D 36 -13.98 49.45 -14.85
C HIS D 36 -15.39 48.86 -14.82
N SER D 37 -15.56 47.67 -15.39
CA SER D 37 -16.86 47.03 -15.47
C SER D 37 -16.78 45.60 -14.95
N CYS D 38 -17.90 45.12 -14.43
CA CYS D 38 -17.96 43.73 -13.97
C CYS D 38 -17.77 42.77 -15.14
N PRO D 39 -17.04 41.68 -14.96
CA PRO D 39 -17.00 40.65 -16.00
C PRO D 39 -18.30 39.87 -16.06
N SER D 40 -18.40 38.92 -16.99
CA SER D 40 -19.63 38.16 -17.16
C SER D 40 -19.93 37.33 -15.91
N GLY D 41 -21.21 37.25 -15.55
CA GLY D 41 -21.61 36.51 -14.37
C GLY D 41 -21.46 37.26 -13.06
N TYR D 42 -21.47 38.60 -13.10
CA TYR D 42 -21.31 39.39 -11.89
C TYR D 42 -22.11 40.67 -12.03
N TYR D 43 -22.40 41.30 -10.89
CA TYR D 43 -23.11 42.57 -10.85
C TYR D 43 -22.34 43.57 -10.01
N GLY D 44 -22.29 44.81 -10.48
CA GLY D 44 -21.53 45.84 -9.80
C GLY D 44 -22.27 46.52 -8.67
N HIS D 45 -21.94 46.15 -7.44
CA HIS D 45 -22.52 46.77 -6.24
C HIS D 45 -21.52 47.79 -5.72
N ARG D 46 -21.79 49.07 -5.95
CA ARG D 46 -20.92 50.14 -5.48
C ARG D 46 -21.18 50.40 -4.01
N ALA D 47 -20.12 50.40 -3.21
CA ALA D 47 -20.20 50.65 -1.78
C ALA D 47 -19.25 51.78 -1.39
N PRO D 48 -19.57 52.54 -0.35
CA PRO D 48 -18.71 53.68 0.01
C PRO D 48 -17.28 53.29 0.35
N ASP D 49 -17.08 52.15 1.01
CA ASP D 49 -15.72 51.72 1.33
C ASP D 49 -14.95 51.34 0.07
N MET D 50 -15.59 50.63 -0.85
CA MET D 50 -14.97 50.21 -2.10
C MET D 50 -16.05 49.64 -3.01
N ASN D 51 -15.89 49.87 -4.31
CA ASN D 51 -16.85 49.40 -5.31
C ASN D 51 -16.63 47.91 -5.54
N ARG D 52 -17.61 47.10 -5.18
CA ARG D 52 -17.50 45.65 -5.31
C ARG D 52 -18.13 45.18 -6.61
N CYS D 53 -17.54 44.12 -7.18
CA CYS D 53 -18.13 43.42 -8.31
C CYS D 53 -18.57 42.05 -7.78
N ALA D 54 -19.80 42.00 -7.26
CA ALA D 54 -20.25 40.83 -6.54
C ALA D 54 -20.72 39.73 -7.49
N ARG D 55 -20.69 38.49 -6.99
CA ARG D 55 -21.09 37.34 -7.78
C ARG D 55 -22.60 37.35 -8.04
N CYS D 56 -22.98 37.05 -9.28
CA CYS D 56 -24.38 36.98 -9.63
C CYS D 56 -25.05 35.78 -8.95
N ARG D 57 -26.32 35.96 -8.59
CA ARG D 57 -27.09 34.90 -7.95
C ARG D 57 -28.42 34.61 -8.63
N ILE D 58 -28.84 35.41 -9.59
CA ILE D 58 -30.05 35.13 -10.36
C ILE D 58 -29.74 34.01 -11.34
N GLU D 59 -30.60 32.99 -11.38
CA GLU D 59 -30.33 31.79 -12.16
C GLU D 59 -30.28 32.08 -13.65
N ASN D 60 -29.43 31.33 -14.35
CA ASN D 60 -29.34 31.33 -15.81
C ASN D 60 -29.02 32.71 -16.39
N CYS D 61 -28.43 33.59 -15.60
CA CYS D 61 -28.18 34.96 -16.02
C CYS D 61 -26.73 35.11 -16.46
N ASP D 62 -26.52 35.73 -17.63
CA ASP D 62 -25.17 36.02 -18.09
C ASP D 62 -24.63 37.30 -17.46
N SER D 63 -25.37 38.40 -17.60
CA SER D 63 -24.99 39.66 -16.99
C SER D 63 -26.22 40.26 -16.32
N CYS D 64 -26.05 40.75 -15.08
CA CYS D 64 -27.16 41.29 -14.32
C CYS D 64 -26.79 42.66 -13.77
N PHE D 65 -27.74 43.60 -13.85
CA PHE D 65 -27.55 44.90 -13.26
C PHE D 65 -27.46 44.81 -11.74
N SER D 66 -28.30 43.98 -11.13
CA SER D 66 -28.28 43.73 -9.70
C SER D 66 -28.36 42.22 -9.46
N LYS D 67 -28.25 41.82 -8.20
CA LYS D 67 -28.30 40.40 -7.87
C LYS D 67 -29.64 39.77 -8.22
N ASP D 68 -30.69 40.57 -8.31
CA ASP D 68 -32.02 40.07 -8.65
C ASP D 68 -32.41 40.36 -10.10
N PHE D 69 -32.21 41.60 -10.56
CA PHE D 69 -32.55 41.98 -11.93
C PHE D 69 -31.45 41.56 -12.88
N CYS D 70 -31.80 40.76 -13.88
CA CYS D 70 -30.85 40.26 -14.87
C CYS D 70 -30.98 41.09 -16.14
N THR D 71 -29.86 41.66 -16.59
CA THR D 71 -29.86 42.45 -17.82
C THR D 71 -29.91 41.55 -19.05
N LYS D 72 -28.89 40.72 -19.24
CA LYS D 72 -28.81 39.79 -20.34
C LYS D 72 -28.81 38.37 -19.78
N CYS D 73 -29.85 37.61 -20.11
CA CYS D 73 -29.98 36.23 -19.67
C CYS D 73 -29.26 35.29 -20.64
N LYS D 74 -29.42 33.99 -20.45
CA LYS D 74 -28.81 33.02 -21.34
C LYS D 74 -29.64 32.84 -22.62
N VAL D 75 -29.09 32.06 -23.55
CA VAL D 75 -29.77 31.83 -24.82
C VAL D 75 -31.03 30.98 -24.61
N GLY D 76 -31.01 30.04 -23.68
CA GLY D 76 -32.12 29.15 -23.47
C GLY D 76 -33.29 29.72 -22.67
N PHE D 77 -33.18 30.96 -22.22
CA PHE D 77 -34.24 31.59 -21.43
C PHE D 77 -34.41 33.02 -21.89
N TYR D 78 -35.61 33.56 -21.64
CA TYR D 78 -35.95 34.92 -22.03
C TYR D 78 -36.34 35.72 -20.79
N LEU D 79 -36.12 37.03 -20.85
CA LEU D 79 -36.44 37.91 -19.74
C LEU D 79 -37.86 38.43 -19.91
N HIS D 80 -38.75 38.06 -18.98
CA HIS D 80 -40.10 38.61 -18.98
C HIS D 80 -40.07 40.08 -18.54
N ARG D 81 -39.61 40.33 -17.33
CA ARG D 81 -39.30 41.68 -16.87
C ARG D 81 -37.82 41.83 -16.55
N GLY D 82 -37.29 41.03 -15.64
CA GLY D 82 -35.87 41.04 -15.35
C GLY D 82 -35.33 39.66 -15.00
N ARG D 83 -36.13 38.62 -15.21
CA ARG D 83 -35.78 37.27 -14.77
C ARG D 83 -35.85 36.30 -15.94
N CYS D 84 -34.98 35.28 -15.88
CA CYS D 84 -34.97 34.25 -16.90
C CYS D 84 -36.18 33.34 -16.77
N PHE D 85 -36.80 33.02 -17.90
CA PHE D 85 -37.89 32.06 -17.96
C PHE D 85 -37.79 31.28 -19.26
N ASP D 86 -37.98 29.96 -19.17
CA ASP D 86 -37.95 29.12 -20.36
C ASP D 86 -39.24 29.26 -21.18
N GLU D 87 -40.33 29.70 -20.56
CA GLU D 87 -41.58 29.92 -21.27
C GLU D 87 -42.36 30.99 -20.50
N CYS D 88 -42.35 32.21 -21.02
CA CYS D 88 -43.04 33.30 -20.37
C CYS D 88 -44.55 33.10 -20.46
N PRO D 89 -45.31 33.57 -19.46
CA PRO D 89 -46.77 33.44 -19.45
C PRO D 89 -47.45 34.31 -20.52
N GLY D 91 -49.03 36.08 -22.71
CA GLY D 91 -48.60 37.45 -22.49
C GLY D 91 -47.90 38.05 -23.68
N PHE D 92 -46.70 37.55 -23.97
CA PHE D 92 -45.89 38.03 -25.09
C PHE D 92 -45.21 36.83 -25.75
N ALA D 93 -44.76 37.04 -26.98
CA ALA D 93 -44.05 35.99 -27.70
C ALA D 93 -42.75 35.66 -26.99
N PRO D 94 -42.45 34.38 -26.76
CA PRO D 94 -41.21 34.04 -26.03
C PRO D 94 -39.95 34.54 -26.70
N LEU D 95 -39.88 34.54 -28.03
CA LEU D 95 -38.66 34.92 -28.74
C LEU D 95 -38.58 36.42 -28.97
N ASP D 96 -39.56 36.99 -29.66
CA ASP D 96 -39.59 38.41 -30.00
C ASP D 96 -38.36 38.82 -30.82
N GLU D 97 -37.72 37.85 -31.48
CA GLU D 97 -36.57 38.08 -32.35
C GLU D 97 -35.37 38.65 -31.61
N THR D 98 -35.48 38.76 -30.28
CA THR D 98 -34.39 39.31 -29.45
C THR D 98 -34.09 38.41 -28.26
N MET D 99 -34.57 37.16 -28.28
CA MET D 99 -34.39 36.23 -27.17
C MET D 99 -34.93 36.81 -25.87
N GLU D 100 -36.02 37.55 -25.97
CA GLU D 100 -36.65 38.19 -24.82
C GLU D 100 -38.16 38.07 -24.94
N CYS D 101 -38.84 38.24 -23.81
CA CYS D 101 -40.29 38.20 -23.76
C CYS D 101 -40.84 39.18 -22.73
N LYS E 56 2.42 2.35 19.81
CA LYS E 56 1.17 1.71 20.19
C LYS E 56 0.25 2.70 20.89
N GLU E 57 0.60 3.98 20.80
CA GLU E 57 -0.20 5.02 21.45
C GLU E 57 -1.60 5.04 20.87
N THR E 58 -2.60 5.08 21.76
CA THR E 58 -3.99 5.08 21.33
C THR E 58 -4.30 6.41 20.62
N ALA E 59 -4.44 6.36 19.30
CA ALA E 59 -4.71 7.55 18.53
C ALA E 59 -6.19 7.92 18.59
N PHE E 60 -6.47 9.20 18.78
CA PHE E 60 -7.83 9.71 18.80
C PHE E 60 -8.25 10.01 17.36
N VAL E 61 -9.19 9.22 16.85
CA VAL E 61 -9.73 9.40 15.51
C VAL E 61 -11.10 10.04 15.64
N GLU E 62 -11.24 11.25 15.13
CA GLU E 62 -12.49 12.00 15.19
C GLU E 62 -13.06 12.12 13.79
N VAL E 63 -14.27 11.63 13.60
CA VAL E 63 -14.98 11.84 12.35
C VAL E 63 -15.82 13.11 12.48
N VAL E 64 -15.89 13.88 11.40
CA VAL E 64 -16.60 15.14 11.37
C VAL E 64 -17.50 15.11 10.15
N LEU E 65 -18.81 15.02 10.38
CA LEU E 65 -19.78 15.04 9.29
C LEU E 65 -20.30 16.46 9.12
N PHE E 66 -20.25 16.97 7.90
CA PHE E 66 -20.56 18.36 7.61
C PHE E 66 -21.71 18.45 6.62
N GLU E 67 -22.54 19.48 6.80
CA GLU E 67 -23.66 19.73 5.92
C GLU E 67 -23.64 21.11 5.28
N SER E 68 -22.78 22.01 5.74
CA SER E 68 -22.62 23.34 5.17
C SER E 68 -23.91 24.14 5.24
N SER E 69 -23.99 25.22 4.46
CA SER E 69 -25.17 26.06 4.38
C SER E 69 -25.11 26.83 3.08
N PRO E 70 -26.23 27.40 2.61
CA PRO E 70 -26.20 28.13 1.33
C PRO E 70 -25.29 29.34 1.33
N SER E 71 -24.93 29.89 2.50
CA SER E 71 -24.10 31.08 2.58
C SER E 71 -22.80 30.82 3.34
N GLY E 72 -22.18 29.68 3.11
CA GLY E 72 -20.97 29.32 3.85
C GLY E 72 -21.31 28.81 5.22
N ASP E 73 -20.53 29.20 6.23
CA ASP E 73 -20.78 28.87 7.64
C ASP E 73 -21.07 27.38 7.79
N TYR E 74 -20.04 26.58 7.51
CA TYR E 74 -20.18 25.12 7.50
C TYR E 74 -20.68 24.61 8.85
N THR E 75 -21.67 23.73 8.79
CA THR E 75 -22.26 23.10 9.98
C THR E 75 -21.65 21.71 10.12
N THR E 76 -20.84 21.52 11.15
CA THR E 76 -20.09 20.30 11.35
C THR E 76 -20.44 19.67 12.69
N TYR E 77 -20.57 18.35 12.70
CA TYR E 77 -20.89 17.59 13.90
C TYR E 77 -19.86 16.49 14.06
N THR E 78 -19.36 16.33 15.29
CA THR E 78 -18.18 15.52 15.56
C THR E 78 -18.55 14.24 16.30
N THR E 79 -17.73 13.21 16.10
CA THR E 79 -17.88 11.94 16.81
C THR E 79 -16.49 11.34 16.96
N GLY E 80 -16.03 11.20 18.20
CA GLY E 80 -14.70 10.69 18.44
C GLY E 80 -14.65 9.20 18.72
N LEU E 81 -13.45 8.64 18.59
CA LEU E 81 -13.20 7.24 18.94
C LEU E 81 -11.71 7.06 19.11
N THR E 82 -11.33 5.88 19.61
CA THR E 82 -9.95 5.57 19.93
C THR E 82 -9.52 4.33 19.16
N GLY E 83 -8.37 4.41 18.51
CA GLY E 83 -7.84 3.28 17.76
C GLY E 83 -6.38 3.04 18.08
N ARG E 84 -6.04 1.77 18.24
CA ARG E 84 -4.67 1.41 18.58
C ARG E 84 -3.75 1.67 17.39
N PHE E 85 -2.63 2.33 17.65
CA PHE E 85 -1.63 2.55 16.62
C PHE E 85 -0.97 1.23 16.23
N SER E 86 -0.15 1.29 15.18
CA SER E 86 0.54 0.11 14.68
C SER E 86 2.01 0.44 14.44
N ARG E 87 2.85 -0.58 14.55
CA ARG E 87 4.28 -0.43 14.35
C ARG E 87 4.66 -0.34 12.87
N ALA E 88 3.72 -0.62 11.97
CA ALA E 88 4.03 -0.57 10.54
C ALA E 88 4.38 0.84 10.10
N GLY E 89 3.66 1.84 10.59
CA GLY E 89 3.85 3.21 10.19
C GLY E 89 4.36 4.09 11.32
N ALA E 90 4.54 5.37 10.99
CA ALA E 90 5.02 6.34 11.95
C ALA E 90 3.92 6.71 12.93
N THR E 91 4.26 7.58 13.87
CA THR E 91 3.33 8.05 14.91
C THR E 91 3.19 9.57 14.76
N LEU E 92 2.25 9.99 13.94
CA LEU E 92 2.03 11.42 13.71
C LEU E 92 0.59 11.62 13.26
N SER E 93 0.15 12.88 13.33
CA SER E 93 -1.23 13.22 13.03
C SER E 93 -1.53 13.08 11.54
N ALA E 94 -2.81 12.91 11.23
CA ALA E 94 -3.27 12.84 9.85
C ALA E 94 -4.72 13.29 9.79
N GLU E 95 -5.10 13.85 8.65
CA GLU E 95 -6.44 14.40 8.46
C GLU E 95 -6.80 14.33 6.98
N GLY E 96 -8.04 13.97 6.69
CA GLY E 96 -8.48 13.96 5.31
C GLY E 96 -9.85 13.35 5.16
N GLU E 97 -10.36 13.43 3.94
CA GLU E 97 -11.64 12.81 3.61
C GLU E 97 -11.53 11.29 3.65
N ILE E 98 -12.49 10.64 4.28
CA ILE E 98 -12.46 9.20 4.43
C ILE E 98 -12.91 8.55 3.12
N VAL E 99 -12.30 7.41 2.80
CA VAL E 99 -12.64 6.63 1.61
C VAL E 99 -12.50 5.16 1.95
N GLN E 100 -13.54 4.38 1.71
CA GLN E 100 -13.47 2.94 1.96
C GLN E 100 -12.76 2.25 0.80
N MET E 101 -12.09 1.14 1.13
CA MET E 101 -11.39 0.34 0.13
C MET E 101 -11.68 -1.13 0.39
N HIS E 102 -12.06 -1.83 -0.67
CA HIS E 102 -12.28 -3.27 -0.57
C HIS E 102 -10.95 -3.99 -0.37
N PRO E 103 -10.93 -5.08 0.40
CA PRO E 103 -9.67 -5.81 0.57
C PRO E 103 -9.08 -6.30 -0.74
N LEU E 104 -9.94 -6.71 -1.68
CA LEU E 104 -9.46 -7.07 -3.01
C LEU E 104 -9.19 -5.87 -3.89
N GLY E 105 -9.58 -4.67 -3.46
CA GLY E 105 -9.35 -3.46 -4.24
C GLY E 105 -7.93 -2.97 -4.21
N LEU E 106 -7.09 -3.51 -3.34
CA LEU E 106 -5.68 -3.14 -3.24
C LEU E 106 -4.85 -4.34 -3.66
N CYS E 107 -4.62 -4.47 -4.96
CA CYS E 107 -3.78 -5.51 -5.52
C CYS E 107 -3.04 -4.94 -6.72
N ASN E 108 -1.72 -5.08 -6.72
CA ASN E 108 -0.91 -4.51 -7.80
C ASN E 108 -1.02 -5.29 -9.11
N ASN E 109 -1.90 -6.29 -9.20
CA ASN E 109 -2.07 -7.01 -10.46
C ASN E 109 -2.57 -6.08 -11.56
N ASN E 110 -3.56 -5.24 -11.25
CA ASN E 110 -4.06 -4.27 -12.21
C ASN E 110 -3.08 -3.12 -12.35
N ASP E 111 -2.74 -2.79 -13.59
CA ASP E 111 -1.77 -1.70 -13.82
C ASP E 111 -2.33 -0.37 -13.36
N GLU E 112 -3.60 -0.09 -13.65
CA GLU E 112 -4.23 1.15 -13.24
C GLU E 112 -5.72 0.91 -13.03
N GLU E 113 -6.25 1.38 -11.91
CA GLU E 113 -7.67 1.27 -11.61
C GLU E 113 -8.40 2.60 -11.78
N ASP E 114 -7.95 3.64 -11.08
CA ASP E 114 -8.52 4.98 -11.14
C ASP E 114 -7.67 5.88 -10.26
N LEU E 115 -7.93 7.18 -10.35
CA LEU E 115 -7.16 8.18 -9.62
C LEU E 115 -8.02 8.80 -8.52
N TYR E 116 -7.44 8.93 -7.33
CA TYR E 116 -8.09 9.56 -6.19
C TYR E 116 -7.33 10.82 -5.81
N GLU E 117 -8.06 11.81 -5.29
CA GLU E 117 -7.41 13.02 -4.80
C GLU E 117 -6.55 12.69 -3.59
N TYR E 118 -5.50 13.49 -3.40
CA TYR E 118 -4.54 13.22 -2.35
C TYR E 118 -5.19 13.44 -0.98
N GLY E 119 -4.58 12.84 0.04
CA GLY E 119 -5.04 13.03 1.40
C GLY E 119 -6.27 12.26 1.79
N TRP E 120 -6.68 11.26 1.01
CA TRP E 120 -7.84 10.45 1.34
C TRP E 120 -7.47 9.48 2.45
N VAL E 121 -8.16 9.58 3.59
CA VAL E 121 -7.93 8.66 4.70
C VAL E 121 -8.64 7.35 4.40
N GLY E 122 -7.87 6.30 4.15
CA GLY E 122 -8.46 5.05 3.72
C GLY E 122 -8.97 4.21 4.88
N VAL E 123 -10.02 3.45 4.61
CA VAL E 123 -10.60 2.51 5.56
C VAL E 123 -10.75 1.17 4.86
N VAL E 124 -10.15 0.13 5.42
CA VAL E 124 -10.19 -1.21 4.85
C VAL E 124 -10.71 -2.16 5.91
N LYS E 125 -11.80 -2.85 5.60
CA LYS E 125 -12.40 -3.81 6.53
C LYS E 125 -11.94 -5.21 6.14
N LEU E 126 -11.07 -5.80 6.96
CA LEU E 126 -10.58 -7.14 6.69
C LEU E 126 -11.70 -8.17 6.85
N GLU E 127 -11.55 -9.27 6.13
CA GLU E 127 -12.46 -10.41 6.22
C GLU E 127 -11.71 -11.62 6.79
N GLN E 128 -12.46 -12.69 7.01
CA GLN E 128 -11.91 -13.88 7.64
C GLN E 128 -10.81 -14.47 6.79
N PRO E 129 -9.65 -14.81 7.36
CA PRO E 129 -8.52 -15.25 6.53
C PRO E 129 -8.79 -16.51 5.72
N GLU E 130 -9.56 -17.46 6.26
CA GLU E 130 -9.82 -18.69 5.53
C GLU E 130 -10.69 -18.46 4.30
N LEU E 131 -11.43 -17.36 4.26
CA LEU E 131 -12.21 -17.03 3.07
C LEU E 131 -11.32 -16.72 1.88
N ASP E 132 -10.10 -16.24 2.13
CA ASP E 132 -9.13 -15.91 1.09
C ASP E 132 -7.87 -16.71 1.36
N PRO E 133 -7.82 -17.97 0.91
CA PRO E 133 -6.63 -18.79 1.16
C PRO E 133 -5.36 -18.23 0.54
N LYS E 134 -5.46 -17.54 -0.58
CA LYS E 134 -4.30 -16.98 -1.29
C LYS E 134 -4.53 -15.50 -1.52
N PRO E 135 -4.29 -14.66 -0.50
CA PRO E 135 -4.45 -13.22 -0.69
C PRO E 135 -3.46 -12.68 -1.72
N CYS E 136 -3.92 -11.67 -2.47
CA CYS E 136 -3.04 -11.05 -3.47
C CYS E 136 -1.84 -10.39 -2.80
N LEU E 137 -2.06 -9.69 -1.70
CA LEU E 137 -1.00 -9.02 -0.97
C LEU E 137 -1.27 -9.14 0.53
N THR E 138 -0.20 -8.99 1.31
CA THR E 138 -0.33 -8.98 2.75
C THR E 138 -0.98 -7.69 3.22
N VAL E 139 -1.26 -7.61 4.52
CA VAL E 139 -1.87 -6.40 5.08
C VAL E 139 -0.94 -5.22 4.94
N LEU E 140 0.35 -5.41 5.22
CA LEU E 140 1.32 -4.33 5.04
C LEU E 140 1.44 -3.94 3.57
N GLY E 141 1.40 -4.92 2.67
CA GLY E 141 1.41 -4.60 1.25
C GLY E 141 0.22 -3.76 0.84
N LYS E 142 -0.97 -4.11 1.35
CA LYS E 142 -2.16 -3.31 1.06
C LYS E 142 -2.02 -1.90 1.62
N ALA E 143 -1.47 -1.77 2.83
CA ALA E 143 -1.29 -0.46 3.43
C ALA E 143 -0.35 0.39 2.59
N LYS E 144 0.77 -0.19 2.14
CA LYS E 144 1.72 0.59 1.35
C LYS E 144 1.14 0.92 -0.03
N ARG E 145 0.35 0.01 -0.62
CA ARG E 145 -0.31 0.32 -1.88
C ARG E 145 -1.29 1.48 -1.71
N ALA E 146 -2.05 1.48 -0.62
CA ALA E 146 -2.99 2.58 -0.37
C ALA E 146 -2.24 3.88 -0.16
N VAL E 147 -1.10 3.84 0.54
CA VAL E 147 -0.29 5.04 0.73
C VAL E 147 0.21 5.54 -0.62
N GLN E 148 0.66 4.64 -1.48
CA GLN E 148 1.06 5.03 -2.84
C GLN E 148 -0.10 5.65 -3.60
N ARG E 149 -1.33 5.19 -3.34
CA ARG E 149 -2.50 5.75 -4.01
C ARG E 149 -2.74 7.21 -3.67
N GLY E 150 -2.11 7.73 -2.62
CA GLY E 150 -2.26 9.13 -2.26
C GLY E 150 -2.83 9.34 -0.87
N ALA E 151 -2.94 8.27 -0.10
CA ALA E 151 -3.53 8.34 1.22
C ALA E 151 -2.57 8.99 2.22
N THR E 152 -3.13 9.41 3.36
CA THR E 152 -2.34 9.92 4.46
C THR E 152 -2.43 9.06 5.72
N ALA E 153 -3.39 8.13 5.78
CA ALA E 153 -3.53 7.21 6.90
C ALA E 153 -4.51 6.13 6.51
N VAL E 154 -4.23 4.89 6.91
CA VAL E 154 -5.08 3.75 6.60
C VAL E 154 -5.56 3.13 7.89
N ILE E 155 -6.87 2.92 8.00
CA ILE E 155 -7.51 2.38 9.19
C ILE E 155 -8.08 1.02 8.83
N PHE E 156 -7.59 -0.02 9.49
CA PHE E 156 -7.98 -1.39 9.24
C PHE E 156 -8.98 -1.84 10.30
N ASP E 157 -10.15 -2.30 9.87
CA ASP E 157 -11.13 -2.89 10.77
C ASP E 157 -10.78 -4.37 10.92
N VAL E 158 -10.14 -4.72 12.02
CA VAL E 158 -9.61 -6.07 12.22
C VAL E 158 -10.55 -6.85 13.13
N SER E 159 -11.83 -6.47 13.16
CA SER E 159 -12.80 -7.17 13.99
C SER E 159 -12.97 -8.62 13.59
N GLU E 160 -12.65 -8.98 12.34
CA GLU E 160 -12.83 -10.34 11.85
C GLU E 160 -11.53 -11.10 11.68
N ASN E 161 -10.39 -10.43 11.54
CA ASN E 161 -9.10 -11.07 11.34
C ASN E 161 -8.12 -10.52 12.37
N PRO E 162 -8.18 -10.99 13.62
CA PRO E 162 -7.27 -10.47 14.64
C PRO E 162 -5.81 -10.71 14.36
N GLU E 163 -5.47 -11.69 13.52
CA GLU E 163 -4.07 -11.94 13.19
C GLU E 163 -3.43 -10.79 12.43
N ALA E 164 -4.25 -9.92 11.82
CA ALA E 164 -3.71 -8.74 11.16
C ALA E 164 -2.98 -7.84 12.15
N ILE E 165 -3.42 -7.82 13.41
CA ILE E 165 -2.71 -7.04 14.42
C ILE E 165 -1.29 -7.57 14.59
N ASP E 166 -1.16 -8.90 14.69
CA ASP E 166 0.17 -9.49 14.83
C ASP E 166 1.01 -9.24 13.58
N GLN E 167 0.40 -9.34 12.40
CA GLN E 167 1.13 -9.07 11.17
C GLN E 167 1.66 -7.64 11.15
N LEU E 168 0.82 -6.68 11.49
CA LEU E 168 1.23 -5.28 11.49
C LEU E 168 2.32 -5.03 12.52
N ASN E 169 2.17 -5.60 13.72
CA ASN E 169 3.20 -5.41 14.74
C ASN E 169 4.52 -6.03 14.33
N GLN E 170 4.49 -7.21 13.71
CA GLN E 170 5.72 -7.83 13.23
C GLN E 170 6.31 -7.10 12.05
N GLY E 171 5.51 -6.33 11.32
CA GLY E 171 5.99 -5.62 10.15
C GLY E 171 6.85 -4.40 10.47
N SER E 172 7.46 -4.40 11.65
CA SER E 172 8.31 -3.29 12.08
C SER E 172 9.62 -3.20 11.31
N GLU E 173 9.94 -4.20 10.49
CA GLU E 173 11.21 -4.19 9.76
C GLU E 173 11.29 -3.02 8.79
N ASP E 174 10.15 -2.52 8.32
CA ASP E 174 10.13 -1.38 7.40
C ASP E 174 9.11 -0.37 7.89
N PRO E 175 9.53 0.74 8.51
CA PRO E 175 8.58 1.78 8.90
C PRO E 175 7.93 2.41 7.68
N LEU E 176 6.69 2.84 7.85
CA LEU E 176 5.92 3.48 6.79
C LEU E 176 5.83 4.97 7.05
N LYS E 177 5.87 5.75 5.98
CA LYS E 177 5.92 7.21 6.12
C LYS E 177 4.66 7.76 6.78
N ARG E 178 3.50 7.15 6.53
CA ARG E 178 2.26 7.67 7.09
C ARG E 178 1.67 6.69 8.08
N PRO E 179 0.91 7.16 9.07
CA PRO E 179 0.45 6.28 10.14
C PRO E 179 -0.52 5.21 9.64
N VAL E 180 -0.47 4.07 10.31
CA VAL E 180 -1.38 2.95 10.07
C VAL E 180 -2.09 2.67 11.39
N VAL E 181 -3.41 2.70 11.37
CA VAL E 181 -4.21 2.48 12.57
C VAL E 181 -5.12 1.29 12.33
N TYR E 182 -5.45 0.58 13.40
CA TYR E 182 -6.45 -0.48 13.34
C TYR E 182 -7.46 -0.31 14.46
N VAL E 183 -8.71 -0.62 14.16
CA VAL E 183 -9.82 -0.43 15.08
C VAL E 183 -10.63 -1.71 15.15
N LYS E 184 -11.00 -2.11 16.36
CA LYS E 184 -11.74 -3.36 16.57
C LYS E 184 -12.76 -3.16 17.68
N GLY E 185 -13.95 -3.74 17.49
CA GLY E 185 -14.98 -3.70 18.51
C GLY E 185 -16.08 -2.70 18.26
N ALA E 186 -16.60 -2.10 19.35
CA ALA E 186 -17.71 -1.18 19.24
C ALA E 186 -17.34 0.06 18.43
N ASP E 187 -16.14 0.58 18.62
CA ASP E 187 -15.69 1.73 17.85
C ASP E 187 -15.58 1.38 16.36
N ALA E 188 -15.10 0.16 16.05
CA ALA E 188 -15.06 -0.27 14.67
C ALA E 188 -16.45 -0.37 14.07
N ILE E 189 -17.41 -0.88 14.85
CA ILE E 189 -18.80 -0.96 14.38
C ILE E 189 -19.34 0.45 14.12
N LYS E 190 -19.04 1.38 15.01
CA LYS E 190 -19.46 2.77 14.80
C LYS E 190 -18.85 3.35 13.53
N LEU E 191 -17.57 3.09 13.30
CA LEU E 191 -16.91 3.60 12.10
C LEU E 191 -17.55 3.03 10.84
N MET E 192 -17.82 1.72 10.84
CA MET E 192 -18.45 1.11 9.66
C MET E 192 -19.86 1.62 9.46
N ASN E 193 -20.61 1.85 10.54
CA ASN E 193 -21.95 2.39 10.42
C ASN E 193 -21.91 3.79 9.83
N ILE E 194 -20.96 4.62 10.28
CA ILE E 194 -20.85 5.97 9.74
C ILE E 194 -20.48 5.91 8.26
N VAL E 195 -19.57 5.01 7.89
CA VAL E 195 -19.20 4.86 6.48
C VAL E 195 -20.41 4.46 5.65
N ASN E 196 -21.20 3.51 6.13
CA ASN E 196 -22.36 3.05 5.37
C ASN E 196 -23.42 4.13 5.26
N LYS E 197 -23.66 4.89 6.34
CA LYS E 197 -24.76 5.84 6.35
C LYS E 197 -24.39 7.15 5.66
N GLN E 198 -23.37 7.83 6.17
CA GLN E 198 -23.04 9.15 5.65
C GLN E 198 -22.45 9.07 4.25
N LYS E 199 -22.54 10.19 3.53
CA LYS E 199 -22.01 10.29 2.18
C LYS E 199 -20.69 11.04 2.10
N VAL E 200 -20.38 11.88 3.08
CA VAL E 200 -19.10 12.58 3.17
C VAL E 200 -18.80 12.83 4.63
N ALA E 201 -17.55 12.61 5.03
CA ALA E 201 -17.16 12.83 6.41
C ALA E 201 -15.64 12.89 6.57
N ARG E 202 -15.14 13.97 7.14
CA ARG E 202 -13.71 14.08 7.41
C ARG E 202 -13.30 13.12 8.52
N ALA E 203 -12.07 12.65 8.45
CA ALA E 203 -11.48 11.84 9.51
C ALA E 203 -10.16 12.50 9.91
N ARG E 204 -9.99 12.70 11.21
CA ARG E 204 -8.84 13.38 11.76
C ARG E 204 -8.19 12.48 12.79
N ILE E 205 -6.88 12.30 12.68
CA ILE E 205 -6.13 11.44 13.59
C ILE E 205 -5.19 12.30 14.41
N GLN E 206 -5.29 12.19 15.73
CA GLN E 206 -4.45 12.98 16.63
C GLN E 206 -3.78 12.06 17.64
N HIS E 207 -2.58 12.45 18.05
CA HIS E 207 -1.76 11.63 18.95
C HIS E 207 -2.38 11.57 20.35
N LYS F 1 -27.76 -11.37 -6.34
CA LYS F 1 -26.37 -11.51 -5.92
C LYS F 1 -25.67 -12.64 -6.66
N GLY F 2 -26.00 -13.87 -6.31
CA GLY F 2 -25.35 -15.02 -6.90
C GLY F 2 -23.88 -15.12 -6.56
N CYS F 3 -23.51 -14.79 -5.33
CA CYS F 3 -22.12 -14.82 -4.87
C CYS F 3 -22.00 -15.83 -3.72
N LEU F 4 -20.83 -15.84 -3.08
CA LEU F 4 -20.54 -16.81 -2.05
C LEU F 4 -20.47 -16.23 -0.64
N SER F 5 -19.74 -15.13 -0.44
CA SER F 5 -19.54 -14.61 0.91
C SER F 5 -20.61 -13.59 1.30
N CYS F 6 -20.66 -12.47 0.58
CA CYS F 6 -21.69 -11.43 0.75
C CYS F 6 -21.78 -10.96 2.20
N SER F 7 -20.69 -10.35 2.65
CA SER F 7 -20.70 -9.68 3.94
C SER F 7 -21.59 -8.44 3.89
N LYS F 8 -21.99 -7.98 5.07
CA LYS F 8 -23.01 -6.93 5.14
C LYS F 8 -22.53 -5.63 4.54
N ASP F 9 -21.36 -5.15 4.96
CA ASP F 9 -20.86 -3.84 4.55
C ASP F 9 -19.72 -3.88 3.56
N ASN F 10 -18.95 -4.96 3.53
CA ASN F 10 -17.82 -5.08 2.63
C ASN F 10 -18.21 -5.60 1.25
N GLY F 11 -19.47 -5.95 1.05
CA GLY F 11 -19.93 -6.46 -0.22
C GLY F 11 -19.57 -7.91 -0.42
N CYS F 12 -20.08 -8.48 -1.51
CA CYS F 12 -19.86 -9.89 -1.83
C CYS F 12 -18.45 -10.05 -2.40
N SER F 13 -17.56 -10.67 -1.63
CA SER F 13 -16.16 -10.78 -2.03
C SER F 13 -15.95 -11.89 -3.06
N ARG F 14 -16.24 -13.13 -2.67
CA ARG F 14 -16.04 -14.27 -3.55
C ARG F 14 -17.30 -14.53 -4.35
N CYS F 15 -17.19 -14.53 -5.67
CA CYS F 15 -18.33 -14.66 -6.55
C CYS F 15 -18.53 -16.13 -6.96
N GLN F 16 -19.44 -16.35 -7.91
CA GLN F 16 -19.75 -17.70 -8.36
C GLN F 16 -18.63 -18.25 -9.22
N GLN F 17 -18.84 -19.45 -9.76
CA GLN F 17 -17.80 -20.11 -10.54
C GLN F 17 -17.66 -19.51 -11.93
N LYS F 18 -18.74 -18.98 -12.51
CA LYS F 18 -18.72 -18.49 -13.89
C LYS F 18 -19.22 -17.06 -13.98
N LEU F 19 -18.91 -16.23 -12.99
CA LEU F 19 -19.36 -14.85 -12.98
C LEU F 19 -18.16 -13.90 -12.87
N PHE F 20 -18.43 -12.63 -13.12
CA PHE F 20 -17.42 -11.58 -13.05
C PHE F 20 -17.56 -10.81 -11.75
N PHE F 21 -16.42 -10.39 -11.20
CA PHE F 21 -16.37 -9.60 -9.97
C PHE F 21 -16.15 -8.14 -10.34
N PHE F 22 -17.01 -7.26 -9.82
CA PHE F 22 -16.98 -5.85 -10.15
C PHE F 22 -17.13 -5.03 -8.87
N LEU F 23 -16.27 -4.03 -8.70
CA LEU F 23 -16.22 -3.23 -7.48
C LEU F 23 -16.95 -1.91 -7.72
N ARG F 24 -18.22 -1.87 -7.35
CA ARG F 24 -18.98 -0.64 -7.44
C ARG F 24 -18.55 0.32 -6.33
N ARG F 25 -18.58 1.61 -6.63
CA ARG F 25 -18.23 2.64 -5.67
C ARG F 25 -19.35 3.67 -5.60
N GLU F 26 -19.80 3.97 -4.39
CA GLU F 26 -20.80 5.00 -4.16
C GLU F 26 -20.38 5.85 -2.98
N GLY F 27 -20.30 7.17 -3.20
CA GLY F 27 -19.90 8.08 -2.15
C GLY F 27 -18.54 7.72 -1.55
N MET F 28 -18.54 7.30 -0.28
CA MET F 28 -17.31 6.89 0.38
C MET F 28 -17.10 5.38 0.36
N ARG F 29 -18.13 4.60 0.08
CA ARG F 29 -18.05 3.16 0.20
C ARG F 29 -17.79 2.50 -1.14
N GLN F 30 -17.17 1.32 -1.09
CA GLN F 30 -16.85 0.54 -2.28
C GLN F 30 -17.12 -0.92 -1.96
N TYR F 31 -18.05 -1.53 -2.69
CA TYR F 31 -18.46 -2.90 -2.44
C TYR F 31 -18.48 -3.69 -3.73
N GLY F 32 -18.16 -4.98 -3.62
CA GLY F 32 -18.14 -5.84 -4.77
C GLY F 32 -19.49 -6.45 -5.11
N GLU F 33 -19.60 -6.96 -6.32
CA GLU F 33 -20.80 -7.62 -6.78
C GLU F 33 -20.45 -8.56 -7.92
N CYS F 34 -21.35 -9.51 -8.16
CA CYS F 34 -21.13 -10.55 -9.17
C CYS F 34 -22.09 -10.32 -10.32
N LEU F 35 -21.53 -10.22 -11.53
CA LEU F 35 -22.30 -9.91 -12.73
C LEU F 35 -22.04 -10.96 -13.79
N HIS F 36 -23.10 -11.35 -14.51
CA HIS F 36 -22.93 -12.25 -15.64
C HIS F 36 -22.11 -11.59 -16.74
N SER F 37 -22.34 -10.30 -16.99
CA SER F 37 -21.63 -9.54 -17.99
C SER F 37 -21.18 -8.21 -17.40
N CYS F 38 -20.08 -7.68 -17.95
CA CYS F 38 -19.57 -6.40 -17.51
C CYS F 38 -20.57 -5.29 -17.87
N PRO F 39 -20.60 -4.22 -17.09
CA PRO F 39 -21.43 -3.06 -17.46
C PRO F 39 -20.80 -2.27 -18.59
N SER F 40 -21.44 -1.15 -18.95
CA SER F 40 -20.92 -0.32 -20.03
C SER F 40 -19.58 0.29 -19.64
N GLY F 41 -18.66 0.36 -20.61
CA GLY F 41 -17.35 0.91 -20.35
C GLY F 41 -16.39 0.00 -19.64
N TYR F 42 -16.68 -1.30 -19.59
CA TYR F 42 -15.84 -2.25 -18.88
C TYR F 42 -15.69 -3.51 -19.71
N TYR F 43 -14.58 -4.22 -19.49
CA TYR F 43 -14.31 -5.47 -20.17
C TYR F 43 -13.98 -6.56 -19.16
N GLY F 44 -14.45 -7.77 -19.44
CA GLY F 44 -14.26 -8.88 -18.53
C GLY F 44 -13.05 -9.73 -18.84
N HIS F 45 -12.15 -9.85 -17.87
CA HIS F 45 -10.99 -10.72 -17.99
C HIS F 45 -11.26 -11.99 -17.18
N ARG F 46 -11.34 -13.12 -17.87
CA ARG F 46 -11.66 -14.39 -17.24
C ARG F 46 -10.39 -15.09 -16.81
N ALA F 47 -10.31 -15.43 -15.53
CA ALA F 47 -9.19 -16.16 -14.95
C ALA F 47 -9.71 -17.36 -14.18
N PRO F 48 -8.91 -18.42 -14.06
CA PRO F 48 -9.38 -19.61 -13.36
C PRO F 48 -9.75 -19.36 -11.90
N ASP F 49 -9.06 -18.44 -11.22
CA ASP F 49 -9.33 -18.20 -9.81
C ASP F 49 -10.52 -17.27 -9.61
N MET F 50 -10.51 -16.10 -10.26
CA MET F 50 -11.59 -15.14 -10.11
C MET F 50 -11.65 -14.28 -11.35
N ASN F 51 -12.73 -14.42 -12.13
CA ASN F 51 -12.92 -13.56 -13.29
C ASN F 51 -13.23 -12.14 -12.83
N ARG F 52 -12.49 -11.16 -13.34
CA ARG F 52 -12.65 -9.78 -12.93
C ARG F 52 -13.23 -8.94 -14.05
N CYS F 53 -13.82 -7.81 -13.69
CA CYS F 53 -14.32 -6.85 -14.67
C CYS F 53 -13.52 -5.56 -14.52
N ALA F 54 -12.70 -5.24 -15.51
CA ALA F 54 -11.82 -4.09 -15.47
C ALA F 54 -12.33 -2.95 -16.33
N ARG F 55 -11.75 -1.77 -16.13
CA ARG F 55 -12.19 -0.55 -16.79
C ARG F 55 -11.46 -0.34 -18.11
N CYS F 56 -12.19 0.16 -19.10
CA CYS F 56 -11.60 0.46 -20.40
C CYS F 56 -10.61 1.61 -20.29
N ARG F 57 -9.56 1.54 -21.10
CA ARG F 57 -8.56 2.61 -21.15
C ARG F 57 -8.45 3.26 -22.52
N ILE F 58 -8.98 2.65 -23.58
CA ILE F 58 -8.97 3.29 -24.89
C ILE F 58 -9.83 4.53 -24.84
N GLU F 59 -9.29 5.65 -25.31
CA GLU F 59 -9.97 6.93 -25.22
C GLU F 59 -11.19 6.96 -26.15
N ASN F 60 -12.17 7.77 -25.76
CA ASN F 60 -13.39 8.00 -26.53
C ASN F 60 -14.21 6.73 -26.73
N CYS F 61 -14.04 5.73 -25.87
CA CYS F 61 -14.70 4.45 -26.02
C CYS F 61 -15.81 4.28 -25.00
N ASP F 62 -16.95 3.78 -25.47
CA ASP F 62 -18.10 3.53 -24.61
C ASP F 62 -18.22 2.07 -24.19
N SER F 63 -17.76 1.14 -25.03
CA SER F 63 -17.76 -0.27 -24.69
C SER F 63 -16.62 -0.94 -25.44
N CYS F 64 -15.82 -1.73 -24.74
CA CYS F 64 -14.59 -2.28 -25.30
C CYS F 64 -14.61 -3.80 -25.27
N PHE F 65 -14.05 -4.40 -26.31
CA PHE F 65 -13.85 -5.85 -26.33
C PHE F 65 -12.76 -6.26 -25.36
N SER F 66 -11.66 -5.53 -25.34
CA SER F 66 -10.51 -5.84 -24.49
C SER F 66 -9.85 -4.53 -24.10
N LYS F 67 -8.60 -4.62 -23.64
CA LYS F 67 -7.90 -3.42 -23.20
C LYS F 67 -7.69 -2.44 -24.35
N ASP F 68 -7.37 -2.94 -25.53
CA ASP F 68 -7.04 -2.11 -26.68
C ASP F 68 -7.92 -2.45 -27.88
N PHE F 69 -9.22 -2.54 -27.65
CA PHE F 69 -10.16 -2.80 -28.75
C PHE F 69 -11.54 -2.33 -28.32
N CYS F 70 -12.09 -1.35 -29.02
CA CYS F 70 -13.37 -0.75 -28.68
C CYS F 70 -14.46 -1.30 -29.60
N THR F 71 -15.43 -2.00 -29.03
CA THR F 71 -16.49 -2.58 -29.83
C THR F 71 -17.39 -1.50 -30.43
N LYS F 72 -17.83 -0.55 -29.60
CA LYS F 72 -18.66 0.56 -30.04
C LYS F 72 -18.03 1.85 -29.56
N CYS F 73 -17.57 2.67 -30.51
CA CYS F 73 -16.97 3.95 -30.16
C CYS F 73 -18.05 4.95 -29.76
N LYS F 74 -17.61 6.16 -29.40
CA LYS F 74 -18.52 7.21 -28.96
C LYS F 74 -19.23 7.81 -30.17
N VAL F 75 -20.11 8.78 -29.90
CA VAL F 75 -20.93 9.37 -30.96
C VAL F 75 -20.08 10.16 -31.94
N GLY F 76 -19.05 10.85 -31.44
CA GLY F 76 -18.30 11.77 -32.27
C GLY F 76 -17.18 11.18 -33.10
N PHE F 77 -17.00 9.86 -33.09
CA PHE F 77 -15.89 9.24 -33.81
C PHE F 77 -16.38 7.96 -34.48
N TYR F 78 -15.57 7.45 -35.39
CA TYR F 78 -15.84 6.21 -36.11
C TYR F 78 -14.79 5.18 -35.74
N LEU F 79 -15.21 3.92 -35.63
CA LEU F 79 -14.30 2.83 -35.33
C LEU F 79 -13.78 2.24 -36.64
N HIS F 80 -12.47 2.36 -36.85
CA HIS F 80 -11.88 1.81 -38.07
C HIS F 80 -11.61 0.32 -37.92
N ARG F 81 -10.76 -0.05 -36.97
CA ARG F 81 -10.54 -1.45 -36.61
C ARG F 81 -10.93 -1.71 -35.17
N GLY F 82 -10.27 -1.06 -34.21
CA GLY F 82 -10.67 -1.14 -32.83
C GLY F 82 -10.51 0.18 -32.12
N ARG F 83 -10.07 1.19 -32.86
CA ARG F 83 -9.73 2.48 -32.29
C ARG F 83 -10.67 3.56 -32.83
N CYS F 84 -11.04 4.50 -31.97
CA CYS F 84 -11.83 5.65 -32.39
C CYS F 84 -10.97 6.58 -33.26
N PHE F 85 -11.60 7.12 -34.30
CA PHE F 85 -10.96 8.10 -35.17
C PHE F 85 -11.95 9.22 -35.46
N ASP F 86 -11.51 10.47 -35.31
CA ASP F 86 -12.35 11.59 -35.68
C ASP F 86 -12.47 11.72 -37.19
N GLU F 87 -11.43 11.30 -37.91
CA GLU F 87 -11.45 11.31 -39.38
C GLU F 87 -10.58 10.16 -39.85
N CYS F 88 -11.22 9.04 -40.20
CA CYS F 88 -10.47 7.87 -40.62
C CYS F 88 -9.80 8.10 -41.97
N PRO F 89 -8.62 7.52 -42.19
CA PRO F 89 -7.90 7.64 -43.46
C PRO F 89 -8.48 6.75 -44.55
N GLY F 91 -9.15 6.36 -47.64
CA GLY F 91 -9.15 4.93 -47.44
C GLY F 91 -10.55 4.33 -47.45
N PHE F 92 -11.41 4.83 -46.56
CA PHE F 92 -12.77 4.34 -46.45
C PHE F 92 -13.70 5.51 -46.14
N ALA F 93 -14.97 5.34 -46.48
CA ALA F 93 -15.96 6.37 -46.21
C ALA F 93 -16.17 6.50 -44.70
N PRO F 94 -16.06 7.71 -44.15
CA PRO F 94 -16.07 7.85 -42.68
C PRO F 94 -17.37 7.47 -42.00
N LEU F 95 -18.49 8.04 -42.44
CA LEU F 95 -19.74 7.91 -41.68
C LEU F 95 -20.57 6.72 -42.15
N ASP F 96 -20.98 6.71 -43.42
CA ASP F 96 -21.84 5.67 -43.99
C ASP F 96 -23.16 5.57 -43.23
N GLU F 97 -23.57 6.65 -42.57
CA GLU F 97 -24.81 6.73 -41.80
C GLU F 97 -24.92 5.66 -40.72
N THR F 98 -23.80 5.03 -40.36
CA THR F 98 -23.78 3.99 -39.35
C THR F 98 -22.68 4.20 -38.32
N MET F 99 -22.00 5.35 -38.35
CA MET F 99 -20.89 5.66 -37.45
C MET F 99 -19.77 4.63 -37.57
N GLU F 100 -19.60 4.06 -38.76
CA GLU F 100 -18.56 3.09 -39.03
C GLU F 100 -17.80 3.48 -40.29
N CYS F 101 -16.50 3.22 -40.29
CA CYS F 101 -15.64 3.56 -41.41
C CYS F 101 -14.90 2.33 -41.93
#